data_8ZR4
#
_entry.id   8ZR4
#
_cell.length_a   1.00
_cell.length_b   1.00
_cell.length_c   1.00
_cell.angle_alpha   90.00
_cell.angle_beta   90.00
_cell.angle_gamma   90.00
#
_symmetry.space_group_name_H-M   'P 1'
#
loop_
_entity.id
_entity.type
_entity.pdbx_description
1 polymer 4N2C402_Fab_H
2 polymer 4N2C402_Fab_L
3 polymer Neuraminidase
4 branched alpha-D-mannopyranose-(1-3)-[alpha-D-mannopyranose-(1-6)]beta-D-mannopyranose-(1-4)-2-acetamido-2-deoxy-beta-D-glucopyranose-(1-4)-2-acetamido-2-deoxy-beta-D-glucopyranose
5 non-polymer 2-acetamido-2-deoxy-beta-D-glucopyranose
6 non-polymer 'CALCIUM ION'
7 water water
#
loop_
_entity_poly.entity_id
_entity_poly.type
_entity_poly.pdbx_seq_one_letter_code
_entity_poly.pdbx_strand_id
1 'polypeptide(L)'
;QGRLQESGGGVVQPRRSLTLSCAASGFTLETYTMHWVRQTPGKGLEWVAVSSKDGNNVYYRDSVKGRFTVSRDNSKNTLF
LQMNHLRAEDTALYYCARGSDPDYDKGWGAYRNTDRPSYDGLDVWGQGTTVTVSS
;
A,F,I,L
2 'polypeptide(L)'
;DIVMTQSPLFLSVTPGESASISCRSSQSLLHSNGYNYLDWYLQKPGQSPQLLIYWGSNRASGVSDRFSGRGSGTDFTLTI
YNVEAEDVGVYYCMQALQTPPWTFGQGTKVDIK
;
B,G,J,M
3 'polypeptide(L)'
;ICPKPAEYRNWSKPQCGITGFAPFSKDNSIRLSAGGDIWVTREPYVSCDPDKCYQFALGQGTTINNVHSNNTARDRTPHR
TLLMNELGVPFHLGTKQVCIAWSSSSCHDGKAWLHVCITGDDKNATASFIYNGRLVDSVVSWSKDILRTQESECVCINGT
CTVVMTDGNATGKADTKILFIEEGKIVHTSKLSGSAQHVEECSCYPRYPGVRCVCRDNWKGSNRPIVDINIKDHSIVSSY
VCSGLVGDTPRKTDSSSSSHCLNPNNEKGGHGVKGWAFDDGNDVWMGRTINETSRLGYETFKVVEGWSNPKSKLQINRQV
IVDRGDRSGYSGIFSVEGKSCINRCFYVELIRGRKEETEVLWTSNSIVVFCGTSGTYGTGSWPDGADLNLMHI
;
D,H,K,N
#
# COMPACT_ATOMS: atom_id res chain seq x y z
N GLY A 2 -7.46 -30.88 -42.92
CA GLY A 2 -7.16 -32.29 -42.56
C GLY A 2 -8.40 -33.17 -42.61
N ARG A 3 -8.24 -34.37 -43.14
CA ARG A 3 -9.34 -35.30 -43.28
C ARG A 3 -8.82 -36.73 -43.13
N LEU A 4 -9.62 -37.58 -42.47
CA LEU A 4 -9.30 -38.98 -42.30
C LEU A 4 -10.39 -39.83 -42.94
N GLN A 5 -10.00 -40.96 -43.51
CA GLN A 5 -10.90 -41.84 -44.25
C GLN A 5 -10.56 -43.28 -43.90
N GLU A 6 -11.35 -43.88 -43.00
CA GLU A 6 -11.15 -45.27 -42.65
C GLU A 6 -11.59 -46.18 -43.80
N SER A 7 -11.09 -47.42 -43.77
CA SER A 7 -11.45 -48.40 -44.78
C SER A 7 -11.08 -49.78 -44.26
N GLY A 8 -11.53 -50.81 -44.97
CA GLY A 8 -11.29 -52.18 -44.60
C GLY A 8 -12.36 -52.79 -43.73
N GLY A 9 -13.33 -52.02 -43.27
CA GLY A 9 -14.41 -52.57 -42.47
C GLY A 9 -15.35 -53.42 -43.32
N GLY A 10 -16.00 -54.37 -42.66
CA GLY A 10 -16.91 -55.26 -43.35
C GLY A 10 -17.34 -56.39 -42.45
N VAL A 11 -17.97 -57.38 -43.07
CA VAL A 11 -18.44 -58.56 -42.34
C VAL A 11 -17.28 -59.52 -42.16
N VAL A 12 -17.03 -59.92 -40.92
CA VAL A 12 -15.98 -60.86 -40.58
C VAL A 12 -16.57 -61.93 -39.67
N GLN A 13 -16.05 -63.14 -39.78
CA GLN A 13 -16.61 -64.21 -38.99
C GLN A 13 -15.93 -64.27 -37.62
N PRO A 14 -16.65 -64.69 -36.57
CA PRO A 14 -16.05 -64.76 -35.23
C PRO A 14 -14.78 -65.61 -35.20
N ARG A 16 -11.81 -64.85 -36.84
CA ARG A 16 -11.05 -64.43 -38.01
C ARG A 16 -10.39 -63.08 -37.75
N SER A 17 -9.66 -62.58 -38.75
CA SER A 17 -8.91 -61.34 -38.63
C SER A 17 -9.38 -60.34 -39.68
N LEU A 18 -9.14 -59.06 -39.39
CA LEU A 18 -9.51 -57.98 -40.29
C LEU A 18 -8.56 -56.83 -40.09
N THR A 19 -8.19 -56.17 -41.18
CA THR A 19 -7.25 -55.04 -41.16
C THR A 19 -8.01 -53.77 -41.50
N LEU A 20 -8.06 -52.84 -40.56
CA LEU A 20 -8.65 -51.53 -40.79
C LEU A 20 -7.55 -50.55 -41.14
N SER A 21 -7.78 -49.75 -42.18
CA SER A 21 -6.82 -48.74 -42.63
C SER A 21 -7.48 -47.38 -42.56
N CYS A 22 -6.69 -46.38 -42.14
CA CYS A 22 -7.16 -45.00 -42.02
C CYS A 22 -6.18 -44.11 -42.77
N ALA A 23 -6.64 -43.53 -43.88
CA ALA A 23 -5.81 -42.69 -44.74
C ALA A 23 -6.03 -41.23 -44.40
N ALA A 24 -4.93 -40.50 -44.22
CA ALA A 24 -4.97 -39.08 -43.90
C ALA A 24 -4.73 -38.26 -45.15
N SER A 25 -5.54 -37.22 -45.34
CA SER A 25 -5.38 -36.29 -46.45
C SER A 25 -5.49 -34.87 -45.92
N GLY A 26 -4.68 -33.98 -46.49
CA GLY A 26 -4.62 -32.60 -46.04
C GLY A 26 -3.64 -32.35 -44.93
N PHE A 27 -3.01 -33.38 -44.39
CA PHE A 27 -2.01 -33.22 -43.34
C PHE A 27 -1.13 -34.46 -43.32
N THR A 28 0.01 -34.35 -42.64
CA THR A 28 0.96 -35.44 -42.53
C THR A 28 0.68 -36.24 -41.27
N LEU A 29 0.50 -37.56 -41.44
CA LEU A 29 0.20 -38.41 -40.30
C LEU A 29 1.31 -38.37 -39.26
N GLU A 30 2.56 -38.18 -39.69
CA GLU A 30 3.68 -38.13 -38.76
C GLU A 30 3.52 -37.01 -37.74
N THR A 31 2.72 -35.99 -38.05
CA THR A 31 2.58 -34.85 -37.17
C THR A 31 1.72 -35.13 -35.94
N TYR A 32 0.93 -36.20 -35.95
CA TYR A 32 -0.13 -36.39 -34.98
C TYR A 32 -0.09 -37.77 -34.36
N THR A 33 -0.30 -37.83 -33.05
CA THR A 33 -0.75 -39.05 -32.42
C THR A 33 -2.07 -39.48 -33.05
N MET A 34 -2.20 -40.77 -33.33
CA MET A 34 -3.37 -41.32 -34.00
C MET A 34 -4.04 -42.33 -33.09
N HIS A 35 -5.37 -42.23 -32.96
CA HIS A 35 -6.16 -43.12 -32.14
C HIS A 35 -7.16 -43.88 -33.00
N TRP A 36 -7.55 -45.05 -32.51
CA TRP A 36 -8.71 -45.78 -33.02
C TRP A 36 -9.78 -45.75 -31.94
N VAL A 37 -10.96 -45.23 -32.28
CA VAL A 37 -12.08 -45.13 -31.35
C VAL A 37 -13.28 -45.81 -32.01
N ARG A 38 -13.89 -46.76 -31.30
CA ARG A 38 -15.00 -47.51 -31.82
C ARG A 38 -16.27 -47.17 -31.06
N GLN A 39 -17.40 -47.24 -31.77
CA GLN A 39 -18.71 -46.92 -31.21
C GLN A 39 -19.62 -48.11 -31.48
N THR A 40 -20.11 -48.75 -30.41
CA THR A 40 -20.99 -49.90 -30.53
C THR A 40 -22.43 -49.45 -30.67
N GLY A 44 -21.87 -46.03 -26.90
CA GLY A 44 -21.10 -44.80 -26.85
C GLY A 44 -19.71 -44.96 -27.45
N LEU A 45 -18.83 -44.02 -27.16
CA LEU A 45 -17.47 -44.05 -27.69
C LEU A 45 -16.57 -44.86 -26.77
N GLU A 46 -15.69 -45.64 -27.39
CA GLU A 46 -14.79 -46.54 -26.66
C GLU A 46 -13.42 -46.47 -27.32
N TRP A 47 -12.44 -45.88 -26.62
CA TRP A 47 -11.08 -45.86 -27.14
C TRP A 47 -10.55 -47.26 -27.30
N VAL A 48 -9.90 -47.52 -28.43
CA VAL A 48 -9.38 -48.85 -28.76
C VAL A 48 -7.86 -48.89 -28.65
N ALA A 49 -7.17 -48.06 -29.45
CA ALA A 49 -5.71 -48.10 -29.48
C ALA A 49 -5.20 -46.77 -30.00
N VAL A 50 -3.91 -46.52 -29.76
CA VAL A 50 -3.25 -45.28 -30.17
C VAL A 50 -1.90 -45.63 -30.76
N SER A 51 -1.46 -44.82 -31.72
CA SER A 51 -0.16 -44.98 -32.35
C SER A 51 0.61 -43.68 -32.22
N SER A 52 1.86 -43.77 -31.77
CA SER A 52 2.68 -42.58 -31.59
C SER A 52 3.02 -41.95 -32.93
N LYS A 53 3.47 -40.69 -32.87
CA LYS A 53 3.77 -39.95 -34.09
C LYS A 53 4.80 -40.68 -34.93
N ASP A 54 5.87 -41.15 -34.30
CA ASP A 54 6.93 -41.85 -35.04
C ASP A 54 6.56 -43.27 -35.40
N GLY A 55 5.44 -43.79 -34.89
CA GLY A 55 5.03 -45.14 -35.21
C GLY A 55 5.78 -46.21 -34.46
N ASN A 56 6.49 -45.86 -33.40
CA ASN A 56 7.28 -46.82 -32.65
C ASN A 56 6.68 -47.19 -31.30
N ASN A 57 5.62 -46.49 -30.87
CA ASN A 57 4.99 -46.75 -29.58
C ASN A 57 3.49 -46.85 -29.76
N VAL A 58 2.87 -47.71 -28.95
CA VAL A 58 1.43 -47.95 -29.02
C VAL A 58 0.90 -48.20 -27.63
N TYR A 59 -0.38 -47.88 -27.43
CA TYR A 59 -1.15 -48.33 -26.29
C TYR A 59 -2.42 -48.99 -26.80
N TYR A 60 -2.93 -49.95 -26.04
CA TYR A 60 -4.12 -50.68 -26.42
C TYR A 60 -5.12 -50.68 -25.27
N ARG A 61 -6.40 -50.70 -25.64
CA ARG A 61 -7.44 -51.01 -24.66
C ARG A 61 -7.19 -52.40 -24.11
N ASP A 62 -7.49 -52.58 -22.82
CA ASP A 62 -7.19 -53.86 -22.18
C ASP A 62 -7.90 -55.02 -22.89
N SER A 63 -9.16 -54.83 -23.25
CA SER A 63 -9.95 -55.89 -23.86
C SER A 63 -9.44 -56.31 -25.25
N VAL A 64 -8.60 -55.50 -25.88
CA VAL A 64 -8.04 -55.81 -27.19
C VAL A 64 -6.57 -56.13 -27.15
N LYS A 65 -5.92 -56.01 -25.99
CA LYS A 65 -4.50 -56.32 -25.89
C LYS A 65 -4.25 -57.77 -26.29
N GLY A 66 -3.23 -57.97 -27.11
CA GLY A 66 -2.90 -59.30 -27.62
C GLY A 66 -3.70 -59.73 -28.82
N ARG A 67 -4.77 -59.00 -29.16
CA ARG A 67 -5.59 -59.30 -30.32
C ARG A 67 -5.46 -58.25 -31.42
N PHE A 68 -5.51 -56.97 -31.05
CA PHE A 68 -5.41 -55.88 -32.00
C PHE A 68 -3.97 -55.37 -32.04
N THR A 69 -3.49 -55.09 -33.24
CA THR A 69 -2.19 -54.46 -33.43
C THR A 69 -2.39 -53.19 -34.24
N VAL A 70 -1.97 -52.05 -33.68
CA VAL A 70 -2.09 -50.76 -34.34
C VAL A 70 -0.72 -50.37 -34.86
N SER A 71 -0.67 -50.00 -36.14
CA SER A 71 0.57 -49.57 -36.77
C SER A 71 0.26 -48.43 -37.73
N ARG A 72 1.33 -47.84 -38.27
CA ARG A 72 1.18 -46.74 -39.21
C ARG A 72 2.33 -46.78 -40.21
N ASP A 73 2.13 -46.09 -41.33
CA ASP A 73 3.19 -45.84 -42.31
C ASP A 73 3.10 -44.35 -42.62
N ASN A 74 3.94 -43.55 -41.93
CA ASN A 74 3.88 -42.11 -42.10
C ASN A 74 4.17 -41.70 -43.54
N SER A 75 4.95 -42.51 -44.26
CA SER A 75 5.18 -42.23 -45.67
C SER A 75 3.88 -42.29 -46.47
N LYS A 76 3.04 -43.28 -46.19
CA LYS A 76 1.77 -43.43 -46.87
C LYS A 76 0.64 -42.65 -46.23
N ASN A 77 0.89 -41.97 -45.11
CA ASN A 77 -0.15 -41.23 -44.40
C ASN A 77 -1.33 -42.15 -44.06
N THR A 78 -1.01 -43.38 -43.67
CA THR A 78 -2.03 -44.39 -43.42
C THR A 78 -1.83 -44.97 -42.03
N LEU A 79 -2.92 -45.05 -41.27
CA LEU A 79 -2.94 -45.71 -39.97
C LEU A 79 -3.64 -47.05 -40.11
N PHE A 80 -3.10 -48.06 -39.43
CA PHE A 80 -3.60 -49.43 -39.53
C PHE A 80 -4.02 -49.95 -38.15
N LEU A 81 -5.04 -50.79 -38.15
CA LEU A 81 -5.43 -51.57 -36.98
C LEU A 81 -5.61 -53.02 -37.41
N GLN A 82 -4.62 -53.85 -37.14
CA GLN A 82 -4.70 -55.28 -37.44
C GLN A 82 -5.52 -55.96 -36.35
N MET A 83 -6.71 -56.41 -36.70
CA MET A 83 -7.63 -57.04 -35.77
C MET A 83 -7.55 -58.55 -35.94
N ASN A 84 -7.25 -59.25 -34.85
CA ASN A 84 -7.16 -60.70 -34.86
C ASN A 84 -8.03 -61.28 -33.76
N HIS A 85 -8.52 -62.50 -33.98
CA HIS A 85 -9.38 -63.18 -33.02
C HIS A 85 -10.60 -62.33 -32.66
N LEU A 86 -11.31 -61.90 -33.70
CA LEU A 86 -12.44 -60.99 -33.52
C LEU A 86 -13.60 -61.73 -32.87
N ARG A 87 -14.14 -61.16 -31.80
CA ARG A 87 -15.23 -61.78 -31.06
C ARG A 87 -16.57 -61.13 -31.43
N ASP A 90 -16.43 -57.05 -30.69
CA ASP A 90 -15.68 -56.09 -31.48
C ASP A 90 -16.57 -55.39 -32.50
N THR A 91 -17.79 -55.88 -32.66
CA THR A 91 -18.75 -55.24 -33.57
C THR A 91 -18.96 -53.79 -33.15
N ALA A 92 -18.64 -52.87 -34.05
CA ALA A 92 -18.76 -51.45 -33.75
C ALA A 92 -18.40 -50.65 -34.99
N LEU A 93 -18.71 -49.35 -34.96
CA LEU A 93 -18.23 -48.40 -35.94
C LEU A 93 -16.89 -47.87 -35.46
N TYR A 94 -15.83 -48.12 -36.23
CA TYR A 94 -14.47 -47.80 -35.82
C TYR A 94 -14.05 -46.47 -36.44
N TYR A 95 -13.74 -45.50 -35.58
CA TYR A 95 -13.30 -44.18 -35.99
C TYR A 95 -11.79 -44.07 -35.86
N CYS A 96 -11.18 -43.32 -36.77
CA CYS A 96 -9.77 -42.97 -36.72
C CYS A 96 -9.67 -41.49 -36.43
N ALA A 97 -9.01 -41.14 -35.32
CA ALA A 97 -8.97 -39.76 -34.85
C ALA A 97 -7.53 -39.39 -34.48
N ARG A 98 -7.19 -38.13 -34.71
CA ARG A 98 -5.86 -37.61 -34.44
C ARG A 98 -5.88 -36.71 -33.22
N GLY A 99 -4.79 -36.73 -32.46
CA GLY A 99 -4.58 -35.82 -31.37
C GLY A 99 -4.57 -36.52 -30.03
N SER A 100 -4.69 -35.71 -28.97
CA SER A 100 -4.76 -36.20 -27.60
C SER A 100 -3.55 -37.07 -27.26
N ASP A 101 -2.38 -36.43 -27.27
CA ASP A 101 -1.15 -37.14 -26.95
C ASP A 101 -1.18 -37.64 -25.51
N PRO A 102 -0.58 -38.81 -25.23
CA PRO A 102 -0.42 -39.23 -23.84
C PRO A 102 0.66 -38.42 -23.14
N ASP A 103 0.95 -38.74 -21.89
CA ASP A 103 1.96 -38.01 -21.13
C ASP A 103 3.34 -38.57 -21.45
N TYR A 104 4.26 -37.68 -21.87
CA TYR A 104 5.60 -38.13 -22.20
C TYR A 104 6.28 -38.79 -21.02
N ASP A 105 5.92 -38.42 -19.80
CA ASP A 105 6.56 -38.99 -18.63
C ASP A 105 6.28 -40.49 -18.48
N LYS A 106 5.32 -41.03 -19.22
CA LYS A 106 5.02 -42.44 -19.22
C LYS A 106 5.64 -43.18 -20.39
N GLY A 107 6.53 -42.52 -21.14
CA GLY A 107 7.24 -43.18 -22.22
C GLY A 107 7.28 -42.39 -23.52
N TRP A 108 6.16 -41.77 -23.88
CA TRP A 108 6.10 -40.99 -25.11
C TRP A 108 4.88 -40.08 -25.06
N GLY A 109 4.93 -39.03 -25.88
CA GLY A 109 3.83 -38.09 -25.98
C GLY A 109 4.27 -36.67 -25.66
N ALA A 110 3.36 -35.93 -25.05
CA ALA A 110 3.58 -34.52 -24.75
C ALA A 110 4.28 -34.33 -23.43
N TYR A 111 5.10 -33.28 -23.35
CA TYR A 111 5.77 -32.89 -22.11
C TYR A 111 4.81 -32.02 -21.31
N ARG A 112 3.99 -32.66 -20.49
CA ARG A 112 2.99 -31.93 -19.72
C ARG A 112 3.61 -31.05 -18.65
N ASN A 113 4.83 -31.36 -18.21
CA ASN A 113 5.47 -30.63 -17.12
C ASN A 113 6.31 -29.46 -17.61
N THR A 114 6.35 -29.21 -18.92
CA THR A 114 7.06 -28.06 -19.43
C THR A 114 6.33 -26.77 -19.04
N ASP A 115 7.05 -25.65 -19.14
CA ASP A 115 6.47 -24.38 -18.70
C ASP A 115 5.26 -23.99 -19.55
N ARG A 116 5.31 -24.28 -20.85
CA ARG A 116 4.21 -23.98 -21.76
C ARG A 116 3.58 -25.27 -22.27
N PRO A 117 2.88 -26.01 -21.41
CA PRO A 117 2.24 -27.24 -21.88
C PRO A 117 1.16 -26.94 -22.90
N SER A 118 0.99 -27.87 -23.84
CA SER A 118 -0.03 -27.76 -24.86
C SER A 118 -0.83 -29.05 -24.91
N TYR A 119 -2.08 -28.94 -25.35
CA TYR A 119 -2.92 -30.10 -25.55
C TYR A 119 -3.85 -29.84 -26.73
N ASP A 120 -4.04 -30.86 -27.54
CA ASP A 120 -5.05 -30.86 -28.58
C ASP A 120 -5.91 -32.10 -28.41
N GLY A 121 -7.22 -31.93 -28.43
CA GLY A 121 -8.12 -33.07 -28.36
C GLY A 121 -8.15 -33.80 -29.68
N LEU A 122 -9.15 -34.68 -29.80
CA LEU A 122 -9.36 -35.43 -31.04
C LEU A 122 -10.10 -34.51 -32.01
N ASP A 123 -9.34 -33.59 -32.59
CA ASP A 123 -9.93 -32.50 -33.37
C ASP A 123 -10.34 -32.93 -34.77
N VAL A 124 -9.84 -34.06 -35.27
CA VAL A 124 -10.20 -34.57 -36.58
C VAL A 124 -10.55 -36.05 -36.45
N TRP A 125 -11.72 -36.43 -36.96
CA TRP A 125 -12.16 -37.81 -36.98
C TRP A 125 -12.50 -38.20 -38.41
N GLY A 126 -12.34 -39.48 -38.71
CA GLY A 126 -12.88 -40.02 -39.95
C GLY A 126 -14.36 -40.28 -39.82
N GLN A 127 -14.98 -40.60 -40.97
CA GLN A 127 -16.40 -40.93 -40.96
C GLN A 127 -16.65 -42.28 -40.30
N GLY A 128 -15.63 -43.11 -40.14
CA GLY A 128 -15.79 -44.40 -39.50
C GLY A 128 -16.11 -45.51 -40.47
N THR A 129 -15.55 -46.69 -40.23
CA THR A 129 -15.83 -47.87 -41.04
C THR A 129 -16.49 -48.92 -40.15
N THR A 130 -17.61 -49.47 -40.62
CA THR A 130 -18.37 -50.42 -39.83
C THR A 130 -17.69 -51.77 -39.84
N VAL A 131 -17.61 -52.39 -38.66
CA VAL A 131 -17.08 -53.74 -38.50
C VAL A 131 -18.13 -54.55 -37.74
N THR A 132 -18.62 -55.62 -38.36
CA THR A 132 -19.61 -56.49 -37.75
C THR A 132 -19.05 -57.91 -37.74
N VAL A 133 -19.02 -58.53 -36.56
CA VAL A 133 -18.49 -59.87 -36.41
C VAL A 133 -19.57 -60.78 -35.84
N ILE B 2 -9.71 -44.26 -15.05
CA ILE B 2 -10.69 -43.26 -14.56
C ILE B 2 -12.07 -43.54 -15.15
N VAL B 3 -13.08 -43.56 -14.30
CA VAL B 3 -14.47 -43.71 -14.73
C VAL B 3 -15.05 -42.33 -14.98
N MET B 4 -15.76 -42.18 -16.09
CA MET B 4 -16.33 -40.91 -16.50
C MET B 4 -17.85 -41.04 -16.44
N THR B 5 -18.48 -40.33 -15.52
CA THR B 5 -19.92 -40.40 -15.32
C THR B 5 -20.55 -39.10 -15.82
N GLN B 6 -21.45 -39.22 -16.79
CA GLN B 6 -22.18 -38.09 -17.34
C GLN B 6 -23.60 -38.06 -16.79
N SER B 7 -24.13 -36.85 -16.65
CA SER B 7 -25.50 -36.68 -16.17
C SER B 7 -26.05 -35.33 -16.64
N PRO B 8 -27.28 -35.28 -17.16
CA PRO B 8 -28.21 -36.40 -17.40
C PRO B 8 -27.83 -37.20 -18.64
N LEU B 9 -28.27 -38.46 -18.75
CA LEU B 9 -28.02 -39.22 -19.95
C LEU B 9 -28.95 -38.81 -21.10
N PHE B 10 -30.06 -38.14 -20.79
CA PHE B 10 -30.97 -37.61 -21.80
C PHE B 10 -31.38 -36.22 -21.38
N LEU B 11 -31.35 -35.28 -22.33
CA LEU B 11 -31.69 -33.90 -22.05
C LEU B 11 -32.59 -33.36 -23.15
N SER B 12 -33.70 -32.75 -22.77
CA SER B 12 -34.61 -32.10 -23.70
C SER B 12 -34.50 -30.60 -23.53
N VAL B 13 -34.24 -29.90 -24.64
CA VAL B 13 -33.89 -28.49 -24.61
C VAL B 13 -34.87 -27.72 -25.50
N THR B 14 -35.47 -26.69 -24.93
CA THR B 14 -36.30 -25.78 -25.73
C THR B 14 -35.39 -24.87 -26.55
N PRO B 15 -35.68 -24.67 -27.84
CA PRO B 15 -34.80 -23.81 -28.65
C PRO B 15 -34.67 -22.43 -28.04
N GLY B 16 -33.44 -21.92 -28.02
CA GLY B 16 -33.15 -20.61 -27.49
C GLY B 16 -32.80 -20.57 -26.03
N GLU B 17 -33.10 -21.61 -25.28
CA GLU B 17 -32.75 -21.67 -23.87
C GLU B 17 -31.39 -22.34 -23.69
N SER B 18 -30.92 -22.40 -22.44
CA SER B 18 -29.63 -22.99 -22.13
C SER B 18 -29.78 -24.46 -21.77
N ALA B 19 -28.69 -25.20 -21.96
CA ALA B 19 -28.62 -26.61 -21.59
C ALA B 19 -27.28 -26.88 -20.95
N SER B 20 -27.29 -27.58 -19.82
CA SER B 20 -26.08 -27.90 -19.07
C SER B 20 -25.95 -29.42 -18.96
N ILE B 21 -24.76 -29.92 -19.26
CA ILE B 21 -24.44 -31.34 -19.12
C ILE B 21 -23.29 -31.45 -18.13
N SER B 22 -23.49 -32.25 -17.10
CA SER B 22 -22.48 -32.47 -16.08
C SER B 22 -21.70 -33.75 -16.40
N CYS B 23 -20.44 -33.77 -15.96
CA CYS B 23 -19.57 -34.92 -16.16
C CYS B 23 -18.65 -35.03 -14.96
N ARG B 24 -18.63 -36.20 -14.34
CA ARG B 24 -17.82 -36.44 -13.16
C ARG B 24 -16.82 -37.56 -13.43
N SER B 25 -15.57 -37.34 -13.01
CA SER B 25 -14.52 -38.35 -13.10
C SER B 25 -14.31 -38.98 -11.74
N SER B 26 -13.97 -40.28 -11.75
CA SER B 26 -13.65 -40.97 -10.51
C SER B 26 -12.41 -40.40 -9.84
N GLN B 27 -11.54 -39.74 -10.61
CA GLN B 27 -10.33 -39.13 -10.08
C GLN B 27 -10.18 -37.74 -10.69
N SER B 28 -9.46 -36.87 -9.98
CA SER B 28 -9.25 -35.52 -10.46
C SER B 28 -8.53 -35.53 -11.80
N LEU B 29 -9.05 -34.75 -12.74
CA LEU B 29 -8.42 -34.57 -14.05
C LEU B 29 -7.48 -33.37 -14.07
N LEU B 30 -7.25 -32.72 -12.93
CA LEU B 30 -6.39 -31.56 -12.86
C LEU B 30 -4.94 -32.02 -12.78
N HIS B 31 -4.17 -31.73 -13.82
CA HIS B 31 -2.75 -32.04 -13.83
C HIS B 31 -1.97 -31.03 -12.98
N SER B 32 -0.77 -31.42 -12.58
CA SER B 32 0.07 -30.54 -11.78
C SER B 32 0.42 -29.26 -12.53
N ASN B 33 0.34 -29.27 -13.86
CA ASN B 33 0.56 -28.07 -14.66
C ASN B 33 -0.63 -27.13 -14.65
N GLY B 34 -1.66 -27.43 -13.87
CA GLY B 34 -2.79 -26.55 -13.68
C GLY B 34 -3.94 -26.72 -14.65
N TYR B 35 -3.83 -27.63 -15.61
CA TYR B 35 -4.85 -27.80 -16.64
C TYR B 35 -5.63 -29.10 -16.38
N ASN B 36 -6.95 -29.02 -16.58
CA ASN B 36 -7.82 -30.17 -16.45
C ASN B 36 -7.89 -30.88 -17.79
N TYR B 37 -7.35 -32.10 -17.86
CA TYR B 37 -7.30 -32.85 -19.11
C TYR B 37 -8.65 -33.52 -19.36
N LEU B 38 -9.62 -32.67 -19.69
CA LEU B 38 -10.99 -33.07 -19.93
C LEU B 38 -11.45 -32.46 -21.25
N ASP B 39 -11.95 -33.31 -22.15
CA ASP B 39 -12.46 -32.87 -23.44
C ASP B 39 -13.96 -33.11 -23.51
N TRP B 40 -14.62 -32.32 -24.36
CA TRP B 40 -16.02 -32.51 -24.69
C TRP B 40 -16.15 -32.73 -26.19
N TYR B 41 -16.93 -33.74 -26.56
CA TYR B 41 -17.15 -34.08 -27.96
C TYR B 41 -18.64 -34.13 -28.24
N LEU B 42 -19.03 -33.66 -29.43
CA LEU B 42 -20.41 -33.72 -29.88
C LEU B 42 -20.48 -34.64 -31.10
N GLN B 43 -21.34 -35.64 -31.03
CA GLN B 43 -21.63 -36.51 -32.16
C GLN B 43 -23.04 -36.19 -32.64
N LYS B 44 -23.15 -35.33 -33.65
CA LYS B 44 -24.44 -35.03 -34.22
C LYS B 44 -24.99 -36.26 -34.94
N PRO B 45 -26.33 -36.37 -35.06
CA PRO B 45 -26.90 -37.59 -35.64
C PRO B 45 -26.33 -37.93 -37.00
N GLY B 46 -25.72 -39.11 -37.11
CA GLY B 46 -25.16 -39.58 -38.36
C GLY B 46 -23.77 -39.07 -38.68
N GLN B 47 -23.21 -38.19 -37.86
CA GLN B 47 -21.89 -37.63 -38.11
C GLN B 47 -20.87 -38.24 -37.16
N SER B 48 -19.60 -38.04 -37.50
CA SER B 48 -18.52 -38.44 -36.61
C SER B 48 -18.39 -37.45 -35.46
N PRO B 49 -17.81 -37.86 -34.34
CA PRO B 49 -17.65 -36.92 -33.23
C PRO B 49 -16.78 -35.74 -33.62
N GLN B 50 -17.10 -34.58 -33.07
CA GLN B 50 -16.33 -33.36 -33.26
C GLN B 50 -15.91 -32.81 -31.90
N LEU B 51 -14.68 -32.32 -31.82
CA LEU B 51 -14.19 -31.73 -30.59
C LEU B 51 -14.87 -30.39 -30.36
N LEU B 52 -15.50 -30.24 -29.20
CA LEU B 52 -16.08 -28.97 -28.77
C LEU B 52 -15.15 -28.22 -27.82
N ILE B 53 -14.71 -28.88 -26.75
CA ILE B 53 -13.91 -28.27 -25.70
C ILE B 53 -12.74 -29.20 -25.39
N TYR B 54 -11.58 -28.62 -25.16
CA TYR B 54 -10.43 -29.34 -24.66
C TYR B 54 -9.91 -28.62 -23.43
N TRP B 55 -9.20 -29.37 -22.58
CA TRP B 55 -8.68 -28.83 -21.34
C TRP B 55 -9.77 -28.14 -20.53
N GLY B 56 -10.93 -28.77 -20.46
CA GLY B 56 -12.01 -28.29 -19.61
C GLY B 56 -12.81 -27.10 -20.10
N SER B 57 -12.13 -26.04 -20.57
CA SER B 57 -12.81 -24.80 -20.89
C SER B 57 -12.34 -24.16 -22.20
N ASN B 58 -11.47 -24.81 -22.96
CA ASN B 58 -10.92 -24.24 -24.18
C ASN B 58 -11.74 -24.72 -25.37
N ARG B 59 -12.44 -23.79 -26.03
CA ARG B 59 -13.21 -24.13 -27.21
C ARG B 59 -12.29 -24.47 -28.38
N ALA B 60 -12.68 -25.49 -29.13
CA ALA B 60 -11.92 -25.88 -30.30
C ALA B 60 -12.13 -24.88 -31.44
N SER B 61 -11.24 -24.95 -32.42
CA SER B 61 -11.32 -24.06 -33.58
C SER B 61 -12.71 -24.06 -34.20
N GLY B 62 -13.25 -22.87 -34.41
CA GLY B 62 -14.52 -22.72 -35.09
C GLY B 62 -15.74 -23.11 -34.29
N VAL B 63 -15.57 -23.53 -33.04
CA VAL B 63 -16.70 -23.91 -32.21
C VAL B 63 -17.39 -22.65 -31.69
N SER B 64 -18.71 -22.62 -31.80
CA SER B 64 -19.46 -21.47 -31.34
C SER B 64 -19.21 -21.22 -29.85
N ASP B 65 -19.10 -19.94 -29.49
CA ASP B 65 -18.99 -19.57 -28.08
C ASP B 65 -20.27 -19.82 -27.30
N ARG B 66 -21.30 -20.38 -27.96
CA ARG B 66 -22.46 -20.87 -27.23
C ARG B 66 -22.11 -22.06 -26.35
N PHE B 67 -21.08 -22.83 -26.73
CA PHE B 67 -20.61 -23.94 -25.93
C PHE B 67 -19.58 -23.44 -24.92
N SER B 68 -19.82 -23.75 -23.64
CA SER B 68 -18.97 -23.26 -22.56
C SER B 68 -18.63 -24.43 -21.64
N GLY B 69 -17.35 -24.77 -21.58
CA GLY B 69 -16.88 -25.79 -20.66
C GLY B 69 -16.39 -25.15 -19.37
N ARG B 70 -16.82 -25.72 -18.24
CA ARG B 70 -16.44 -25.21 -16.93
C ARG B 70 -16.13 -26.38 -16.02
N GLY B 71 -15.56 -26.07 -14.87
CA GLY B 71 -15.26 -27.05 -13.84
C GLY B 71 -13.76 -27.27 -13.71
N SER B 72 -13.43 -28.18 -12.79
CA SER B 72 -12.04 -28.52 -12.50
C SER B 72 -12.03 -29.71 -11.55
N GLY B 73 -10.98 -30.51 -11.65
CA GLY B 73 -10.82 -31.64 -10.77
C GLY B 73 -11.65 -32.82 -11.21
N THR B 74 -12.76 -33.05 -10.51
CA THR B 74 -13.62 -34.19 -10.79
C THR B 74 -14.99 -33.80 -11.32
N ASP B 75 -15.36 -32.52 -11.28
CA ASP B 75 -16.69 -32.06 -11.68
C ASP B 75 -16.55 -31.06 -12.81
N PHE B 76 -17.21 -31.35 -13.94
CA PHE B 76 -17.16 -30.49 -15.11
C PHE B 76 -18.55 -30.34 -15.69
N THR B 77 -18.80 -29.19 -16.30
CA THR B 77 -20.10 -28.87 -16.89
C THR B 77 -19.90 -28.33 -18.30
N LEU B 78 -20.70 -28.82 -19.23
CA LEU B 78 -20.80 -28.25 -20.57
C LEU B 78 -22.12 -27.51 -20.67
N THR B 79 -22.06 -26.20 -20.89
CA THR B 79 -23.24 -25.36 -21.02
C THR B 79 -23.41 -24.99 -22.48
N ILE B 80 -24.58 -25.29 -23.04
CA ILE B 80 -24.94 -24.90 -24.40
C ILE B 80 -25.92 -23.75 -24.29
N TYR B 81 -25.44 -22.54 -24.58
CA TYR B 81 -26.29 -21.35 -24.54
C TYR B 81 -27.06 -21.23 -25.85
N ASN B 82 -28.28 -20.69 -25.74
CA ASN B 82 -29.11 -20.41 -26.91
C ASN B 82 -29.17 -21.64 -27.84
N VAL B 83 -29.64 -22.75 -27.26
CA VAL B 83 -29.62 -24.02 -27.97
C VAL B 83 -30.44 -23.90 -29.25
N GLU B 84 -29.96 -24.53 -30.32
CA GLU B 84 -30.64 -24.59 -31.59
C GLU B 84 -30.75 -26.04 -32.04
N ALA B 85 -31.60 -26.27 -33.04
CA ALA B 85 -31.83 -27.63 -33.52
C ALA B 85 -30.54 -28.29 -33.98
N GLU B 86 -29.57 -27.51 -34.45
CA GLU B 86 -28.29 -28.08 -34.89
C GLU B 86 -27.47 -28.62 -33.73
N ASP B 87 -27.82 -28.30 -32.49
CA ASP B 87 -27.07 -28.76 -31.34
C ASP B 87 -27.48 -30.15 -30.87
N VAL B 88 -28.52 -30.74 -31.47
CA VAL B 88 -28.96 -32.06 -31.04
C VAL B 88 -27.88 -33.09 -31.35
N GLY B 89 -27.88 -34.18 -30.59
CA GLY B 89 -26.90 -35.22 -30.72
C GLY B 89 -26.49 -35.72 -29.35
N VAL B 90 -25.35 -36.41 -29.31
CA VAL B 90 -24.81 -36.98 -28.08
C VAL B 90 -23.53 -36.23 -27.74
N TYR B 91 -23.45 -35.75 -26.50
CA TYR B 91 -22.25 -35.07 -26.00
C TYR B 91 -21.49 -36.02 -25.09
N TYR B 92 -20.23 -36.27 -25.43
CA TYR B 92 -19.35 -37.15 -24.66
C TYR B 92 -18.23 -36.33 -24.05
N CYS B 93 -18.05 -36.46 -22.74
CA CYS B 93 -16.83 -35.95 -22.10
C CYS B 93 -15.77 -37.04 -22.13
N MET B 94 -14.52 -36.63 -22.29
CA MET B 94 -13.40 -37.55 -22.36
C MET B 94 -12.27 -37.03 -21.48
N GLN B 95 -11.78 -37.88 -20.59
CA GLN B 95 -10.61 -37.56 -19.80
C GLN B 95 -9.36 -37.99 -20.56
N ALA B 96 -8.35 -37.12 -20.56
CA ALA B 96 -7.06 -37.43 -21.17
C ALA B 96 -5.91 -37.32 -20.18
N LEU B 97 -6.20 -37.25 -18.88
CA LEU B 97 -5.15 -37.15 -17.88
C LEU B 97 -4.40 -38.47 -17.75
N GLN B 98 -5.11 -39.52 -17.34
CA GLN B 98 -4.51 -40.82 -17.05
C GLN B 98 -4.79 -41.73 -18.25
N THR B 99 -3.80 -41.84 -19.14
CA THR B 99 -3.93 -42.65 -20.33
C THR B 99 -2.70 -43.52 -20.50
N PRO B 100 -2.86 -44.73 -21.04
CA PRO B 100 -4.12 -45.36 -21.47
C PRO B 100 -4.92 -45.89 -20.29
N PRO B 101 -6.22 -46.14 -20.47
CA PRO B 101 -7.03 -45.89 -21.67
C PRO B 101 -7.58 -44.47 -21.70
N TRP B 102 -7.87 -43.94 -22.89
CA TRP B 102 -8.71 -42.76 -23.00
C TRP B 102 -10.16 -43.17 -22.76
N THR B 103 -10.81 -42.56 -21.77
CA THR B 103 -12.12 -43.00 -21.34
C THR B 103 -13.14 -41.89 -21.57
N PHE B 104 -14.25 -42.26 -22.21
CA PHE B 104 -15.36 -41.35 -22.47
C PHE B 104 -16.45 -41.55 -21.43
N GLY B 105 -17.28 -40.52 -21.27
CA GLY B 105 -18.53 -40.68 -20.57
C GLY B 105 -19.53 -41.44 -21.40
N GLN B 106 -20.63 -41.83 -20.76
CA GLN B 106 -21.66 -42.59 -21.47
C GLN B 106 -22.27 -41.80 -22.61
N GLY B 107 -22.22 -40.48 -22.55
CA GLY B 107 -22.81 -39.65 -23.57
C GLY B 107 -24.19 -39.15 -23.20
N THR B 108 -24.39 -37.84 -23.21
CA THR B 108 -25.67 -37.24 -22.91
C THR B 108 -26.39 -36.92 -24.22
N LYS B 109 -27.58 -37.49 -24.39
CA LYS B 109 -28.36 -37.30 -25.61
C LYS B 109 -29.22 -36.07 -25.47
N VAL B 110 -29.00 -35.10 -26.35
CA VAL B 110 -29.72 -33.83 -26.35
C VAL B 110 -30.71 -33.83 -27.50
N ASP B 111 -31.96 -33.51 -27.20
CA ASP B 111 -33.01 -33.41 -28.21
C ASP B 111 -33.87 -32.19 -27.92
N ILE B 112 -34.60 -31.76 -28.93
CA ILE B 112 -35.43 -30.56 -28.80
C ILE B 112 -36.71 -30.89 -28.05
N ALA C 6 15.32 13.17 -26.01
CA ALA C 6 15.72 11.74 -25.88
C ALA C 6 15.99 11.13 -27.26
N GLU C 7 17.13 10.48 -27.41
CA GLU C 7 17.53 9.85 -28.65
C GLU C 7 17.32 8.35 -28.58
N TYR C 8 17.21 7.72 -29.75
CA TYR C 8 17.15 6.26 -29.81
C TYR C 8 18.45 5.66 -29.30
N ARG C 9 18.32 4.58 -28.54
CA ARG C 9 19.49 3.79 -28.17
C ARG C 9 20.11 3.15 -29.40
N ASN C 10 21.44 3.18 -29.47
CA ASN C 10 22.17 2.46 -30.48
C ASN C 10 23.07 1.38 -29.92
N TRP C 11 23.33 1.39 -28.62
CA TRP C 11 24.20 0.40 -27.99
C TRP C 11 25.54 0.32 -28.72
N SER C 12 25.99 1.45 -29.25
CA SER C 12 27.23 1.50 -30.04
C SER C 12 28.43 1.78 -29.15
N LYS C 13 28.56 0.98 -28.10
CA LYS C 13 29.73 0.99 -27.23
C LYS C 13 30.23 -0.44 -27.07
N PRO C 14 31.51 -0.61 -26.80
CA PRO C 14 32.03 -1.97 -26.60
C PRO C 14 31.46 -2.60 -25.34
N GLN C 15 31.35 -3.92 -25.37
CA GLN C 15 31.12 -4.69 -24.15
C GLN C 15 32.35 -4.58 -23.26
N CYS C 16 32.18 -4.01 -22.07
CA CYS C 16 33.34 -3.92 -21.20
C CYS C 16 33.67 -5.28 -20.59
N GLY C 17 34.94 -5.42 -20.21
CA GLY C 17 35.44 -6.68 -19.71
C GLY C 17 34.68 -7.16 -18.50
N ILE C 18 34.28 -8.43 -18.53
CA ILE C 18 33.58 -9.08 -17.44
C ILE C 18 34.58 -9.98 -16.74
N THR C 19 34.85 -9.68 -15.46
CA THR C 19 35.56 -10.61 -14.61
C THR C 19 34.62 -11.54 -13.87
N GLY C 20 33.33 -11.28 -13.93
CA GLY C 20 32.31 -12.01 -13.22
C GLY C 20 31.08 -11.11 -13.06
N PHE C 21 30.36 -11.32 -11.98
CA PHE C 21 29.12 -10.60 -11.76
C PHE C 21 28.98 -10.25 -10.28
N ALA C 22 28.50 -9.04 -10.01
CA ALA C 22 28.32 -8.55 -8.66
C ALA C 22 26.83 -8.47 -8.34
N PRO C 23 26.45 -8.62 -7.06
CA PRO C 23 25.03 -8.50 -6.70
C PRO C 23 24.49 -7.12 -7.05
N PHE C 24 23.28 -7.10 -7.62
CA PHE C 24 22.64 -5.85 -8.04
C PHE C 24 21.31 -5.61 -7.33
N SER C 25 20.40 -6.58 -7.33
CA SER C 25 19.10 -6.36 -6.73
C SER C 25 18.49 -7.69 -6.31
N LYS C 26 17.52 -7.61 -5.41
CA LYS C 26 16.79 -8.77 -4.91
C LYS C 26 15.45 -8.28 -4.40
N ASP C 27 14.36 -8.84 -4.91
CA ASP C 27 13.04 -8.32 -4.57
C ASP C 27 12.51 -8.87 -3.25
N ASN C 28 12.94 -10.07 -2.85
CA ASN C 28 12.45 -10.70 -1.61
C ASN C 28 10.93 -10.83 -1.60
N SER C 29 10.33 -11.07 -2.77
CA SER C 29 8.88 -10.97 -2.89
C SER C 29 8.18 -11.99 -2.02
N ILE C 30 8.62 -13.25 -2.07
CA ILE C 30 7.92 -14.32 -1.35
C ILE C 30 7.97 -14.06 0.15
N ARG C 31 9.15 -13.72 0.66
CA ARG C 31 9.28 -13.45 2.10
C ARG C 31 8.34 -12.32 2.51
N LEU C 32 8.29 -11.25 1.73
CA LEU C 32 7.40 -10.14 2.03
C LEU C 32 5.94 -10.54 1.93
N SER C 33 5.61 -11.50 1.05
CA SER C 33 4.22 -11.87 0.83
C SER C 33 3.59 -12.48 2.07
N ALA C 34 4.39 -13.11 2.93
CA ALA C 34 3.88 -13.64 4.19
C ALA C 34 3.35 -12.53 5.08
N GLY C 35 3.76 -11.29 4.85
CA GLY C 35 3.38 -10.16 5.67
C GLY C 35 3.00 -8.94 4.85
N GLY C 36 2.37 -9.16 3.70
CA GLY C 36 1.97 -8.06 2.85
C GLY C 36 1.27 -8.58 1.62
N ASP C 37 0.70 -7.65 0.86
CA ASP C 37 -0.05 -7.99 -0.35
C ASP C 37 0.91 -7.94 -1.54
N ILE C 38 1.37 -9.11 -1.97
CA ILE C 38 2.38 -9.24 -3.02
C ILE C 38 1.80 -10.08 -4.15
N TRP C 39 2.04 -9.63 -5.38
CA TRP C 39 1.53 -10.32 -6.56
C TRP C 39 2.11 -11.73 -6.69
N VAL C 40 1.27 -12.65 -7.12
CA VAL C 40 1.76 -13.94 -7.60
C VAL C 40 2.30 -13.74 -9.00
N THR C 41 3.53 -14.20 -9.25
CA THR C 41 4.23 -13.91 -10.49
C THR C 41 4.99 -15.14 -10.97
N ARG C 42 5.36 -15.08 -12.25
CA ARG C 42 6.34 -15.99 -12.82
C ARG C 42 6.85 -15.36 -14.10
N GLU C 43 7.91 -15.94 -14.65
CA GLU C 43 8.54 -15.44 -15.87
C GLU C 43 8.98 -13.99 -15.68
N PRO C 44 9.69 -13.67 -14.61
CA PRO C 44 10.16 -12.30 -14.43
C PRO C 44 11.30 -11.98 -15.40
N TYR C 45 11.50 -10.70 -15.63
CA TYR C 45 12.70 -10.26 -16.32
C TYR C 45 12.98 -8.81 -15.95
N VAL C 46 14.14 -8.33 -16.37
CA VAL C 46 14.62 -6.99 -16.04
C VAL C 46 14.93 -6.26 -17.33
N SER C 47 14.47 -5.03 -17.43
CA SER C 47 14.82 -4.17 -18.55
C SER C 47 14.97 -2.75 -18.03
N CYS C 48 15.86 -1.99 -18.64
CA CYS C 48 16.24 -0.68 -18.15
C CYS C 48 16.02 0.36 -19.24
N ASP C 49 15.37 1.46 -18.88
CA ASP C 49 15.40 2.67 -19.68
C ASP C 49 16.76 3.32 -19.44
N PRO C 50 17.06 4.43 -20.13
CA PRO C 50 18.39 5.02 -20.00
C PRO C 50 18.76 5.40 -18.57
N ASP C 51 17.79 5.64 -17.69
CA ASP C 51 18.08 6.15 -16.35
C ASP C 51 18.08 5.07 -15.27
N LYS C 52 17.16 4.11 -15.33
CA LYS C 52 17.02 3.15 -14.25
C LYS C 52 16.40 1.87 -14.78
N CYS C 53 16.58 0.79 -14.01
CA CYS C 53 16.14 -0.54 -14.41
C CYS C 53 14.76 -0.84 -13.84
N TYR C 54 14.01 -1.65 -14.60
CA TYR C 54 12.67 -2.05 -14.23
C TYR C 54 12.60 -3.57 -14.18
N GLN C 55 11.90 -4.09 -13.18
CA GLN C 55 11.61 -5.51 -13.08
C GLN C 55 10.22 -5.77 -13.64
N PHE C 56 10.12 -6.73 -14.54
CA PHE C 56 8.86 -7.16 -15.12
C PHE C 56 8.54 -8.57 -14.62
N ALA C 57 7.27 -8.93 -14.73
CA ALA C 57 6.83 -10.26 -14.37
C ALA C 57 5.41 -10.47 -14.89
N LEU C 58 5.06 -11.73 -15.12
CA LEU C 58 3.72 -12.09 -15.55
C LEU C 58 2.91 -12.45 -14.32
N GLY C 59 2.08 -11.51 -13.88
CA GLY C 59 1.20 -11.79 -12.75
C GLY C 59 0.21 -12.89 -13.07
N GLN C 60 -0.37 -13.45 -12.02
CA GLN C 60 -1.46 -14.41 -12.14
C GLN C 60 -2.80 -13.80 -11.75
N GLY C 61 -2.89 -12.48 -11.72
CA GLY C 61 -4.12 -11.78 -11.38
C GLY C 61 -4.55 -11.97 -9.94
N THR C 62 -3.59 -12.05 -9.01
CA THR C 62 -3.91 -12.30 -7.62
C THR C 62 -2.65 -12.05 -6.80
N THR C 63 -2.85 -11.78 -5.52
CA THR C 63 -1.74 -11.74 -4.58
C THR C 63 -1.55 -13.12 -3.96
N ILE C 64 -0.43 -13.29 -3.25
CA ILE C 64 -0.11 -14.60 -2.70
C ILE C 64 -1.06 -14.96 -1.57
N ASN C 65 -1.31 -14.00 -0.67
CA ASN C 65 -2.26 -14.21 0.43
C ASN C 65 -3.65 -13.85 -0.08
N ASN C 66 -4.22 -14.78 -0.84
CA ASN C 66 -5.42 -14.54 -1.62
C ASN C 66 -6.00 -15.88 -2.05
N VAL C 67 -7.31 -16.08 -1.86
CA VAL C 67 -7.91 -17.35 -2.25
C VAL C 67 -7.67 -17.65 -3.71
N HIS C 68 -7.42 -16.62 -4.53
CA HIS C 68 -7.17 -16.82 -5.96
C HIS C 68 -5.74 -17.28 -6.26
N SER C 69 -4.82 -17.19 -5.31
CA SER C 69 -3.48 -17.71 -5.53
C SER C 69 -3.47 -19.22 -5.63
N ASN C 70 -4.52 -19.87 -5.16
CA ASN C 70 -4.68 -21.31 -5.33
C ASN C 70 -4.67 -21.66 -6.82
N ASN C 71 -3.95 -22.72 -7.17
CA ASN C 71 -3.86 -23.20 -8.56
C ASN C 71 -3.36 -22.08 -9.47
N THR C 72 -2.19 -21.55 -9.14
CA THR C 72 -1.51 -20.58 -9.98
C THR C 72 -0.37 -21.21 -10.78
N ALA C 73 -0.29 -22.54 -10.82
CA ALA C 73 0.68 -23.19 -11.69
C ALA C 73 0.32 -23.01 -13.16
N ARG C 74 -0.96 -22.94 -13.48
CA ARG C 74 -1.40 -22.75 -14.86
C ARG C 74 -0.77 -21.50 -15.44
N ASP C 75 -0.03 -21.67 -16.54
CA ASP C 75 0.81 -20.62 -17.08
C ASP C 75 0.07 -19.69 -18.03
N ARG C 76 -1.14 -20.02 -18.47
CA ARG C 76 -1.91 -19.17 -19.38
C ARG C 76 -3.33 -19.04 -18.87
N THR C 77 -3.66 -17.86 -18.37
CA THR C 77 -5.01 -17.46 -18.00
C THR C 77 -5.25 -16.06 -18.55
N PRO C 78 -6.50 -15.68 -18.77
CA PRO C 78 -6.78 -14.31 -19.23
C PRO C 78 -6.52 -13.25 -18.18
N HIS C 79 -6.26 -13.65 -16.93
CA HIS C 79 -5.98 -12.70 -15.86
C HIS C 79 -4.50 -12.42 -15.69
N ARG C 80 -3.64 -13.11 -16.43
CA ARG C 80 -2.22 -12.82 -16.39
C ARG C 80 -1.94 -11.48 -17.05
N THR C 81 -1.15 -10.64 -16.39
CA THR C 81 -0.81 -9.32 -16.89
C THR C 81 0.68 -9.08 -16.69
N LEU C 82 1.24 -8.23 -17.53
CA LEU C 82 2.64 -7.87 -17.41
C LEU C 82 2.78 -6.84 -16.29
N LEU C 83 3.37 -7.25 -15.18
CA LEU C 83 3.66 -6.34 -14.10
C LEU C 83 4.93 -5.56 -14.42
N MET C 84 4.97 -4.29 -14.01
CA MET C 84 6.13 -3.46 -14.24
C MET C 84 6.35 -2.58 -13.01
N ASN C 85 7.52 -2.70 -12.41
CA ASN C 85 7.94 -1.88 -11.29
C ASN C 85 9.37 -1.42 -11.53
N GLU C 86 9.76 -0.38 -10.81
CA GLU C 86 11.18 -0.07 -10.70
C GLU C 86 11.88 -1.26 -10.08
N LEU C 87 13.08 -1.57 -10.59
CA LEU C 87 13.82 -2.71 -10.05
C LEU C 87 14.08 -2.49 -8.56
N GLY C 88 13.72 -3.48 -7.76
CA GLY C 88 13.86 -3.40 -6.33
C GLY C 88 12.58 -3.04 -5.60
N VAL C 89 11.55 -2.60 -6.31
CA VAL C 89 10.24 -2.36 -5.72
C VAL C 89 9.44 -3.65 -5.83
N PRO C 90 9.06 -4.29 -4.73
CA PRO C 90 8.34 -5.56 -4.83
C PRO C 90 6.98 -5.34 -5.49
N PHE C 91 6.47 -6.40 -6.12
CA PHE C 91 5.21 -6.31 -6.84
C PHE C 91 4.08 -6.20 -5.81
N HIS C 92 3.94 -5.01 -5.26
CA HIS C 92 2.89 -4.72 -4.29
C HIS C 92 1.59 -4.39 -5.03
N LEU C 93 0.56 -3.95 -4.31
CA LEU C 93 -0.74 -3.75 -4.92
C LEU C 93 -0.74 -2.56 -5.88
N GLY C 94 0.11 -1.57 -5.63
CA GLY C 94 0.22 -0.43 -6.52
C GLY C 94 0.98 -0.70 -7.80
N THR C 95 1.41 -1.95 -8.01
CA THR C 95 2.14 -2.29 -9.22
C THR C 95 1.28 -2.04 -10.44
N LYS C 96 1.86 -1.39 -11.45
CA LYS C 96 1.15 -1.12 -12.69
C LYS C 96 1.15 -2.38 -13.56
N GLN C 97 -0.04 -2.84 -13.92
CA GLN C 97 -0.19 -3.88 -14.93
C GLN C 97 -0.18 -3.18 -16.28
N VAL C 98 0.88 -3.40 -17.06
N VAL C 98 0.89 -3.41 -17.06
CA VAL C 98 1.07 -2.62 -18.28
CA VAL C 98 1.10 -2.65 -18.28
C VAL C 98 0.34 -3.21 -19.48
C VAL C 98 0.34 -3.22 -19.47
N CYS C 99 -0.12 -4.46 -19.40
CA CYS C 99 -0.86 -5.07 -20.49
C CYS C 99 -1.34 -6.44 -20.05
N ILE C 100 -2.29 -6.99 -20.82
CA ILE C 100 -2.75 -8.36 -20.62
C ILE C 100 -1.77 -9.29 -21.34
N ALA C 101 -1.19 -10.23 -20.60
CA ALA C 101 -0.20 -11.11 -21.20
C ALA C 101 0.03 -12.32 -20.32
N TRP C 102 0.11 -13.50 -20.93
CA TRP C 102 0.73 -14.65 -20.32
C TRP C 102 2.08 -14.98 -20.97
N SER C 103 2.54 -14.13 -21.89
CA SER C 103 3.90 -14.16 -22.42
C SER C 103 4.23 -12.77 -22.92
N SER C 104 5.45 -12.30 -22.66
CA SER C 104 5.74 -10.91 -22.95
C SER C 104 7.23 -10.65 -23.07
N SER C 105 7.56 -9.51 -23.69
CA SER C 105 8.91 -8.97 -23.71
C SER C 105 8.78 -7.45 -23.74
N SER C 106 9.85 -6.77 -23.31
CA SER C 106 9.87 -5.32 -23.31
C SER C 106 11.30 -4.81 -23.49
N CYS C 107 11.47 -3.78 -24.33
CA CYS C 107 12.65 -2.94 -24.27
C CYS C 107 12.24 -1.48 -24.33
N HIS C 108 13.18 -0.63 -23.92
CA HIS C 108 13.11 0.80 -24.10
C HIS C 108 14.06 1.16 -25.23
N ASP C 109 13.54 1.84 -26.26
CA ASP C 109 14.36 2.19 -27.41
C ASP C 109 15.15 3.48 -27.19
N GLY C 110 15.15 4.00 -25.97
CA GLY C 110 15.74 5.28 -25.66
C GLY C 110 14.73 6.41 -25.56
N LYS C 111 13.55 6.25 -26.16
CA LYS C 111 12.47 7.22 -26.08
C LYS C 111 11.27 6.73 -25.28
N ALA C 112 10.85 5.49 -25.47
CA ALA C 112 9.65 4.97 -24.83
C ALA C 112 9.74 3.47 -24.67
N TRP C 113 8.81 2.92 -23.89
CA TRP C 113 8.76 1.51 -23.62
C TRP C 113 7.94 0.79 -24.69
N LEU C 114 8.53 -0.25 -25.27
CA LEU C 114 7.81 -1.21 -26.08
C LEU C 114 7.48 -2.41 -25.22
N HIS C 115 6.20 -2.78 -25.19
CA HIS C 115 5.75 -3.99 -24.53
C HIS C 115 5.07 -4.88 -25.57
N VAL C 116 5.59 -6.09 -25.72
CA VAL C 116 4.98 -7.10 -26.57
C VAL C 116 4.24 -8.05 -25.65
N CYS C 117 2.92 -8.13 -25.80
CA CYS C 117 2.06 -8.79 -24.84
C CYS C 117 1.19 -9.80 -25.56
N ILE C 118 1.33 -11.07 -25.19
CA ILE C 118 0.59 -12.17 -25.81
C ILE C 118 -0.45 -12.66 -24.82
N THR C 119 -1.70 -12.70 -25.24
CA THR C 119 -2.78 -13.25 -24.43
C THR C 119 -3.80 -13.91 -25.37
N GLY C 120 -4.92 -14.34 -24.81
CA GLY C 120 -5.97 -14.96 -25.59
C GLY C 120 -5.88 -16.48 -25.58
N ASP C 121 -6.67 -17.08 -26.47
CA ASP C 121 -6.77 -18.53 -26.52
C ASP C 121 -5.43 -19.17 -26.89
N ASP C 122 -5.22 -20.37 -26.37
CA ASP C 122 -3.96 -21.08 -26.58
C ASP C 122 -3.62 -21.18 -28.06
N LYS C 123 -4.56 -21.66 -28.86
CA LYS C 123 -4.35 -21.91 -30.28
C LYS C 123 -4.71 -20.70 -31.12
N ASN C 124 -5.08 -19.60 -30.48
CA ASN C 124 -5.57 -18.43 -31.18
C ASN C 124 -5.06 -17.15 -30.52
N ALA C 125 -3.79 -17.16 -30.11
CA ALA C 125 -3.28 -16.07 -29.30
C ALA C 125 -3.16 -14.78 -30.11
N THR C 126 -3.07 -13.67 -29.39
CA THR C 126 -2.86 -12.35 -29.97
C THR C 126 -1.65 -11.72 -29.29
N ALA C 127 -0.73 -11.19 -30.08
CA ALA C 127 0.40 -10.42 -29.58
C ALA C 127 0.10 -8.95 -29.78
N SER C 128 -0.09 -8.22 -28.68
CA SER C 128 -0.31 -6.78 -28.74
C SER C 128 1.02 -6.06 -28.53
N PHE C 129 1.24 -5.01 -29.32
CA PHE C 129 2.48 -4.24 -29.28
C PHE C 129 2.13 -2.85 -28.78
N ILE C 130 2.46 -2.60 -27.52
CA ILE C 130 2.16 -1.34 -26.86
C ILE C 130 3.44 -0.52 -26.78
N TYR C 131 3.46 0.62 -27.45
CA TYR C 131 4.61 1.51 -27.49
C TYR C 131 4.23 2.87 -26.98
N ASN C 132 5.01 3.40 -26.04
CA ASN C 132 4.76 4.70 -25.44
C ASN C 132 3.34 4.80 -24.91
N GLY C 133 2.88 3.71 -24.27
CA GLY C 133 1.62 3.74 -23.56
C GLY C 133 0.38 3.58 -24.41
N ARG C 134 0.51 3.12 -25.66
CA ARG C 134 -0.66 2.91 -26.51
C ARG C 134 -0.42 1.70 -27.41
N LEU C 135 -1.52 1.01 -27.70
CA LEU C 135 -1.46 -0.14 -28.59
C LEU C 135 -1.25 0.33 -30.02
N VAL C 136 -0.11 -0.02 -30.60
CA VAL C 136 0.25 0.41 -31.94
C VAL C 136 0.03 -0.68 -32.98
N ASP C 137 0.17 -1.95 -32.61
CA ASP C 137 0.09 -3.03 -33.58
C ASP C 137 -0.32 -4.31 -32.87
N SER C 138 -0.73 -5.29 -33.67
CA SER C 138 -1.07 -6.60 -33.14
C SER C 138 -0.90 -7.63 -34.24
N VAL C 139 -0.53 -8.84 -33.86
CA VAL C 139 -0.40 -9.96 -34.79
C VAL C 139 -1.02 -11.19 -34.15
N VAL C 140 -1.70 -11.98 -34.96
CA VAL C 140 -2.36 -13.20 -34.50
C VAL C 140 -1.36 -14.34 -34.57
N SER C 141 -1.56 -15.33 -33.71
CA SER C 141 -0.81 -16.58 -33.79
C SER C 141 -0.80 -17.09 -35.22
N TRP C 142 0.41 -17.37 -35.74
CA TRP C 142 0.53 -17.88 -37.10
C TRP C 142 0.49 -19.41 -37.17
N SER C 143 0.92 -20.10 -36.11
CA SER C 143 0.88 -21.55 -36.08
C SER C 143 -0.25 -22.10 -35.22
N LYS C 144 -0.99 -21.23 -34.54
CA LYS C 144 -2.15 -21.65 -33.75
C LYS C 144 -1.77 -22.67 -32.67
N ASP C 145 -0.56 -22.56 -32.12
CA ASP C 145 -0.16 -23.40 -30.99
C ASP C 145 0.71 -22.56 -30.06
N ILE C 146 0.05 -21.88 -29.12
CA ILE C 146 0.74 -21.12 -28.07
CA ILE C 146 0.73 -21.11 -28.06
C ILE C 146 1.77 -20.16 -28.66
N LEU C 147 1.30 -19.09 -29.29
CA LEU C 147 2.22 -18.02 -29.64
C LEU C 147 2.91 -17.54 -28.38
N ARG C 148 4.23 -17.43 -28.42
CA ARG C 148 4.97 -17.08 -27.22
C ARG C 148 6.26 -16.34 -27.59
N THR C 149 6.74 -15.54 -26.64
CA THR C 149 7.88 -14.66 -26.86
C THR C 149 8.93 -14.85 -25.77
N GLN C 150 9.89 -13.92 -25.71
CA GLN C 150 11.15 -14.17 -25.00
C GLN C 150 10.96 -14.38 -23.51
N GLU C 151 10.03 -13.67 -22.89
CA GLU C 151 9.98 -13.55 -21.42
C GLU C 151 11.22 -12.84 -20.88
N SER C 152 11.91 -12.08 -21.72
CA SER C 152 12.97 -11.19 -21.27
C SER C 152 12.95 -9.96 -22.17
N GLU C 153 13.81 -9.00 -21.85
CA GLU C 153 13.79 -7.74 -22.58
C GLU C 153 14.09 -7.98 -24.05
N CYS C 154 13.35 -7.29 -24.91
CA CYS C 154 13.75 -7.21 -26.31
C CYS C 154 14.98 -6.33 -26.42
N VAL C 155 15.51 -6.21 -27.64
CA VAL C 155 16.66 -5.36 -27.92
C VAL C 155 16.23 -4.35 -28.97
N CYS C 156 16.50 -3.08 -28.67
CA CYS C 156 15.93 -1.95 -29.40
C CYS C 156 17.11 -1.06 -29.84
N ILE C 157 17.48 -1.13 -31.13
CA ILE C 157 18.62 -0.40 -31.68
C ILE C 157 18.13 0.62 -32.70
N ASN C 158 18.55 1.87 -32.53
CA ASN C 158 18.22 2.95 -33.45
C ASN C 158 16.72 3.02 -33.71
N GLY C 159 15.94 2.78 -32.66
CA GLY C 159 14.49 2.81 -32.78
C GLY C 159 13.89 1.57 -33.40
N THR C 160 14.70 0.61 -33.83
CA THR C 160 14.21 -0.65 -34.38
C THR C 160 14.32 -1.70 -33.28
N CYS C 161 13.17 -2.20 -32.84
CA CYS C 161 13.13 -3.21 -31.80
C CYS C 161 12.93 -4.60 -32.42
N THR C 162 13.71 -5.55 -31.93
CA THR C 162 13.63 -6.93 -32.39
C THR C 162 13.16 -7.81 -31.24
N VAL C 163 12.15 -8.63 -31.50
CA VAL C 163 11.65 -9.59 -30.53
C VAL C 163 11.53 -10.94 -31.23
N VAL C 164 12.01 -11.99 -30.56
CA VAL C 164 11.89 -13.34 -31.07
C VAL C 164 10.59 -13.93 -30.55
N MET C 165 9.76 -14.42 -31.46
CA MET C 165 8.46 -14.96 -31.10
C MET C 165 8.30 -16.32 -31.76
N THR C 166 7.75 -17.27 -31.00
CA THR C 166 7.65 -18.65 -31.43
C THR C 166 6.20 -19.11 -31.36
N ASP C 167 5.82 -19.96 -32.31
CA ASP C 167 4.49 -20.53 -32.37
C ASP C 167 4.62 -21.93 -32.95
N GLY C 168 4.02 -22.90 -32.28
CA GLY C 168 4.07 -24.28 -32.72
C GLY C 168 4.41 -25.22 -31.59
N ASN C 169 4.94 -26.38 -31.97
CA ASN C 169 5.13 -27.48 -31.03
C ASN C 169 5.99 -27.06 -29.85
N ALA C 170 5.54 -27.38 -28.65
CA ALA C 170 6.32 -27.09 -27.45
C ALA C 170 7.63 -27.87 -27.44
N THR C 171 7.59 -29.13 -27.87
CA THR C 171 8.77 -30.00 -27.87
C THR C 171 8.94 -30.66 -29.22
N GLY C 172 8.65 -29.90 -30.29
CA GLY C 172 8.87 -30.35 -31.65
C GLY C 172 9.16 -29.17 -32.54
N LYS C 173 9.20 -29.37 -33.86
CA LYS C 173 9.45 -28.26 -34.77
C LYS C 173 8.39 -27.18 -34.57
N ALA C 174 8.84 -25.94 -34.43
CA ALA C 174 7.96 -24.80 -34.25
C ALA C 174 8.33 -23.73 -35.27
N ASP C 175 7.48 -22.70 -35.36
CA ASP C 175 7.66 -21.61 -36.31
C ASP C 175 8.09 -20.37 -35.53
N THR C 176 9.38 -20.08 -35.56
CA THR C 176 9.94 -18.93 -34.88
C THR C 176 10.14 -17.80 -35.88
N LYS C 177 9.74 -16.60 -35.49
CA LYS C 177 9.92 -15.41 -36.31
C LYS C 177 10.57 -14.32 -35.47
N ILE C 178 11.31 -13.45 -36.14
CA ILE C 178 11.97 -12.32 -35.52
C ILE C 178 11.28 -11.07 -36.05
N LEU C 179 10.49 -10.43 -35.19
CA LEU C 179 9.76 -9.24 -35.57
C LEU C 179 10.63 -8.01 -35.35
N PHE C 180 10.54 -7.06 -36.28
CA PHE C 180 11.25 -5.79 -36.18
C PHE C 180 10.21 -4.71 -36.01
N ILE C 181 10.23 -4.03 -34.87
CA ILE C 181 9.20 -3.09 -34.47
C ILE C 181 9.81 -1.71 -34.34
N GLU C 182 9.15 -0.72 -34.92
CA GLU C 182 9.56 0.68 -34.79
C GLU C 182 8.39 1.46 -34.21
N GLU C 183 8.61 2.04 -33.03
CA GLU C 183 7.56 2.77 -32.31
C GLU C 183 6.28 1.95 -32.22
N GLY C 184 6.43 0.65 -31.98
CA GLY C 184 5.30 -0.24 -31.77
C GLY C 184 4.72 -0.84 -33.04
N LYS C 185 5.15 -0.40 -34.22
CA LYS C 185 4.64 -0.89 -35.48
C LYS C 185 5.57 -1.98 -36.03
N ILE C 186 4.97 -3.11 -36.39
CA ILE C 186 5.74 -4.20 -37.01
C ILE C 186 6.07 -3.79 -38.43
N VAL C 187 7.32 -3.42 -38.67
CA VAL C 187 7.75 -3.02 -40.02
C VAL C 187 8.32 -4.18 -40.82
N HIS C 188 8.75 -5.25 -40.17
CA HIS C 188 9.29 -6.40 -40.88
C HIS C 188 9.21 -7.63 -39.99
N THR C 189 8.99 -8.79 -40.63
CA THR C 189 8.99 -10.08 -39.94
C THR C 189 9.92 -11.01 -40.69
N SER C 190 10.87 -11.59 -39.96
CA SER C 190 11.83 -12.53 -40.52
C SER C 190 11.61 -13.91 -39.90
N LYS C 191 11.52 -14.93 -40.74
CA LYS C 191 11.47 -16.30 -40.24
C LYS C 191 12.83 -16.70 -39.69
N LEU C 192 12.82 -17.55 -38.66
CA LEU C 192 14.07 -18.08 -38.13
C LEU C 192 14.84 -18.77 -39.24
N SER C 193 16.13 -18.46 -39.34
CA SER C 193 17.00 -19.03 -40.35
C SER C 193 18.28 -19.53 -39.69
N GLY C 194 18.90 -20.52 -40.32
CA GLY C 194 20.11 -21.11 -39.78
C GLY C 194 19.93 -22.54 -39.34
N SER C 195 20.69 -22.96 -38.33
CA SER C 195 20.70 -24.34 -37.89
C SER C 195 20.02 -24.57 -36.55
N ALA C 196 19.62 -23.52 -35.84
CA ALA C 196 18.86 -23.70 -34.61
C ALA C 196 17.53 -24.36 -34.92
N GLN C 197 17.31 -25.54 -34.33
CA GLN C 197 16.14 -26.35 -34.68
C GLN C 197 14.94 -26.08 -33.80
N HIS C 198 15.14 -25.53 -32.60
CA HIS C 198 14.03 -25.12 -31.75
C HIS C 198 14.47 -23.94 -30.92
N VAL C 199 13.68 -22.87 -30.96
CA VAL C 199 14.03 -21.60 -30.34
C VAL C 199 12.84 -21.11 -29.53
N GLU C 200 13.04 -20.96 -28.21
CA GLU C 200 12.05 -20.39 -27.33
C GLU C 200 12.74 -19.48 -26.32
N GLU C 201 11.96 -18.58 -25.74
CA GLU C 201 12.37 -17.80 -24.57
C GLU C 201 13.79 -17.26 -24.75
N CYS C 202 14.01 -16.59 -25.87
CA CYS C 202 15.32 -16.07 -26.17
C CYS C 202 15.75 -15.02 -25.15
N SER C 203 17.01 -15.08 -24.75
CA SER C 203 17.65 -14.04 -23.96
C SER C 203 18.54 -13.25 -24.91
N CYS C 204 18.09 -12.06 -25.29
CA CYS C 204 18.75 -11.27 -26.31
C CYS C 204 19.47 -10.08 -25.69
N TYR C 205 20.57 -9.70 -26.32
CA TYR C 205 21.32 -8.53 -25.90
C TYR C 205 21.85 -7.79 -27.13
N PRO C 206 21.98 -6.48 -27.05
CA PRO C 206 22.56 -5.72 -28.17
C PRO C 206 24.03 -6.06 -28.37
N ARG C 207 24.37 -6.43 -29.61
CA ARG C 207 25.75 -6.67 -30.02
C ARG C 207 25.93 -5.85 -31.29
N TYR C 208 26.28 -4.57 -31.12
CA TYR C 208 26.23 -3.63 -32.23
C TYR C 208 27.14 -4.11 -33.36
N PRO C 209 26.70 -4.07 -34.62
CA PRO C 209 25.47 -3.46 -35.14
C PRO C 209 24.23 -4.35 -35.07
N GLY C 210 24.33 -5.57 -34.56
CA GLY C 210 23.23 -6.50 -34.55
C GLY C 210 22.69 -6.78 -33.16
N VAL C 211 21.91 -7.86 -33.08
CA VAL C 211 21.37 -8.35 -31.82
C VAL C 211 21.64 -9.85 -31.76
N ARG C 212 22.05 -10.32 -30.59
CA ARG C 212 22.37 -11.72 -30.38
C ARG C 212 21.46 -12.29 -29.31
N CYS C 213 20.85 -13.43 -29.60
CA CYS C 213 19.94 -14.09 -28.68
C CYS C 213 20.47 -15.48 -28.35
N VAL C 214 20.46 -15.81 -27.06
CA VAL C 214 20.70 -17.16 -26.57
C VAL C 214 19.38 -17.66 -26.01
N CYS C 215 18.91 -18.78 -26.52
CA CYS C 215 17.53 -19.19 -26.35
C CYS C 215 17.45 -20.59 -25.74
N ARG C 216 16.25 -21.13 -25.74
CA ARG C 216 15.94 -22.42 -25.14
C ARG C 216 15.50 -23.37 -26.24
N ASP C 217 16.22 -24.48 -26.37
CA ASP C 217 15.81 -25.57 -27.25
C ASP C 217 15.08 -26.59 -26.38
N ASN C 218 13.76 -26.63 -26.52
CA ASN C 218 12.92 -27.49 -25.71
C ASN C 218 12.75 -28.88 -26.31
N TRP C 219 13.40 -29.17 -27.42
CA TRP C 219 13.09 -30.34 -28.23
C TRP C 219 14.24 -31.34 -28.27
N LYS C 220 15.44 -30.93 -28.69
CA LYS C 220 16.53 -31.86 -28.91
C LYS C 220 17.86 -31.43 -28.34
N GLY C 221 18.02 -30.17 -27.92
CA GLY C 221 19.32 -29.73 -27.45
C GLY C 221 19.34 -29.31 -26.00
N SER C 222 20.32 -29.80 -25.25
CA SER C 222 20.68 -29.20 -23.98
C SER C 222 21.73 -28.11 -24.13
N ASN C 223 22.30 -27.97 -25.32
CA ASN C 223 23.04 -26.77 -25.69
C ASN C 223 22.06 -25.71 -26.16
N ARG C 224 22.38 -24.46 -25.89
CA ARG C 224 21.40 -23.42 -26.16
C ARG C 224 21.55 -22.92 -27.60
N PRO C 225 20.46 -22.76 -28.34
CA PRO C 225 20.57 -22.17 -29.67
C PRO C 225 20.97 -20.71 -29.59
N ILE C 226 21.69 -20.26 -30.61
CA ILE C 226 22.04 -18.86 -30.80
C ILE C 226 21.28 -18.34 -32.01
N VAL C 227 20.74 -17.13 -31.89
CA VAL C 227 20.13 -16.42 -33.01
C VAL C 227 20.79 -15.06 -33.12
N ASP C 228 21.45 -14.81 -34.25
CA ASP C 228 22.03 -13.51 -34.55
C ASP C 228 21.10 -12.77 -35.50
N ILE C 229 20.79 -11.53 -35.17
CA ILE C 229 19.79 -10.74 -35.88
C ILE C 229 20.48 -9.51 -36.44
N ASN C 230 20.46 -9.38 -37.77
CA ASN C 230 20.96 -8.17 -38.44
C ASN C 230 19.81 -7.16 -38.51
N ILE C 231 19.86 -6.15 -37.65
CA ILE C 231 18.76 -5.19 -37.58
C ILE C 231 18.67 -4.33 -38.83
N LYS C 232 19.72 -4.29 -39.65
CA LYS C 232 19.72 -3.43 -40.84
C LYS C 232 18.97 -4.09 -41.99
N ASP C 233 19.44 -5.26 -42.43
CA ASP C 233 18.82 -5.99 -43.53
C ASP C 233 17.87 -7.08 -43.06
N HIS C 234 17.64 -7.19 -41.75
CA HIS C 234 16.69 -8.15 -41.19
C HIS C 234 17.09 -9.60 -41.42
N SER C 235 18.34 -9.85 -41.82
CA SER C 235 18.77 -11.22 -42.00
C SER C 235 18.90 -11.93 -40.65
N ILE C 236 18.70 -13.25 -40.68
CA ILE C 236 18.76 -14.08 -39.48
C ILE C 236 19.72 -15.23 -39.75
N VAL C 237 20.57 -15.51 -38.77
CA VAL C 237 21.37 -16.73 -38.75
C VAL C 237 21.26 -17.31 -37.36
N SER C 238 21.31 -18.64 -37.27
CA SER C 238 21.12 -19.32 -36.00
C SER C 238 22.11 -20.47 -35.89
N SER C 239 22.44 -20.81 -34.65
CA SER C 239 23.42 -21.84 -34.33
C SER C 239 23.19 -22.24 -32.88
N TYR C 240 24.17 -22.94 -32.30
CA TYR C 240 24.12 -23.31 -30.89
C TYR C 240 25.40 -22.84 -30.21
N VAL C 241 25.31 -22.63 -28.90
CA VAL C 241 26.50 -22.27 -28.13
C VAL C 241 27.48 -23.44 -28.20
N CYS C 242 28.72 -23.14 -28.58
CA CYS C 242 29.72 -24.20 -28.77
C CYS C 242 30.00 -24.91 -27.46
N SER C 243 30.06 -24.15 -26.36
CA SER C 243 30.58 -24.64 -25.08
C SER C 243 30.18 -26.08 -24.79
N GLY C 244 31.18 -26.90 -24.49
CA GLY C 244 30.91 -28.25 -24.00
C GLY C 244 30.18 -28.26 -22.68
N LEU C 245 30.26 -27.17 -21.92
CA LEU C 245 29.45 -27.00 -20.71
C LEU C 245 28.15 -26.34 -21.13
N VAL C 246 27.15 -27.16 -21.41
CA VAL C 246 25.89 -26.67 -21.93
C VAL C 246 25.08 -26.04 -20.80
N GLY C 247 24.20 -25.11 -21.16
CA GLY C 247 23.53 -24.28 -20.18
C GLY C 247 22.09 -24.64 -19.89
N ASP C 248 21.52 -25.58 -20.64
CA ASP C 248 20.12 -25.92 -20.45
C ASP C 248 19.94 -26.86 -19.25
N THR C 249 18.69 -26.93 -18.78
CA THR C 249 18.27 -27.88 -17.77
C THR C 249 16.96 -28.47 -18.25
N PRO C 250 16.86 -29.79 -18.45
CA PRO C 250 17.84 -30.84 -18.13
C PRO C 250 19.05 -30.87 -19.06
N ARG C 251 20.12 -31.49 -18.58
CA ARG C 251 21.34 -31.70 -19.37
C ARG C 251 22.11 -32.85 -18.74
N LYS C 252 23.06 -33.37 -19.50
CA LYS C 252 23.94 -34.40 -18.96
C LYS C 252 24.99 -33.77 -18.05
N THR C 253 25.59 -34.61 -17.21
CA THR C 253 26.66 -34.14 -16.34
C THR C 253 27.80 -33.57 -17.17
N ASP C 254 28.61 -32.72 -16.53
CA ASP C 254 29.70 -32.05 -17.23
C ASP C 254 30.64 -33.06 -17.88
N SER C 255 30.93 -34.16 -17.18
CA SER C 255 31.86 -35.15 -17.72
C SER C 255 31.32 -35.78 -19.00
N SER C 256 30.03 -36.09 -19.02
CA SER C 256 29.43 -36.82 -20.14
C SER C 256 28.72 -35.92 -21.14
N SER C 257 28.68 -34.61 -20.90
CA SER C 257 27.96 -33.71 -21.79
C SER C 257 28.80 -33.36 -23.01
N SER C 258 28.13 -33.13 -24.12
CA SER C 258 28.77 -32.71 -25.36
C SER C 258 27.90 -31.67 -26.03
N SER C 259 28.52 -30.82 -26.84
CA SER C 259 27.82 -29.74 -27.50
C SER C 259 28.21 -29.70 -28.96
N HIS C 260 27.40 -28.99 -29.74
CA HIS C 260 27.61 -28.84 -31.16
C HIS C 260 27.00 -27.50 -31.58
N CYS C 261 27.84 -26.54 -31.94
CA CYS C 261 27.35 -25.21 -32.26
C CYS C 261 26.90 -25.05 -33.71
N LEU C 262 26.46 -26.13 -34.33
CA LEU C 262 25.50 -26.05 -35.42
C LEU C 262 24.20 -26.80 -35.12
N ASN C 263 24.25 -27.89 -34.37
CA ASN C 263 23.10 -28.76 -34.18
C ASN C 263 22.82 -28.98 -32.70
N PRO C 264 21.59 -29.30 -32.32
CA PRO C 264 21.33 -29.69 -30.93
C PRO C 264 22.11 -30.96 -30.60
N ASN C 265 22.58 -31.04 -29.35
CA ASN C 265 23.43 -32.13 -28.95
C ASN C 265 22.68 -33.44 -28.71
N ASN C 266 21.35 -33.42 -28.69
CA ASN C 266 20.55 -34.63 -28.48
C ASN C 266 20.92 -35.31 -27.17
N GLU C 267 21.24 -34.51 -26.16
CA GLU C 267 21.58 -35.00 -24.83
C GLU C 267 20.56 -34.42 -23.85
N LYS C 268 19.63 -35.26 -23.40
CA LYS C 268 18.54 -34.81 -22.53
C LYS C 268 17.88 -33.58 -23.12
N GLY C 269 17.72 -33.59 -24.44
CA GLY C 269 17.32 -32.39 -25.16
C GLY C 269 15.93 -31.91 -24.83
N GLY C 270 15.01 -32.85 -24.58
CA GLY C 270 13.63 -32.46 -24.32
C GLY C 270 13.54 -31.52 -23.12
N HIS C 271 12.51 -30.69 -23.14
CA HIS C 271 12.31 -29.71 -22.08
C HIS C 271 13.51 -28.77 -22.01
N GLY C 272 13.49 -27.83 -21.07
CA GLY C 272 14.59 -26.90 -20.93
C GLY C 272 14.22 -25.84 -19.90
N VAL C 273 15.02 -24.79 -19.88
CA VAL C 273 14.76 -23.64 -19.02
C VAL C 273 15.29 -22.41 -19.73
N LYS C 274 14.61 -21.29 -19.52
CA LYS C 274 15.11 -20.04 -20.07
C LYS C 274 16.43 -19.68 -19.42
N GLY C 275 17.48 -19.59 -20.22
CA GLY C 275 18.77 -19.20 -19.73
C GLY C 275 19.42 -18.17 -20.62
N TRP C 276 20.70 -17.90 -20.41
CA TRP C 276 21.38 -16.86 -21.15
C TRP C 276 22.86 -17.21 -21.28
N ALA C 277 23.47 -16.68 -22.33
CA ALA C 277 24.91 -16.70 -22.49
C ALA C 277 25.28 -15.52 -23.38
N PHE C 278 26.54 -15.10 -23.28
CA PHE C 278 27.02 -14.07 -24.19
C PHE C 278 28.51 -14.26 -24.40
N ASP C 279 28.96 -13.89 -25.59
CA ASP C 279 30.34 -14.09 -26.00
C ASP C 279 31.24 -13.02 -25.42
N ASP C 280 32.47 -13.43 -25.09
CA ASP C 280 33.56 -12.54 -24.70
C ASP C 280 34.74 -13.00 -25.54
N GLY C 281 34.88 -12.43 -26.73
CA GLY C 281 35.82 -12.99 -27.69
C GLY C 281 35.41 -14.41 -28.04
N ASN C 282 36.35 -15.34 -27.92
CA ASN C 282 36.04 -16.74 -28.14
C ASN C 282 35.48 -17.42 -26.88
N ASP C 283 35.53 -16.75 -25.74
CA ASP C 283 34.95 -17.29 -24.52
C ASP C 283 33.46 -17.00 -24.46
N VAL C 284 32.78 -17.70 -23.57
CA VAL C 284 31.36 -17.51 -23.34
C VAL C 284 31.11 -17.36 -21.85
N TRP C 285 30.42 -16.30 -21.47
CA TRP C 285 29.84 -16.17 -20.14
C TRP C 285 28.42 -16.73 -20.18
N MET C 286 28.11 -17.63 -19.27
CA MET C 286 26.80 -18.26 -19.24
C MET C 286 26.41 -18.55 -17.81
N GLY C 287 25.11 -18.62 -17.58
CA GLY C 287 24.60 -19.10 -16.32
C GLY C 287 23.76 -20.34 -16.53
N ARG C 288 23.53 -21.10 -15.47
CA ARG C 288 22.75 -22.33 -15.58
C ARG C 288 22.46 -22.83 -14.18
N THR C 289 21.38 -23.61 -14.07
CA THR C 289 21.10 -24.26 -12.81
C THR C 289 22.26 -25.17 -12.44
N ILE C 290 22.63 -25.17 -11.16
CA ILE C 290 23.67 -26.09 -10.71
C ILE C 290 23.22 -27.53 -10.90
N ASN C 291 21.96 -27.80 -10.56
CA ASN C 291 21.40 -29.13 -10.76
C ASN C 291 21.19 -29.39 -12.25
N GLU C 292 21.61 -30.56 -12.71
CA GLU C 292 21.58 -30.88 -14.14
C GLU C 292 20.20 -31.28 -14.64
N THR C 293 19.30 -31.72 -13.76
CA THR C 293 17.99 -32.20 -14.18
C THR C 293 16.83 -31.42 -13.60
N SER C 294 17.04 -30.68 -12.51
CA SER C 294 16.00 -29.85 -11.91
C SER C 294 16.51 -28.42 -11.79
N ARG C 295 15.60 -27.50 -11.51
CA ARG C 295 15.94 -26.08 -11.43
C ARG C 295 16.30 -25.74 -9.98
N LEU C 296 17.42 -26.31 -9.55
CA LEU C 296 17.94 -26.11 -8.21
C LEU C 296 19.32 -25.49 -8.31
N GLY C 297 19.55 -24.44 -7.52
CA GLY C 297 20.80 -23.73 -7.57
C GLY C 297 20.97 -22.95 -8.86
N TYR C 298 21.95 -22.05 -8.88
CA TYR C 298 22.28 -21.32 -10.09
C TYR C 298 23.73 -20.89 -10.03
N GLU C 299 24.44 -21.09 -11.14
CA GLU C 299 25.85 -20.77 -11.23
C GLU C 299 26.10 -20.03 -12.53
N THR C 300 27.14 -19.20 -12.51
CA THR C 300 27.65 -18.56 -13.71
C THR C 300 29.15 -18.79 -13.80
N PHE C 301 29.65 -18.88 -15.02
CA PHE C 301 31.07 -19.11 -15.22
C PHE C 301 31.41 -18.72 -16.65
N LYS C 302 32.71 -18.55 -16.89
CA LYS C 302 33.25 -18.35 -18.22
C LYS C 302 33.84 -19.66 -18.70
N VAL C 303 33.50 -20.06 -19.92
CA VAL C 303 34.06 -21.24 -20.54
C VAL C 303 35.10 -20.76 -21.56
N VAL C 304 36.37 -21.04 -21.28
CA VAL C 304 37.43 -20.61 -22.17
C VAL C 304 37.24 -21.26 -23.54
N GLU C 305 37.18 -20.43 -24.57
CA GLU C 305 36.88 -20.87 -25.94
C GLU C 305 35.48 -21.47 -26.05
N GLY C 306 34.63 -21.24 -25.06
CA GLY C 306 33.31 -21.83 -25.05
C GLY C 306 32.40 -21.33 -26.15
N TRP C 307 32.75 -20.24 -26.83
CA TRP C 307 31.93 -19.72 -27.90
C TRP C 307 32.31 -20.26 -29.27
N SER C 308 33.49 -20.84 -29.42
CA SER C 308 33.98 -21.28 -30.71
C SER C 308 34.39 -22.75 -30.76
N ASN C 309 34.83 -23.33 -29.66
CA ASN C 309 35.33 -24.71 -29.64
C ASN C 309 34.31 -25.59 -28.92
N PRO C 310 33.59 -26.47 -29.62
CA PRO C 310 32.59 -27.30 -28.94
C PRO C 310 33.18 -28.30 -27.97
N LYS C 311 34.48 -28.58 -28.05
CA LYS C 311 35.12 -29.52 -27.14
C LYS C 311 35.60 -28.86 -25.86
N SER C 312 35.45 -27.54 -25.73
CA SER C 312 35.98 -26.84 -24.58
C SER C 312 35.09 -27.07 -23.37
N LYS C 313 35.67 -27.64 -22.31
CA LYS C 313 35.04 -27.72 -21.01
C LYS C 313 35.87 -27.00 -19.95
N LEU C 314 36.79 -26.15 -20.38
CA LEU C 314 37.62 -25.38 -19.47
C LEU C 314 36.78 -24.25 -18.88
N GLN C 315 36.47 -24.37 -17.60
CA GLN C 315 35.63 -23.42 -16.89
C GLN C 315 36.49 -22.53 -16.01
N ILE C 316 36.05 -21.28 -15.81
CA ILE C 316 36.75 -20.35 -14.93
C ILE C 316 35.76 -19.30 -14.46
N ASN C 317 36.15 -18.59 -13.39
CA ASN C 317 35.36 -17.49 -12.85
C ASN C 317 33.97 -17.96 -12.43
N ARG C 318 33.89 -19.20 -11.94
CA ARG C 318 32.62 -19.70 -11.47
C ARG C 318 32.12 -18.86 -10.30
N GLN C 319 30.83 -18.54 -10.31
CA GLN C 319 30.17 -17.95 -9.16
C GLN C 319 28.87 -18.68 -8.91
N VAL C 320 28.66 -19.09 -7.66
CA VAL C 320 27.35 -19.59 -7.24
C VAL C 320 26.47 -18.37 -6.97
N ILE C 321 25.34 -18.32 -7.67
CA ILE C 321 24.34 -17.28 -7.40
C ILE C 321 23.28 -17.81 -6.45
N VAL C 322 22.83 -19.03 -6.67
CA VAL C 322 21.86 -19.71 -5.81
C VAL C 322 22.43 -21.08 -5.48
N ASP C 323 22.53 -21.38 -4.19
CA ASP C 323 23.09 -22.66 -3.78
C ASP C 323 22.26 -23.81 -4.34
N ARG C 324 22.92 -24.95 -4.56
CA ARG C 324 22.28 -26.05 -5.25
C ARG C 324 21.09 -26.62 -4.47
N GLY C 325 21.00 -26.35 -3.18
CA GLY C 325 19.83 -26.75 -2.42
C GLY C 325 18.64 -25.83 -2.58
N ASP C 326 18.84 -24.64 -3.14
CA ASP C 326 17.79 -23.63 -3.25
C ASP C 326 17.26 -23.59 -4.68
N ARG C 327 15.98 -23.29 -4.80
CA ARG C 327 15.31 -23.33 -6.09
C ARG C 327 15.76 -22.19 -6.99
N SER C 328 15.80 -22.48 -8.28
CA SER C 328 16.07 -21.48 -9.31
C SER C 328 14.92 -21.53 -10.32
N GLY C 329 15.08 -20.86 -11.45
CA GLY C 329 14.06 -20.91 -12.48
C GLY C 329 14.55 -20.30 -13.77
N TYR C 330 13.68 -19.55 -14.44
CA TYR C 330 14.10 -18.80 -15.60
C TYR C 330 15.20 -17.81 -15.22
N SER C 331 16.17 -17.66 -16.11
CA SER C 331 17.14 -16.59 -16.04
C SER C 331 17.24 -15.95 -17.41
N GLY C 332 17.65 -14.70 -17.43
CA GLY C 332 17.72 -13.97 -18.68
C GLY C 332 18.70 -12.83 -18.58
N ILE C 333 19.16 -12.41 -19.72
CA ILE C 333 20.14 -11.35 -19.81
C ILE C 333 19.41 -10.02 -19.95
N PHE C 334 20.05 -8.94 -19.49
CA PHE C 334 19.68 -7.61 -19.90
C PHE C 334 20.95 -6.77 -19.89
N SER C 335 20.96 -5.73 -20.71
CA SER C 335 22.16 -4.93 -20.94
C SER C 335 21.94 -3.51 -20.45
N VAL C 336 22.99 -2.94 -19.86
CA VAL C 336 22.95 -1.63 -19.24
C VAL C 336 24.10 -0.80 -19.80
N GLU C 337 23.76 0.37 -20.35
CA GLU C 337 24.77 1.24 -20.95
C GLU C 337 25.51 1.98 -19.83
N GLY C 338 26.81 1.70 -19.70
CA GLY C 338 27.66 2.42 -18.78
C GLY C 338 28.24 3.66 -19.42
N LYS C 339 29.19 4.27 -18.71
CA LYS C 339 29.83 5.48 -19.23
C LYS C 339 30.51 5.22 -20.57
N SER C 340 31.22 4.09 -20.67
CA SER C 340 32.01 3.80 -21.86
C SER C 340 31.79 2.40 -22.41
N CYS C 341 30.89 1.60 -21.83
CA CYS C 341 30.68 0.25 -22.34
C CYS C 341 29.21 -0.10 -22.27
N ILE C 342 28.89 -1.30 -22.78
CA ILE C 342 27.63 -1.97 -22.56
C ILE C 342 27.89 -3.10 -21.57
N ASN C 343 27.30 -3.01 -20.39
CA ASN C 343 27.45 -4.05 -19.39
C ASN C 343 26.40 -5.14 -19.63
N ARG C 344 26.78 -6.36 -19.31
CA ARG C 344 25.86 -7.49 -19.32
C ARG C 344 25.42 -7.78 -17.90
N CYS C 345 24.11 -7.90 -17.71
CA CYS C 345 23.53 -8.25 -16.42
C CYS C 345 22.59 -9.43 -16.63
N PHE C 346 22.27 -10.12 -15.54
CA PHE C 346 21.32 -11.21 -15.64
C PHE C 346 20.51 -11.26 -14.36
N TYR C 347 19.28 -11.73 -14.49
CA TYR C 347 18.39 -12.01 -13.38
C TYR C 347 18.20 -13.51 -13.28
N VAL C 348 17.77 -13.96 -12.11
CA VAL C 348 17.39 -15.35 -11.91
C VAL C 348 16.01 -15.37 -11.26
N GLU C 349 15.09 -16.10 -11.86
CA GLU C 349 13.80 -16.34 -11.25
C GLU C 349 13.96 -17.39 -10.16
N LEU C 350 13.47 -17.09 -8.97
CA LEU C 350 13.59 -17.96 -7.81
C LEU C 350 12.20 -18.54 -7.55
N ILE C 351 11.90 -19.64 -8.22
CA ILE C 351 10.56 -20.21 -8.20
C ILE C 351 10.34 -20.92 -6.87
N ARG C 352 9.20 -20.62 -6.23
CA ARG C 352 8.78 -21.31 -5.01
C ARG C 352 7.34 -21.75 -5.16
N GLY C 353 6.99 -22.80 -4.43
CA GLY C 353 5.62 -23.29 -4.40
C GLY C 353 5.39 -24.44 -5.36
N ARG C 354 4.11 -24.61 -5.70
CA ARG C 354 3.69 -25.75 -6.50
C ARG C 354 4.34 -25.72 -7.88
N LYS C 355 4.56 -26.90 -8.46
CA LYS C 355 4.20 -28.22 -7.94
C LYS C 355 5.24 -28.77 -6.95
N GLU C 356 6.49 -28.33 -7.11
CA GLU C 356 7.59 -28.95 -6.37
C GLU C 356 7.37 -28.86 -4.86
N GLU C 357 6.95 -27.70 -4.38
CA GLU C 357 6.76 -27.46 -2.96
C GLU C 357 5.27 -27.43 -2.66
N THR C 358 4.79 -28.45 -1.96
CA THR C 358 3.37 -28.61 -1.66
C THR C 358 2.96 -27.94 -0.35
N GLU C 359 3.90 -27.37 0.41
CA GLU C 359 3.52 -26.69 1.64
C GLU C 359 2.56 -25.54 1.38
N VAL C 360 2.55 -25.00 0.17
CA VAL C 360 1.64 -23.93 -0.22
C VAL C 360 0.86 -24.37 -1.45
N LEU C 361 -0.25 -23.68 -1.70
CA LEU C 361 -1.08 -23.95 -2.87
C LEU C 361 -0.67 -23.17 -4.10
N TRP C 362 0.09 -22.09 -3.93
CA TRP C 362 0.38 -21.15 -5.00
C TRP C 362 1.74 -21.44 -5.63
N THR C 363 1.96 -20.83 -6.79
CA THR C 363 3.24 -20.88 -7.49
C THR C 363 3.66 -19.45 -7.81
N SER C 364 4.79 -19.01 -7.27
CA SER C 364 5.26 -17.66 -7.50
C SER C 364 6.79 -17.68 -7.54
N ASN C 365 7.37 -16.49 -7.54
CA ASN C 365 8.83 -16.38 -7.61
C ASN C 365 9.27 -15.09 -6.94
N SER C 366 10.52 -15.10 -6.49
CA SER C 366 11.28 -13.90 -6.24
C SER C 366 12.34 -13.78 -7.32
N ILE C 367 13.13 -12.71 -7.29
CA ILE C 367 14.17 -12.52 -8.28
CA ILE C 367 14.16 -12.47 -8.28
C ILE C 367 15.43 -12.04 -7.58
N VAL C 368 16.57 -12.40 -8.16
CA VAL C 368 17.87 -11.88 -7.77
C VAL C 368 18.56 -11.44 -9.06
N VAL C 369 19.21 -10.28 -9.02
CA VAL C 369 19.74 -9.65 -10.20
C VAL C 369 21.23 -9.37 -9.99
N PHE C 370 22.05 -9.82 -10.92
CA PHE C 370 23.49 -9.61 -10.89
C PHE C 370 23.90 -8.87 -12.15
N CYS C 371 24.95 -8.08 -12.04
CA CYS C 371 25.45 -7.28 -13.15
C CYS C 371 26.93 -7.54 -13.36
N GLY C 372 27.34 -7.55 -14.63
CA GLY C 372 28.74 -7.74 -14.93
C GLY C 372 29.59 -6.67 -14.28
N THR C 373 30.78 -7.06 -13.84
CA THR C 373 31.73 -6.16 -13.22
C THR C 373 33.11 -6.39 -13.80
N SER C 374 33.87 -5.32 -13.98
CA SER C 374 35.30 -5.41 -14.26
C SER C 374 36.13 -5.40 -13.00
N GLY C 375 35.53 -5.16 -11.83
CA GLY C 375 36.24 -5.14 -10.58
C GLY C 375 36.42 -6.52 -10.01
N THR C 376 36.35 -6.64 -8.69
CA THR C 376 36.50 -7.92 -8.01
C THR C 376 35.27 -8.20 -7.14
N TYR C 377 35.12 -9.46 -6.76
CA TYR C 377 33.95 -9.93 -6.05
C TYR C 377 34.34 -11.17 -5.25
N GLY C 378 33.51 -11.49 -4.26
CA GLY C 378 33.74 -12.66 -3.43
C GLY C 378 32.81 -13.79 -3.77
N THR C 379 32.15 -14.34 -2.75
CA THR C 379 31.20 -15.42 -2.94
C THR C 379 29.99 -15.20 -2.05
N GLY C 380 28.89 -15.84 -2.41
CA GLY C 380 27.71 -15.83 -1.60
C GLY C 380 26.65 -16.69 -2.21
N SER C 381 25.45 -16.60 -1.65
CA SER C 381 24.28 -17.28 -2.19
C SER C 381 23.07 -16.45 -1.81
N TRP C 382 22.22 -16.17 -2.79
CA TRP C 382 21.08 -15.28 -2.62
C TRP C 382 19.82 -15.98 -3.11
N PRO C 383 19.37 -17.00 -2.39
CA PRO C 383 18.13 -17.69 -2.74
C PRO C 383 16.93 -16.87 -2.32
N ASP C 384 15.74 -17.40 -2.61
CA ASP C 384 14.51 -16.70 -2.25
C ASP C 384 14.41 -16.52 -0.74
N GLY C 385 14.65 -17.59 0.01
CA GLY C 385 14.67 -17.53 1.45
C GLY C 385 13.31 -17.52 2.13
N ALA C 386 12.24 -17.86 1.43
CA ALA C 386 10.94 -17.97 2.06
C ALA C 386 10.82 -19.32 2.75
N ASP C 387 10.40 -19.30 4.01
CA ASP C 387 10.15 -20.52 4.77
C ASP C 387 8.70 -20.93 4.53
N LEU C 388 8.48 -21.69 3.46
CA LEU C 388 7.13 -22.04 3.05
C LEU C 388 6.39 -22.86 4.10
N ASN C 389 7.12 -23.55 4.99
CA ASN C 389 6.46 -24.28 6.06
C ASN C 389 5.67 -23.34 6.96
N LEU C 390 6.23 -22.16 7.24
CA LEU C 390 5.56 -21.17 8.07
C LEU C 390 4.50 -20.37 7.31
N MET C 391 4.44 -20.50 6.00
CA MET C 391 3.42 -19.82 5.20
C MET C 391 2.24 -20.74 4.92
N GLY D 2 48.90 -20.74 6.29
CA GLY D 2 49.02 -21.15 7.73
C GLY D 2 49.17 -22.64 7.90
N ARG D 3 50.10 -23.05 8.77
CA ARG D 3 50.37 -24.46 9.00
C ARG D 3 50.78 -24.65 10.46
N LEU D 4 50.30 -25.74 11.06
CA LEU D 4 50.65 -26.11 12.42
C LEU D 4 51.36 -27.46 12.41
N GLN D 5 52.35 -27.61 13.27
CA GLN D 5 53.18 -28.82 13.35
C GLN D 5 53.38 -29.18 14.82
N GLU D 6 52.61 -30.18 15.28
CA GLU D 6 52.76 -30.65 16.64
C GLU D 6 54.04 -31.47 16.78
N SER D 7 54.51 -31.58 18.01
CA SER D 7 55.71 -32.35 18.31
C SER D 7 55.74 -32.66 19.80
N GLY D 8 56.66 -33.54 20.19
CA GLY D 8 56.81 -33.97 21.56
C GLY D 8 56.03 -35.21 21.93
N GLY D 9 55.17 -35.69 21.04
CA GLY D 9 54.44 -36.91 21.33
C GLY D 9 55.34 -38.14 21.32
N GLY D 10 54.95 -39.13 22.10
CA GLY D 10 55.74 -40.34 22.19
C GLY D 10 55.18 -41.27 23.24
N VAL D 11 55.98 -42.27 23.59
CA VAL D 11 55.58 -43.25 24.60
C VAL D 11 55.87 -42.66 25.98
N VAL D 12 54.83 -42.61 26.82
CA VAL D 12 54.94 -42.08 28.16
C VAL D 12 54.39 -43.12 29.13
N GLN D 13 55.14 -43.39 30.20
CA GLN D 13 54.66 -44.37 31.16
C GLN D 13 53.55 -43.77 32.02
N PRO D 14 52.59 -44.60 32.48
CA PRO D 14 51.50 -44.09 33.31
C PRO D 14 51.98 -43.28 34.51
N ARG D 16 53.73 -40.05 34.87
CA ARG D 16 54.80 -39.27 34.26
C ARG D 16 54.23 -38.10 33.46
N SER D 17 55.11 -37.26 32.92
CA SER D 17 54.71 -36.05 32.23
C SER D 17 55.25 -36.06 30.81
N LEU D 18 54.64 -35.24 29.97
CA LEU D 18 55.05 -35.13 28.56
C LEU D 18 54.59 -33.77 28.05
N THR D 19 55.51 -32.99 27.48
CA THR D 19 55.21 -31.66 26.97
C THR D 19 55.02 -31.73 25.47
N LEU D 20 53.81 -31.43 25.01
CA LEU D 20 53.52 -31.33 23.59
C LEU D 20 53.76 -29.90 23.11
N SER D 21 54.36 -29.78 21.93
CA SER D 21 54.63 -28.49 21.33
C SER D 21 53.93 -28.40 19.98
N CYS D 22 53.47 -27.18 19.66
CA CYS D 22 52.80 -26.91 18.39
C CYS D 22 53.41 -25.66 17.79
N ALA D 23 54.15 -25.81 16.70
CA ALA D 23 54.81 -24.70 16.04
C ALA D 23 53.96 -24.22 14.87
N ALA D 24 53.71 -22.92 14.82
CA ALA D 24 52.93 -22.31 13.76
C ALA D 24 53.86 -21.70 12.73
N SER D 25 53.56 -21.94 11.46
CA SER D 25 54.30 -21.38 10.34
C SER D 25 53.33 -20.82 9.32
N GLY D 26 53.70 -19.69 8.72
CA GLY D 26 52.84 -19.00 7.78
C GLY D 26 51.87 -18.02 8.41
N PHE D 27 51.82 -17.95 9.74
CA PHE D 27 50.94 -17.00 10.41
C PHE D 27 51.47 -16.79 11.83
N THR D 28 51.01 -15.72 12.47
CA THR D 28 51.43 -15.38 13.82
C THR D 28 50.48 -16.00 14.83
N LEU D 29 51.03 -16.77 15.76
CA LEU D 29 50.20 -17.43 16.76
C LEU D 29 49.41 -16.43 17.59
N GLU D 30 49.97 -15.24 17.81
CA GLU D 30 49.27 -14.22 18.59
C GLU D 30 47.94 -13.83 17.99
N THR D 31 47.74 -14.08 16.70
CA THR D 31 46.51 -13.69 16.02
C THR D 31 45.33 -14.60 16.33
N TYR D 32 45.57 -15.78 16.89
CA TYR D 32 44.55 -16.82 16.93
C TYR D 32 44.43 -17.43 18.32
N THR D 33 43.19 -17.64 18.75
CA THR D 33 42.93 -18.60 19.82
C THR D 33 43.43 -19.97 19.37
N MET D 34 44.11 -20.68 20.27
CA MET D 34 44.70 -21.97 19.96
C MET D 34 44.08 -23.04 20.85
N HIS D 35 43.72 -24.16 20.24
CA HIS D 35 43.11 -25.28 20.92
C HIS D 35 43.99 -26.52 20.81
N TRP D 36 43.85 -27.41 21.78
CA TRP D 36 44.37 -28.77 21.69
C TRP D 36 43.17 -29.71 21.61
N VAL D 37 43.12 -30.51 20.55
CA VAL D 37 42.05 -31.48 20.34
C VAL D 37 42.68 -32.84 20.13
N ARG D 38 42.28 -33.82 20.94
CA ARG D 38 42.81 -35.17 20.86
C ARG D 38 41.77 -36.12 20.30
N GLN D 39 42.26 -37.16 19.63
CA GLN D 39 41.41 -38.17 19.01
C GLN D 39 41.89 -39.53 19.48
N THR D 40 41.03 -40.25 20.20
CA THR D 40 41.37 -41.56 20.72
C THR D 40 41.10 -42.65 19.67
N GLY D 44 36.58 -40.58 18.50
CA GLY D 44 36.26 -39.32 17.85
C GLY D 44 37.09 -38.17 18.36
N LEU D 45 36.67 -36.94 18.05
CA LEU D 45 37.39 -35.75 18.47
C LEU D 45 36.95 -35.34 19.87
N GLU D 46 37.93 -34.90 20.66
CA GLU D 46 37.70 -34.53 22.06
C GLU D 46 38.52 -33.29 22.35
N TRP D 47 37.84 -32.15 22.55
CA TRP D 47 38.54 -30.93 22.91
C TRP D 47 39.24 -31.11 24.25
N VAL D 48 40.50 -30.64 24.32
CA VAL D 48 41.33 -30.80 25.52
C VAL D 48 41.50 -29.46 26.23
N ALA D 49 42.09 -28.47 25.56
CA ALA D 49 42.37 -27.19 26.21
C ALA D 49 42.49 -26.12 25.14
N VAL D 50 42.39 -24.87 25.58
CA VAL D 50 42.48 -23.72 24.70
C VAL D 50 43.38 -22.67 25.35
N SER D 51 44.06 -21.89 24.51
CA SER D 51 44.92 -20.81 24.97
C SER D 51 44.49 -19.53 24.27
N SER D 52 44.31 -18.47 25.05
CA SER D 52 43.89 -17.19 24.49
C SER D 52 45.00 -16.61 23.62
N LYS D 53 44.62 -15.63 22.80
CA LYS D 53 45.58 -15.03 21.86
C LYS D 53 46.76 -14.42 22.60
N ASP D 54 46.50 -13.69 23.69
CA ASP D 54 47.57 -13.07 24.45
C ASP D 54 48.32 -14.05 25.33
N GLY D 55 47.85 -15.29 25.45
CA GLY D 55 48.52 -16.27 26.28
C GLY D 55 48.30 -16.10 27.76
N ASN D 56 47.30 -15.31 28.16
CA ASN D 56 47.05 -15.05 29.58
C ASN D 56 45.82 -15.77 30.12
N ASN D 57 45.01 -16.39 29.25
CA ASN D 57 43.81 -17.07 29.67
C ASN D 57 43.74 -18.46 29.03
N VAL D 58 43.18 -19.40 29.77
CA VAL D 58 43.08 -20.79 29.32
C VAL D 58 41.79 -21.39 29.82
N TYR D 59 41.28 -22.37 29.08
CA TYR D 59 40.24 -23.26 29.54
C TYR D 59 40.71 -24.69 29.35
N TYR D 60 40.24 -25.59 30.20
CA TYR D 60 40.63 -26.99 30.15
C TYR D 60 39.40 -27.88 30.13
N ARG D 61 39.54 -29.03 29.47
CA ARG D 61 38.56 -30.09 29.63
C ARG D 61 38.53 -30.53 31.09
N ASP D 62 37.34 -30.89 31.59
CA ASP D 62 37.21 -31.22 32.99
C ASP D 62 38.14 -32.36 33.39
N SER D 63 38.22 -33.40 32.55
CA SER D 63 39.01 -34.58 32.89
C SER D 63 40.52 -34.31 32.92
N VAL D 64 40.97 -33.18 32.39
CA VAL D 64 42.39 -32.84 32.39
C VAL D 64 42.70 -31.66 33.31
N LYS D 65 41.69 -31.04 33.90
CA LYS D 65 41.94 -29.91 34.80
C LYS D 65 42.81 -30.35 35.97
N GLY D 66 43.84 -29.55 36.26
CA GLY D 66 44.78 -29.88 37.31
C GLY D 66 45.88 -30.82 36.89
N ARG D 67 45.84 -31.34 35.68
CA ARG D 67 46.87 -32.23 35.15
C ARG D 67 47.57 -31.63 33.94
N PHE D 68 46.80 -31.09 33.00
CA PHE D 68 47.35 -30.48 31.79
C PHE D 68 47.46 -28.98 31.97
N THR D 69 48.58 -28.42 31.52
CA THR D 69 48.78 -26.97 31.49
C THR D 69 49.06 -26.56 30.06
N VAL D 70 48.22 -25.68 29.52
CA VAL D 70 48.37 -25.18 28.16
C VAL D 70 48.96 -23.78 28.23
N SER D 71 50.03 -23.55 27.47
CA SER D 71 50.69 -22.26 27.43
C SER D 71 51.15 -22.00 25.99
N ARG D 72 51.63 -20.79 25.75
CA ARG D 72 52.11 -20.41 24.43
C ARG D 72 53.25 -19.41 24.59
N ASP D 73 54.05 -19.29 23.53
CA ASP D 73 55.05 -18.24 23.40
C ASP D 73 54.82 -17.61 22.03
N ASN D 74 54.08 -16.50 22.01
CA ASN D 74 53.73 -15.87 20.74
C ASN D 74 54.96 -15.42 19.99
N SER D 75 56.05 -15.09 20.70
CA SER D 75 57.29 -14.74 20.03
C SER D 75 57.83 -15.92 19.23
N LYS D 76 57.77 -17.12 19.80
CA LYS D 76 58.25 -18.32 19.13
C LYS D 76 57.20 -18.96 18.24
N ASN D 77 55.98 -18.43 18.19
CA ASN D 77 54.90 -19.02 17.40
C ASN D 77 54.68 -20.48 17.79
N THR D 78 54.79 -20.77 19.08
CA THR D 78 54.71 -22.14 19.59
C THR D 78 53.65 -22.22 20.67
N LEU D 79 52.76 -23.21 20.54
CA LEU D 79 51.78 -23.54 21.56
C LEU D 79 52.23 -24.79 22.30
N PHE D 80 52.04 -24.79 23.62
CA PHE D 80 52.49 -25.89 24.47
C PHE D 80 51.31 -26.49 25.22
N LEU D 81 51.40 -27.81 25.46
CA LEU D 81 50.50 -28.51 26.37
C LEU D 81 51.36 -29.33 27.32
N GLN D 82 51.50 -28.86 28.55
CA GLN D 82 52.26 -29.56 29.58
C GLN D 82 51.35 -30.60 30.22
N MET D 83 51.59 -31.87 29.90
CA MET D 83 50.76 -32.97 30.39
C MET D 83 51.45 -33.60 31.59
N ASN D 84 50.73 -33.69 32.70
CA ASN D 84 51.25 -34.26 33.94
C ASN D 84 50.28 -35.30 34.46
N HIS D 85 50.82 -36.30 35.16
CA HIS D 85 50.04 -37.39 35.72
C HIS D 85 49.20 -38.06 34.63
N LEU D 86 49.89 -38.52 33.60
CA LEU D 86 49.23 -39.09 32.43
C LEU D 86 48.69 -40.47 32.76
N ARG D 87 47.41 -40.69 32.47
CA ARG D 87 46.78 -41.98 32.73
C ARG D 87 46.70 -42.79 31.44
N ASP D 90 44.62 -40.77 28.49
CA ASP D 90 45.19 -39.66 27.73
C ASP D 90 45.78 -40.14 26.41
N THR D 91 45.87 -41.45 26.24
CA THR D 91 46.35 -42.02 24.98
C THR D 91 45.46 -41.57 23.83
N ALA D 92 46.04 -40.85 22.88
CA ALA D 92 45.26 -40.31 21.76
C ALA D 92 46.21 -39.60 20.81
N LEU D 93 45.70 -39.29 19.63
CA LEU D 93 46.37 -38.41 18.68
C LEU D 93 45.97 -36.98 18.99
N TYR D 94 46.93 -36.16 19.39
CA TYR D 94 46.68 -34.80 19.86
C TYR D 94 46.86 -33.82 18.71
N TYR D 95 45.79 -33.12 18.36
CA TYR D 95 45.80 -32.12 17.30
C TYR D 95 45.89 -30.72 17.90
N CYS D 96 46.59 -29.84 17.19
CA CYS D 96 46.68 -28.43 17.53
C CYS D 96 45.94 -27.65 16.46
N ALA D 97 44.92 -26.89 16.88
CA ALA D 97 44.03 -26.20 15.96
C ALA D 97 43.82 -24.77 16.40
N ARG D 98 43.65 -23.88 15.42
CA ARG D 98 43.47 -22.46 15.66
C ARG D 98 42.04 -22.06 15.36
N GLY D 99 41.52 -21.11 16.14
CA GLY D 99 40.24 -20.49 15.89
C GLY D 99 39.23 -20.82 16.97
N SER D 100 37.96 -20.56 16.64
CA SER D 100 36.83 -20.86 17.52
C SER D 100 37.01 -20.18 18.88
N ASP D 101 37.01 -18.85 18.85
CA ASP D 101 37.16 -18.10 20.09
C ASP D 101 35.98 -18.35 21.02
N PRO D 102 36.21 -18.37 22.34
CA PRO D 102 35.08 -18.43 23.27
C PRO D 102 34.35 -17.10 23.33
N ASP D 103 33.34 -17.00 24.18
CA ASP D 103 32.56 -15.77 24.30
C ASP D 103 33.27 -14.79 25.24
N TYR D 104 33.51 -13.58 24.76
CA TYR D 104 34.20 -12.59 25.59
C TYR D 104 33.44 -12.30 26.88
N ASP D 105 32.13 -12.46 26.87
CA ASP D 105 31.34 -12.15 28.07
C ASP D 105 31.70 -13.07 29.23
N LYS D 106 32.37 -14.19 28.96
CA LYS D 106 32.80 -15.11 30.00
C LYS D 106 34.23 -14.89 30.45
N GLY D 107 34.89 -13.84 29.94
CA GLY D 107 36.20 -13.47 30.42
C GLY D 107 37.18 -13.10 29.32
N TRP D 108 37.07 -13.76 28.16
CA TRP D 108 37.94 -13.45 27.04
C TRP D 108 37.38 -14.09 25.79
N GLY D 109 37.82 -13.58 24.63
CA GLY D 109 37.44 -14.12 23.35
C GLY D 109 36.72 -13.07 22.50
N ALA D 110 35.75 -13.54 21.73
CA ALA D 110 35.04 -12.70 20.78
C ALA D 110 33.87 -11.99 21.42
N TYR D 111 33.59 -10.78 20.93
CA TYR D 111 32.42 -10.00 21.36
C TYR D 111 31.23 -10.46 20.52
N ARG D 112 30.53 -11.49 21.01
CA ARG D 112 29.41 -12.04 20.26
C ARG D 112 28.23 -11.09 20.21
N ASN D 113 28.13 -10.14 21.14
CA ASN D 113 27.00 -9.23 21.21
C ASN D 113 27.21 -7.95 20.41
N THR D 114 28.35 -7.79 19.76
CA THR D 114 28.56 -6.63 18.92
C THR D 114 27.66 -6.70 17.69
N ASP D 115 27.49 -5.55 17.04
CA ASP D 115 26.56 -5.48 15.92
C ASP D 115 27.01 -6.37 14.77
N ARG D 116 28.32 -6.46 14.54
CA ARG D 116 28.89 -7.28 13.48
C ARG D 116 29.68 -8.43 14.09
N PRO D 117 29.00 -9.41 14.70
CA PRO D 117 29.74 -10.55 15.27
C PRO D 117 30.41 -11.36 14.18
N SER D 118 31.56 -11.93 14.53
CA SER D 118 32.31 -12.77 13.61
C SER D 118 32.65 -14.08 14.32
N TYR D 119 32.80 -15.13 13.52
CA TYR D 119 33.24 -16.41 14.05
C TYR D 119 34.09 -17.11 13.00
N ASP D 120 35.15 -17.75 13.46
CA ASP D 120 35.94 -18.65 12.63
C ASP D 120 36.05 -19.98 13.35
N GLY D 121 35.78 -21.07 12.64
CA GLY D 121 35.94 -22.39 13.20
C GLY D 121 37.40 -22.75 13.32
N LEU D 122 37.65 -24.04 13.56
CA LEU D 122 39.01 -24.57 13.62
C LEU D 122 39.48 -24.79 12.19
N ASP D 123 39.85 -23.70 11.53
CA ASP D 123 40.12 -23.73 10.10
C ASP D 123 41.50 -24.27 9.76
N VAL D 124 42.41 -24.36 10.73
CA VAL D 124 43.75 -24.90 10.51
C VAL D 124 44.05 -25.89 11.63
N TRP D 125 44.45 -27.09 11.24
CA TRP D 125 44.86 -28.13 12.18
C TRP D 125 46.25 -28.62 11.82
N GLY D 126 46.98 -29.05 12.84
CA GLY D 126 48.21 -29.77 12.59
C GLY D 126 47.95 -31.21 12.22
N GLN D 127 49.01 -31.90 11.80
CA GLN D 127 48.88 -33.31 11.47
C GLN D 127 48.66 -34.17 12.71
N GLY D 128 48.96 -33.64 13.89
CA GLY D 128 48.76 -34.36 15.13
C GLY D 128 49.96 -35.18 15.55
N THR D 129 50.24 -35.21 16.85
CA THR D 129 51.33 -36.00 17.41
C THR D 129 50.73 -37.07 18.32
N THR D 130 51.17 -38.30 18.13
CA THR D 130 50.61 -39.43 18.87
C THR D 130 51.20 -39.48 20.27
N VAL D 131 50.34 -39.71 21.26
CA VAL D 131 50.75 -39.87 22.65
C VAL D 131 50.16 -41.18 23.16
N THR D 132 51.01 -42.03 23.72
CA THR D 132 50.56 -43.31 24.25
C THR D 132 51.22 -43.60 25.61
N ILE E 2 27.06 -29.02 26.67
CA ILE E 2 26.08 -29.44 25.61
C ILE E 2 26.49 -30.78 25.03
N VAL E 3 25.54 -31.68 24.91
CA VAL E 3 25.76 -32.99 24.29
C VAL E 3 25.42 -32.87 22.81
N MET E 4 26.29 -33.43 21.97
CA MET E 4 26.15 -33.33 20.52
C MET E 4 25.89 -34.75 20.01
N THR E 5 24.69 -34.98 19.47
CA THR E 5 24.28 -36.29 18.99
C THR E 5 24.22 -36.26 17.47
N GLN E 6 25.00 -37.12 16.83
CA GLN E 6 25.02 -37.24 15.38
C GLN E 6 24.27 -38.48 14.93
N SER E 7 23.63 -38.38 13.78
CA SER E 7 22.90 -39.51 13.23
C SER E 7 22.81 -39.37 11.71
N PRO E 8 23.06 -40.44 10.94
CA PRO E 8 23.49 -41.79 11.36
C PRO E 8 24.97 -41.81 11.74
N LEU E 9 25.41 -42.80 12.52
CA LEU E 9 26.82 -42.94 12.81
C LEU E 9 27.61 -43.55 11.65
N PHE E 10 26.91 -44.23 10.74
CA PHE E 10 27.52 -44.78 9.54
C PHE E 10 26.60 -44.50 8.37
N LEU E 11 27.18 -44.06 7.25
CA LEU E 11 26.41 -43.72 6.07
C LEU E 11 27.14 -44.27 4.84
N SER E 12 26.39 -44.95 3.98
CA SER E 12 26.91 -45.48 2.72
C SER E 12 26.26 -44.67 1.59
N VAL E 13 27.10 -44.10 0.73
CA VAL E 13 26.66 -43.14 -0.27
C VAL E 13 27.05 -43.65 -1.65
N THR E 14 26.08 -43.70 -2.55
CA THR E 14 26.39 -44.02 -3.95
C THR E 14 27.01 -42.78 -4.62
N PRO E 15 28.10 -42.95 -5.38
CA PRO E 15 28.70 -41.78 -6.02
C PRO E 15 27.70 -41.02 -6.87
N GLY E 16 27.71 -39.69 -6.74
CA GLY E 16 26.84 -38.83 -7.49
C GLY E 16 25.52 -38.51 -6.82
N GLU E 17 25.12 -39.28 -5.81
CA GLU E 17 23.89 -39.01 -5.08
C GLU E 17 24.16 -38.08 -3.91
N SER E 18 23.11 -37.73 -3.18
CA SER E 18 23.21 -36.83 -2.04
C SER E 18 23.28 -37.62 -0.74
N ALA E 19 23.97 -37.05 0.24
CA ALA E 19 24.09 -37.63 1.57
C ALA E 19 23.81 -36.56 2.60
N SER E 20 22.98 -36.90 3.60
CA SER E 20 22.62 -35.98 4.66
C SER E 20 23.05 -36.55 6.00
N ILE E 21 23.69 -35.74 6.82
CA ILE E 21 24.08 -36.10 8.17
C ILE E 21 23.39 -35.13 9.13
N SER E 22 22.68 -35.69 10.10
CA SER E 22 21.96 -34.89 11.08
C SER E 22 22.79 -34.78 12.35
N CYS E 23 22.63 -33.66 13.05
CA CYS E 23 23.34 -33.42 14.30
C CYS E 23 22.40 -32.67 15.23
N ARG E 24 22.23 -33.18 16.45
CA ARG E 24 21.30 -32.60 17.41
C ARG E 24 22.03 -32.27 18.70
N SER E 25 21.83 -31.06 19.20
CA SER E 25 22.42 -30.61 20.45
C SER E 25 21.40 -30.71 21.58
N SER E 26 21.91 -30.97 22.78
CA SER E 26 21.04 -31.02 23.95
C SER E 26 20.43 -29.65 24.24
N GLN E 27 21.12 -28.58 23.85
CA GLN E 27 20.65 -27.21 24.03
C GLN E 27 20.75 -26.47 22.71
N SER E 28 19.93 -25.43 22.58
CA SER E 28 19.95 -24.60 21.38
C SER E 28 21.31 -23.97 21.20
N LEU E 29 21.85 -24.06 19.98
CA LEU E 29 23.10 -23.41 19.62
C LEU E 29 22.89 -22.02 19.03
N LEU E 30 21.65 -21.53 19.02
CA LEU E 30 21.34 -20.22 18.46
C LEU E 30 21.66 -19.15 19.49
N HIS E 31 22.66 -18.33 19.20
CA HIS E 31 23.01 -17.22 20.07
C HIS E 31 22.02 -16.07 19.88
N SER E 32 21.98 -15.18 20.87
CA SER E 32 21.09 -14.02 20.81
C SER E 32 21.42 -13.12 19.62
N ASN E 33 22.65 -13.19 19.10
CA ASN E 33 23.03 -12.44 17.91
C ASN E 33 22.51 -13.06 16.62
N GLY E 34 21.71 -14.12 16.72
CA GLY E 34 21.06 -14.71 15.58
C GLY E 34 21.82 -15.81 14.86
N TYR E 35 23.02 -16.14 15.31
CA TYR E 35 23.87 -17.11 14.64
C TYR E 35 23.92 -18.40 15.46
N ASN E 36 23.87 -19.53 14.76
CA ASN E 36 23.98 -20.84 15.38
C ASN E 36 25.46 -21.22 15.44
N TYR E 37 26.01 -21.31 16.64
CA TYR E 37 27.44 -21.60 16.81
C TYR E 37 27.64 -23.11 16.68
N LEU E 38 27.53 -23.57 15.44
CA LEU E 38 27.65 -24.98 15.10
C LEU E 38 28.59 -25.10 13.92
N ASP E 39 29.63 -25.92 14.06
CA ASP E 39 30.59 -26.17 13.01
C ASP E 39 30.48 -27.61 12.53
N TRP E 40 30.90 -27.83 11.28
CA TRP E 40 31.04 -29.16 10.71
C TRP E 40 32.48 -29.36 10.29
N TYR E 41 33.03 -30.52 10.63
CA TYR E 41 34.41 -30.87 10.31
C TYR E 41 34.43 -32.21 9.60
N LEU E 42 35.32 -32.34 8.62
CA LEU E 42 35.53 -33.59 7.91
C LEU E 42 36.94 -34.07 8.17
N GLN E 43 37.07 -35.30 8.65
CA GLN E 43 38.37 -35.95 8.82
C GLN E 43 38.46 -37.05 7.78
N LYS E 44 39.10 -36.74 6.65
CA LYS E 44 39.31 -37.75 5.62
C LYS E 44 40.29 -38.80 6.14
N PRO E 45 40.22 -40.03 5.60
CA PRO E 45 41.06 -41.10 6.13
C PRO E 45 42.54 -40.74 6.17
N GLY E 46 43.12 -40.75 7.38
CA GLY E 46 44.53 -40.47 7.56
C GLY E 46 44.88 -39.00 7.65
N GLN E 47 43.96 -38.11 7.36
CA GLN E 47 44.21 -36.67 7.38
C GLN E 47 43.73 -36.06 8.68
N SER E 48 44.16 -34.83 8.93
CA SER E 48 43.66 -34.07 10.06
C SER E 48 42.29 -33.50 9.73
N PRO E 49 41.48 -33.18 10.75
CA PRO E 49 40.16 -32.60 10.47
C PRO E 49 40.29 -31.28 9.73
N GLN E 50 39.32 -31.04 8.84
CA GLN E 50 39.23 -29.78 8.11
C GLN E 50 37.86 -29.17 8.35
N LEU E 51 37.82 -27.85 8.48
CA LEU E 51 36.56 -27.15 8.67
C LEU E 51 35.79 -27.13 7.36
N LEU E 52 34.56 -27.63 7.40
CA LEU E 52 33.64 -27.54 6.26
C LEU E 52 32.67 -26.38 6.39
N ILE E 53 31.97 -26.31 7.52
CA ILE E 53 30.93 -25.32 7.76
C ILE E 53 31.14 -24.72 9.13
N TYR E 54 30.92 -23.42 9.24
CA TYR E 54 30.89 -22.74 10.52
C TYR E 54 29.60 -21.94 10.61
N TRP E 55 29.18 -21.67 11.84
CA TRP E 55 27.94 -20.95 12.08
C TRP E 55 26.77 -21.61 11.34
N GLY E 56 26.72 -22.92 11.40
CA GLY E 56 25.60 -23.67 10.84
C GLY E 56 25.53 -23.82 9.33
N SER E 57 25.73 -22.72 8.59
CA SER E 57 25.51 -22.76 7.16
C SER E 57 26.59 -22.04 6.34
N ASN E 58 27.66 -21.56 6.98
CA ASN E 58 28.70 -20.81 6.29
C ASN E 58 29.82 -21.76 5.90
N ARG E 59 30.00 -21.95 4.59
CA ARG E 59 31.09 -22.77 4.11
C ARG E 59 32.44 -22.10 4.35
N ALA E 60 33.42 -22.89 4.77
CA ALA E 60 34.78 -22.38 4.91
C ALA E 60 35.38 -22.09 3.53
N SER E 61 36.42 -21.27 3.54
CA SER E 61 37.06 -20.89 2.28
C SER E 61 37.54 -22.10 1.52
N GLY E 62 37.25 -22.14 0.22
CA GLY E 62 37.68 -23.22 -0.63
C GLY E 62 36.89 -24.50 -0.50
N VAL E 63 35.90 -24.55 0.39
CA VAL E 63 35.07 -25.74 0.54
C VAL E 63 34.06 -25.78 -0.60
N SER E 64 33.92 -26.94 -1.22
CA SER E 64 32.99 -27.09 -2.32
C SER E 64 31.57 -26.75 -1.87
N ASP E 65 30.83 -26.07 -2.74
CA ASP E 65 29.42 -25.79 -2.48
C ASP E 65 28.56 -27.04 -2.53
N ARG E 66 29.17 -28.22 -2.74
CA ARG E 66 28.45 -29.48 -2.56
C ARG E 66 28.10 -29.71 -1.10
N PHE E 67 28.88 -29.16 -0.18
CA PHE E 67 28.59 -29.26 1.25
C PHE E 67 27.65 -28.13 1.65
N SER E 68 26.52 -28.48 2.24
CA SER E 68 25.49 -27.51 2.62
C SER E 68 25.09 -27.74 4.06
N GLY E 69 25.36 -26.77 4.92
CA GLY E 69 24.92 -26.83 6.31
C GLY E 69 23.60 -26.11 6.47
N ARG E 70 22.67 -26.75 7.16
CA ARG E 70 21.34 -26.20 7.39
C ARG E 70 20.94 -26.46 8.83
N GLY E 71 19.86 -25.81 9.25
CA GLY E 71 19.28 -26.00 10.56
C GLY E 71 19.48 -24.78 11.44
N SER E 72 19.00 -24.91 12.68
CA SER E 72 19.07 -23.85 13.66
C SER E 72 18.59 -24.39 15.00
N GLY E 73 19.08 -23.79 16.07
CA GLY E 73 18.66 -24.19 17.39
C GLY E 73 19.33 -25.47 17.84
N THR E 74 18.57 -26.57 17.83
CA THR E 74 19.08 -27.86 18.28
C THR E 74 19.21 -28.89 17.17
N ASP E 75 18.71 -28.62 15.97
CA ASP E 75 18.70 -29.59 14.88
C ASP E 75 19.44 -29.00 13.68
N PHE E 76 20.47 -29.71 13.22
CA PHE E 76 21.29 -29.26 12.10
C PHE E 76 21.55 -30.44 11.17
N THR E 77 21.68 -30.13 9.89
CA THR E 77 21.91 -31.13 8.85
C THR E 77 23.06 -30.70 7.97
N LEU E 78 23.96 -31.63 7.69
CA LEU E 78 25.00 -31.44 6.68
C LEU E 78 24.62 -32.27 5.47
N THR E 79 24.41 -31.61 4.34
CA THR E 79 24.06 -32.27 3.08
C THR E 79 25.26 -32.23 2.16
N ILE E 80 25.68 -33.40 1.68
CA ILE E 80 26.75 -33.51 0.70
C ILE E 80 26.11 -33.84 -0.64
N TYR E 81 26.10 -32.88 -1.54
CA TYR E 81 25.53 -33.07 -2.87
C TYR E 81 26.55 -33.70 -3.79
N ASN E 82 26.07 -34.54 -4.70
CA ASN E 82 26.91 -35.16 -5.72
C ASN E 82 28.15 -35.78 -5.08
N VAL E 83 27.91 -36.70 -4.15
CA VAL E 83 28.99 -37.27 -3.37
C VAL E 83 30.01 -37.95 -4.28
N GLU E 84 31.28 -37.80 -3.95
CA GLU E 84 32.37 -38.43 -4.67
C GLU E 84 33.25 -39.20 -3.67
N ALA E 85 34.10 -40.06 -4.22
CA ALA E 85 34.95 -40.89 -3.36
C ALA E 85 35.82 -40.04 -2.43
N GLU E 86 36.17 -38.83 -2.85
CA GLU E 86 36.98 -37.95 -2.02
C GLU E 86 36.24 -37.47 -0.77
N ASP E 87 34.92 -37.64 -0.72
CA ASP E 87 34.13 -37.19 0.42
C ASP E 87 34.07 -38.20 1.55
N VAL E 88 34.65 -39.39 1.37
CA VAL E 88 34.61 -40.39 2.42
C VAL E 88 35.42 -39.91 3.62
N GLY E 89 35.08 -40.43 4.79
CA GLY E 89 35.71 -40.05 6.03
C GLY E 89 34.68 -39.93 7.13
N VAL E 90 35.05 -39.22 8.19
CA VAL E 90 34.19 -39.01 9.34
C VAL E 90 33.84 -37.53 9.41
N TYR E 91 32.55 -37.23 9.51
CA TYR E 91 32.06 -35.87 9.64
C TYR E 91 31.65 -35.63 11.10
N TYR E 92 32.27 -34.61 11.72
CA TYR E 92 31.98 -34.25 13.10
C TYR E 92 31.33 -32.88 13.14
N CYS E 93 30.20 -32.79 13.81
CA CYS E 93 29.65 -31.49 14.16
C CYS E 93 30.21 -31.05 15.50
N MET E 94 30.42 -29.75 15.65
CA MET E 94 30.98 -29.17 16.86
C MET E 94 30.18 -27.94 17.24
N GLN E 95 29.71 -27.90 18.49
CA GLN E 95 29.08 -26.72 19.02
C GLN E 95 30.14 -25.80 19.62
N ALA E 96 30.00 -24.50 19.36
CA ALA E 96 30.90 -23.50 19.92
C ALA E 96 30.14 -22.42 20.68
N LEU E 97 28.85 -22.67 20.99
CA LEU E 97 28.07 -21.70 21.73
C LEU E 97 28.51 -21.64 23.19
N GLN E 98 28.36 -22.75 23.90
CA GLN E 98 28.61 -22.83 25.33
C GLN E 98 29.98 -23.48 25.52
N THR E 99 31.01 -22.65 25.71
CA THR E 99 32.36 -23.14 25.87
C THR E 99 33.02 -22.45 27.06
N PRO E 100 33.89 -23.15 27.79
CA PRO E 100 34.29 -24.55 27.61
C PRO E 100 33.22 -25.51 28.13
N PRO E 101 33.26 -26.78 27.71
CA PRO E 101 34.15 -27.37 26.71
C PRO E 101 33.63 -27.21 25.29
N TRP E 102 34.51 -27.22 24.30
CA TRP E 102 34.07 -27.41 22.92
C TRP E 102 33.75 -28.88 22.73
N THR E 103 32.52 -29.18 22.31
CA THR E 103 32.04 -30.55 22.26
C THR E 103 31.73 -30.94 20.83
N PHE E 104 32.25 -32.10 20.42
CA PHE E 104 32.01 -32.66 19.10
C PHE E 104 30.92 -33.72 19.17
N GLY E 105 30.30 -33.98 18.03
CA GLY E 105 29.48 -35.17 17.88
C GLY E 105 30.35 -36.40 17.77
N GLN E 106 29.70 -37.57 17.85
CA GLN E 106 30.44 -38.83 17.79
C GLN E 106 31.13 -39.00 16.43
N GLY E 107 30.63 -38.35 15.39
CA GLY E 107 31.21 -38.48 14.07
C GLY E 107 30.46 -39.47 13.21
N THR E 108 30.02 -39.04 12.03
CA THR E 108 29.32 -39.91 11.09
C THR E 108 30.32 -40.39 10.04
N LYS E 109 30.47 -41.71 9.92
CA LYS E 109 31.42 -42.30 9.00
C LYS E 109 30.74 -42.50 7.65
N VAL E 110 31.29 -41.86 6.62
CA VAL E 110 30.76 -41.94 5.27
C VAL E 110 31.69 -42.80 4.43
N ASP E 111 31.12 -43.77 3.72
CA ASP E 111 31.90 -44.65 2.86
C ASP E 111 31.18 -44.92 1.54
N ALA F 6 22.46 19.81 -13.86
CA ALA F 6 22.92 19.48 -12.47
C ALA F 6 24.45 19.41 -12.43
N GLU F 7 25.02 20.04 -11.41
CA GLU F 7 26.46 20.13 -11.24
C GLU F 7 26.85 19.38 -9.97
N TYR F 8 28.06 18.83 -9.97
CA TYR F 8 28.55 18.12 -8.79
C TYR F 8 28.49 19.01 -7.56
N ARG F 9 28.13 18.42 -6.43
CA ARG F 9 28.25 19.11 -5.16
C ARG F 9 29.72 19.35 -4.83
N ASN F 10 30.01 20.54 -4.32
CA ASN F 10 31.32 20.83 -3.76
C ASN F 10 31.28 21.17 -2.28
N TRP F 11 30.11 21.41 -1.71
CA TRP F 11 29.99 21.72 -0.29
C TRP F 11 30.93 22.86 0.09
N SER F 12 31.09 23.82 -0.83
CA SER F 12 32.07 24.90 -0.65
C SER F 12 31.49 26.09 0.12
N LYS F 13 30.46 25.87 0.92
CA LYS F 13 29.92 26.90 1.79
C LYS F 13 30.37 26.67 3.23
N PRO F 14 30.38 27.70 4.06
CA PRO F 14 30.81 27.52 5.45
C PRO F 14 29.78 26.77 6.27
N GLN F 15 30.25 26.21 7.38
CA GLN F 15 29.35 25.67 8.39
C GLN F 15 28.80 26.82 9.23
N CYS F 16 27.53 27.14 9.03
CA CYS F 16 26.96 28.25 9.79
C CYS F 16 26.76 27.84 11.24
N GLY F 17 26.48 28.84 12.08
CA GLY F 17 26.39 28.63 13.50
C GLY F 17 25.36 27.58 13.89
N ILE F 18 25.78 26.67 14.76
CA ILE F 18 24.89 25.71 15.39
C ILE F 18 24.68 26.15 16.83
N THR F 19 23.44 26.49 17.18
CA THR F 19 23.08 26.68 18.58
C THR F 19 22.55 25.41 19.22
N GLY F 20 22.31 24.39 18.43
CA GLY F 20 21.72 23.14 18.86
C GLY F 20 21.07 22.47 17.66
N PHE F 21 20.01 21.72 17.94
CA PHE F 21 19.35 20.95 16.89
C PHE F 21 17.85 20.98 17.09
N ALA F 22 17.12 21.11 15.99
CA ALA F 22 15.67 21.16 16.01
C ALA F 22 15.08 19.88 15.41
N PRO F 23 13.90 19.47 15.86
CA PRO F 23 13.29 18.27 15.28
C PRO F 23 13.06 18.42 13.78
N PHE F 24 13.36 17.36 13.04
CA PHE F 24 13.24 17.37 11.58
C PHE F 24 12.28 16.31 11.06
N SER F 25 12.43 15.06 11.49
CA SER F 25 11.59 13.99 10.96
C SER F 25 11.55 12.83 11.95
N LYS F 26 10.53 12.00 11.78
CA LYS F 26 10.32 10.82 12.62
C LYS F 26 9.45 9.85 11.83
N ASP F 27 9.94 8.62 11.63
CA ASP F 27 9.23 7.70 10.76
C ASP F 27 8.09 6.97 11.48
N ASN F 28 8.19 6.80 12.80
CA ASN F 28 7.17 6.07 13.57
C ASN F 28 6.94 4.66 13.02
N SER F 29 8.01 4.03 12.52
CA SER F 29 7.85 2.79 11.77
C SER F 29 7.26 1.68 12.64
N ILE F 30 7.80 1.50 13.86
CA ILE F 30 7.36 0.38 14.68
C ILE F 30 5.89 0.54 15.05
N ARG F 31 5.50 1.74 15.47
CA ARG F 31 4.09 1.97 15.84
C ARG F 31 3.18 1.67 14.66
N LEU F 32 3.56 2.12 13.46
CA LEU F 32 2.76 1.85 12.27
C LEU F 32 2.73 0.37 11.94
N SER F 33 3.80 -0.37 12.26
CA SER F 33 3.90 -1.77 11.87
C SER F 33 2.86 -2.63 12.59
N ALA F 34 2.39 -2.19 13.76
CA ALA F 34 1.31 -2.91 14.43
C ALA F 34 0.02 -2.87 13.63
N GLY F 35 -0.09 -1.92 12.70
CA GLY F 35 -1.30 -1.76 11.91
C GLY F 35 -1.00 -1.52 10.44
N GLY F 36 0.02 -2.18 9.92
CA GLY F 36 0.38 -2.02 8.52
C GLY F 36 1.59 -2.88 8.20
N ASP F 37 1.90 -2.95 6.91
CA ASP F 37 3.00 -3.77 6.41
C ASP F 37 4.25 -2.89 6.35
N ILE F 38 5.12 -3.01 7.35
CA ILE F 38 6.31 -2.19 7.50
C ILE F 38 7.54 -3.07 7.52
N TRP F 39 8.58 -2.64 6.81
CA TRP F 39 9.81 -3.42 6.72
C TRP F 39 10.49 -3.55 8.08
N VAL F 40 11.06 -4.72 8.32
CA VAL F 40 12.01 -4.88 9.40
C VAL F 40 13.34 -4.30 8.95
N THR F 41 13.92 -3.42 9.77
CA THR F 41 15.09 -2.67 9.37
C THR F 41 16.08 -2.56 10.53
N ARG F 42 17.30 -2.21 10.17
CA ARG F 42 18.30 -1.74 11.13
C ARG F 42 19.37 -0.99 10.36
N GLU F 43 20.25 -0.32 11.09
CA GLU F 43 21.32 0.47 10.51
C GLU F 43 20.75 1.53 9.56
N PRO F 44 19.77 2.30 10.00
CA PRO F 44 19.23 3.36 9.15
C PRO F 44 20.21 4.51 9.02
N TYR F 45 20.03 5.29 7.96
CA TYR F 45 20.73 6.56 7.86
C TYR F 45 19.95 7.47 6.92
N VAL F 46 20.38 8.73 6.86
CA VAL F 46 19.71 9.77 6.10
C VAL F 46 20.73 10.39 5.15
N SER F 47 20.32 10.56 3.90
CA SER F 47 21.14 11.27 2.93
C SER F 47 20.20 12.05 2.02
N CYS F 48 20.68 13.20 1.55
CA CYS F 48 19.84 14.14 0.82
C CYS F 48 20.47 14.43 -0.54
N ASP F 49 19.67 14.35 -1.58
CA ASP F 49 20.02 14.91 -2.88
C ASP F 49 19.82 16.42 -2.76
N PRO F 50 20.15 17.21 -3.77
CA PRO F 50 20.06 18.68 -3.63
C PRO F 50 18.68 19.17 -3.24
N ASP F 51 17.61 18.44 -3.53
CA ASP F 51 16.26 18.92 -3.35
C ASP F 51 15.59 18.41 -2.07
N LYS F 52 15.85 17.16 -1.68
CA LYS F 52 15.11 16.57 -0.57
C LYS F 52 15.92 15.44 0.04
N CYS F 53 15.57 15.09 1.28
CA CYS F 53 16.30 14.10 2.04
C CYS F 53 15.65 12.72 1.92
N TYR F 54 16.49 11.69 1.96
CA TYR F 54 16.06 10.31 1.87
C TYR F 54 16.49 9.56 3.11
N GLN F 55 15.63 8.69 3.60
CA GLN F 55 15.95 7.77 4.68
C GLN F 55 16.32 6.43 4.09
N PHE F 56 17.47 5.90 4.50
CA PHE F 56 17.93 4.59 4.10
C PHE F 56 17.89 3.65 5.31
N ALA F 57 17.90 2.35 5.02
CA ALA F 57 17.93 1.34 6.06
C ALA F 57 18.23 0.00 5.42
N LEU F 58 18.81 -0.89 6.23
CA LEU F 58 19.11 -2.25 5.78
C LEU F 58 17.95 -3.15 6.19
N GLY F 59 17.08 -3.44 5.22
CA GLY F 59 15.98 -4.35 5.49
C GLY F 59 16.48 -5.74 5.85
N GLN F 60 15.58 -6.52 6.45
CA GLN F 60 15.84 -7.93 6.73
C GLN F 60 15.05 -8.84 5.80
N GLY F 61 14.57 -8.31 4.68
CA GLY F 61 13.82 -9.08 3.70
C GLY F 61 12.48 -9.56 4.21
N THR F 62 11.81 -8.75 5.03
CA THR F 62 10.53 -9.15 5.61
C THR F 62 9.89 -7.93 6.24
N THR F 63 8.58 -7.99 6.42
CA THR F 63 7.88 -6.99 7.21
C THR F 63 7.80 -7.45 8.66
N ILE F 64 7.39 -6.54 9.54
CA ILE F 64 7.37 -6.86 10.96
C ILE F 64 6.26 -7.87 11.27
N ASN F 65 5.08 -7.66 10.71
CA ASN F 65 3.96 -8.60 10.88
C ASN F 65 4.09 -9.67 9.79
N ASN F 66 5.00 -10.60 10.04
CA ASN F 66 5.44 -11.56 9.03
C ASN F 66 6.19 -12.68 9.72
N VAL F 67 5.86 -13.93 9.39
CA VAL F 67 6.54 -15.05 10.05
C VAL F 67 8.04 -14.97 9.85
N HIS F 68 8.50 -14.28 8.81
CA HIS F 68 9.93 -14.15 8.54
C HIS F 68 10.60 -13.10 9.42
N SER F 69 9.84 -12.24 10.10
CA SER F 69 10.44 -11.28 11.03
C SER F 69 11.04 -11.97 12.24
N ASN F 70 10.63 -13.21 12.51
CA ASN F 70 11.26 -14.01 13.54
C ASN F 70 12.76 -14.15 13.28
N ASN F 71 13.56 -14.01 14.34
CA ASN F 71 15.01 -14.14 14.25
C ASN F 71 15.58 -13.17 13.20
N THR F 72 15.29 -11.89 13.40
CA THR F 72 15.87 -10.83 12.59
C THR F 72 17.01 -10.12 13.30
N ALA F 73 17.49 -10.67 14.41
CA ALA F 73 18.68 -10.10 15.05
C ALA F 73 19.92 -10.32 14.20
N ARG F 74 19.98 -11.43 13.48
CA ARG F 74 21.12 -11.73 12.62
C ARG F 74 21.37 -10.58 11.65
N ASP F 75 22.56 -10.01 11.70
CA ASP F 75 22.87 -8.77 10.99
C ASP F 75 23.32 -8.98 9.56
N ARG F 76 23.62 -10.22 9.15
CA ARG F 76 24.06 -10.50 7.79
C ARG F 76 23.30 -11.71 7.25
N THR F 77 22.40 -11.45 6.32
CA THR F 77 21.69 -12.47 5.55
C THR F 77 21.71 -12.02 4.09
N PRO F 78 21.57 -12.97 3.15
CA PRO F 78 21.50 -12.57 1.74
C PRO F 78 20.22 -11.87 1.36
N HIS F 79 19.23 -11.82 2.25
CA HIS F 79 17.97 -11.14 1.99
C HIS F 79 17.97 -9.70 2.47
N ARG F 80 19.03 -9.25 3.13
CA ARG F 80 19.12 -7.85 3.52
C ARG F 80 19.34 -6.98 2.29
N THR F 81 18.58 -5.90 2.19
CA THR F 81 18.68 -4.99 1.06
C THR F 81 18.66 -3.56 1.58
N LEU F 82 19.26 -2.66 0.81
CA LEU F 82 19.26 -1.25 1.15
C LEU F 82 17.91 -0.67 0.78
N LEU F 83 17.12 -0.33 1.79
CA LEU F 83 15.86 0.35 1.55
C LEU F 83 16.11 1.83 1.36
N MET F 84 15.31 2.45 0.50
CA MET F 84 15.45 3.88 0.22
C MET F 84 14.05 4.46 0.04
N ASN F 85 13.72 5.44 0.87
CA ASN F 85 12.47 6.18 0.78
C ASN F 85 12.79 7.67 0.93
N GLU F 86 11.85 8.50 0.50
CA GLU F 86 11.90 9.90 0.89
C GLU F 86 11.83 9.97 2.41
N LEU F 87 12.60 10.88 2.99
CA LEU F 87 12.59 11.01 4.45
C LEU F 87 11.19 11.35 4.92
N GLY F 88 10.70 10.56 5.89
CA GLY F 88 9.37 10.71 6.41
C GLY F 88 8.36 9.74 5.83
N VAL F 89 8.70 9.04 4.76
CA VAL F 89 7.86 7.98 4.22
C VAL F 89 8.26 6.68 4.91
N PRO F 90 7.37 6.04 5.67
CA PRO F 90 7.78 4.81 6.37
C PRO F 90 8.08 3.71 5.37
N PHE F 91 8.94 2.78 5.79
CA PHE F 91 9.37 1.70 4.89
C PHE F 91 8.19 0.75 4.71
N HIS F 92 7.25 1.17 3.86
CA HIS F 92 6.08 0.37 3.54
C HIS F 92 6.44 -0.62 2.44
N LEU F 93 5.44 -1.34 1.92
CA LEU F 93 5.72 -2.43 0.99
C LEU F 93 6.18 -1.90 -0.37
N GLY F 94 5.80 -0.68 -0.72
CA GLY F 94 6.28 -0.06 -1.95
C GLY F 94 7.67 0.50 -1.87
N THR F 95 8.36 0.32 -0.76
CA THR F 95 9.71 0.84 -0.62
C THR F 95 10.63 0.19 -1.64
N LYS F 96 11.44 1.01 -2.30
CA LYS F 96 12.39 0.52 -3.28
C LYS F 96 13.60 -0.06 -2.57
N GLN F 97 13.91 -1.32 -2.85
CA GLN F 97 15.17 -1.93 -2.44
C GLN F 97 16.20 -1.59 -3.50
N VAL F 98 17.17 -0.75 -3.16
N VAL F 98 17.17 -0.76 -3.16
CA VAL F 98 18.09 -0.22 -4.17
CA VAL F 98 18.09 -0.21 -4.15
C VAL F 98 19.27 -1.13 -4.44
C VAL F 98 19.27 -1.14 -4.43
N CYS F 99 19.54 -2.11 -3.58
CA CYS F 99 20.63 -3.05 -3.80
C CYS F 99 20.58 -4.12 -2.71
N ILE F 100 21.32 -5.20 -2.95
CA ILE F 100 21.49 -6.24 -1.95
C ILE F 100 22.62 -5.82 -1.03
N ALA F 101 22.35 -5.73 0.27
CA ALA F 101 23.36 -5.26 1.20
C ALA F 101 22.98 -5.61 2.63
N TRP F 102 23.97 -6.07 3.39
CA TRP F 102 23.89 -6.06 4.85
C TRP F 102 24.83 -5.02 5.44
N SER F 103 25.47 -4.20 4.61
CA SER F 103 26.20 -3.01 5.04
C SER F 103 26.27 -2.07 3.83
N SER F 104 26.07 -0.78 4.08
CA SER F 104 25.93 0.12 2.93
C SER F 104 26.22 1.56 3.33
N SER F 105 26.46 2.38 2.30
CA SER F 105 26.52 3.83 2.42
C SER F 105 26.03 4.42 1.10
N SER F 106 25.58 5.68 1.17
CA SER F 106 25.11 6.37 -0.04
C SER F 106 25.34 7.86 0.10
N CYS F 107 25.83 8.50 -0.95
CA CYS F 107 25.69 9.96 -1.12
C CYS F 107 25.19 10.25 -2.52
N HIS F 108 24.68 11.46 -2.66
CA HIS F 108 24.36 12.06 -3.95
C HIS F 108 25.45 13.07 -4.25
N ASP F 109 26.10 12.93 -5.41
CA ASP F 109 27.19 13.82 -5.77
C ASP F 109 26.70 15.11 -6.41
N GLY F 110 25.40 15.35 -6.41
CA GLY F 110 24.80 16.46 -7.10
C GLY F 110 24.15 16.09 -8.42
N LYS F 111 24.57 14.98 -9.03
CA LYS F 111 23.97 14.47 -10.25
C LYS F 111 23.19 13.17 -10.06
N ALA F 112 23.71 12.23 -9.27
CA ALA F 112 23.08 10.93 -9.15
C ALA F 112 23.45 10.31 -7.80
N TRP F 113 22.75 9.23 -7.47
CA TRP F 113 22.95 8.52 -6.22
C TRP F 113 24.05 7.47 -6.38
N LEU F 114 25.04 7.53 -5.49
CA LEU F 114 25.99 6.44 -5.31
C LEU F 114 25.51 5.60 -4.15
N HIS F 115 25.40 4.29 -4.38
CA HIS F 115 25.11 3.32 -3.34
C HIS F 115 26.26 2.33 -3.29
N VAL F 116 26.88 2.22 -2.13
CA VAL F 116 27.90 1.22 -1.86
C VAL F 116 27.24 0.12 -1.05
N CYS F 117 27.19 -1.08 -1.60
CA CYS F 117 26.37 -2.16 -1.08
C CYS F 117 27.23 -3.39 -0.89
N ILE F 118 27.33 -3.86 0.35
CA ILE F 118 28.14 -5.03 0.71
C ILE F 118 27.20 -6.17 1.03
N THR F 119 27.40 -7.31 0.36
CA THR F 119 26.65 -8.52 0.66
C THR F 119 27.57 -9.71 0.40
N GLY F 120 27.02 -10.91 0.50
CA GLY F 120 27.77 -12.13 0.27
C GLY F 120 28.28 -12.74 1.56
N ASP F 121 29.18 -13.71 1.39
CA ASP F 121 29.69 -14.47 2.51
C ASP F 121 30.47 -13.58 3.47
N ASP F 122 30.37 -13.90 4.77
CA ASP F 122 31.06 -13.15 5.80
C ASP F 122 32.52 -12.90 5.45
N LYS F 123 33.26 -13.97 5.16
CA LYS F 123 34.69 -13.89 4.92
C LYS F 123 35.01 -13.64 3.45
N ASN F 124 33.99 -13.49 2.62
CA ASN F 124 34.16 -13.31 1.19
C ASN F 124 33.16 -12.29 0.65
N ALA F 125 32.99 -11.18 1.35
CA ALA F 125 31.96 -10.23 0.98
C ALA F 125 32.32 -9.53 -0.34
N THR F 126 31.30 -8.94 -0.96
CA THR F 126 31.46 -8.15 -2.16
C THR F 126 30.82 -6.79 -1.93
N ALA F 127 31.54 -5.73 -2.25
CA ALA F 127 31.02 -4.38 -2.22
C ALA F 127 30.68 -3.96 -3.64
N SER F 128 29.39 -3.77 -3.91
CA SER F 128 28.93 -3.30 -5.22
C SER F 128 28.72 -1.80 -5.16
N PHE F 129 29.15 -1.12 -6.21
CA PHE F 129 29.06 0.34 -6.30
C PHE F 129 28.07 0.67 -7.40
N ILE F 130 26.87 1.07 -7.00
CA ILE F 130 25.79 1.38 -7.93
C ILE F 130 25.67 2.89 -8.02
N TYR F 131 25.92 3.43 -9.21
CA TYR F 131 25.86 4.87 -9.44
C TYR F 131 24.87 5.16 -10.55
N ASN F 132 23.95 6.08 -10.29
CA ASN F 132 22.92 6.46 -11.25
C ASN F 132 22.16 5.24 -11.74
N GLY F 133 21.85 4.34 -10.81
CA GLY F 133 20.97 3.23 -11.11
C GLY F 133 21.61 2.04 -11.82
N ARG F 134 22.93 1.96 -11.86
CA ARG F 134 23.60 0.84 -12.51
C ARG F 134 24.87 0.49 -11.74
N LEU F 135 25.19 -0.80 -11.74
CA LEU F 135 26.41 -1.28 -11.10
C LEU F 135 27.62 -0.86 -11.94
N VAL F 136 28.46 0.00 -11.37
CA VAL F 136 29.62 0.51 -12.07
C VAL F 136 30.91 -0.18 -11.65
N ASP F 137 31.00 -0.66 -10.41
CA ASP F 137 32.25 -1.22 -9.90
C ASP F 137 31.93 -2.18 -8.76
N SER F 138 32.92 -3.00 -8.42
CA SER F 138 32.81 -3.86 -7.25
C SER F 138 34.21 -4.19 -6.76
N VAL F 139 34.32 -4.44 -5.46
CA VAL F 139 35.58 -4.84 -4.86
C VAL F 139 35.30 -5.96 -3.86
N VAL F 140 36.19 -6.93 -3.82
CA VAL F 140 36.06 -8.07 -2.94
C VAL F 140 36.67 -7.72 -1.59
N SER F 141 36.15 -8.36 -0.55
CA SER F 141 36.76 -8.26 0.77
C SER F 141 38.27 -8.48 0.68
N TRP F 142 39.03 -7.54 1.24
CA TRP F 142 40.49 -7.66 1.20
C TRP F 142 41.06 -8.40 2.42
N SER F 143 40.38 -8.35 3.56
CA SER F 143 40.83 -9.05 4.75
C SER F 143 40.02 -10.31 5.04
N LYS F 144 38.98 -10.59 4.24
CA LYS F 144 38.19 -11.81 4.39
C LYS F 144 37.62 -11.94 5.79
N ASP F 145 37.21 -10.82 6.39
CA ASP F 145 36.52 -10.86 7.68
C ASP F 145 35.53 -9.69 7.72
N ILE F 146 34.31 -9.96 7.25
CA ILE F 146 33.22 -9.00 7.31
CA ILE F 146 33.20 -9.01 7.29
C ILE F 146 33.63 -7.65 6.75
N LEU F 147 33.80 -7.56 5.43
CA LEU F 147 33.92 -6.26 4.80
C LEU F 147 32.69 -5.43 5.18
N ARG F 148 32.91 -4.21 5.64
CA ARG F 148 31.80 -3.39 6.12
C ARG F 148 32.12 -1.92 5.92
N THR F 149 31.06 -1.12 5.82
CA THR F 149 31.17 0.30 5.50
C THR F 149 30.39 1.14 6.51
N GLN F 150 30.17 2.42 6.18
CA GLN F 150 29.82 3.41 7.19
C GLN F 150 28.48 3.15 7.85
N GLU F 151 27.50 2.64 7.10
CA GLU F 151 26.10 2.65 7.52
C GLU F 151 25.56 4.07 7.65
N SER F 152 26.20 5.04 7.02
CA SER F 152 25.67 6.39 6.90
C SER F 152 26.10 6.94 5.55
N GLU F 153 25.63 8.15 5.25
CA GLU F 153 25.88 8.71 3.93
C GLU F 153 27.39 8.87 3.71
N CYS F 154 27.83 8.54 2.51
CA CYS F 154 29.18 8.94 2.10
C CYS F 154 29.19 10.44 1.86
N VAL F 155 30.37 10.97 1.54
CA VAL F 155 30.53 12.38 1.24
C VAL F 155 31.10 12.49 -0.16
N CYS F 156 30.46 13.30 -0.99
CA CYS F 156 30.68 13.34 -2.43
C CYS F 156 30.99 14.79 -2.81
N ILE F 157 32.27 15.09 -3.07
CA ILE F 157 32.74 16.44 -3.39
C ILE F 157 33.26 16.47 -4.82
N ASN F 158 32.76 17.42 -5.61
CA ASN F 158 33.20 17.63 -6.98
C ASN F 158 33.18 16.32 -7.78
N GLY F 159 32.14 15.52 -7.54
CA GLY F 159 31.99 14.26 -8.21
C GLY F 159 32.88 13.15 -7.70
N THR F 160 33.74 13.42 -6.71
CA THR F 160 34.58 12.42 -6.09
C THR F 160 33.94 12.02 -4.77
N CYS F 161 33.46 10.78 -4.69
CA CYS F 161 32.84 10.26 -3.49
C CYS F 161 33.84 9.45 -2.69
N THR F 162 33.84 9.69 -1.37
CA THR F 162 34.71 8.98 -0.44
C THR F 162 33.86 8.16 0.50
N VAL F 163 34.22 6.89 0.65
CA VAL F 163 33.54 6.00 1.59
C VAL F 163 34.61 5.26 2.39
N VAL F 164 34.41 5.19 3.70
CA VAL F 164 35.32 4.47 4.57
C VAL F 164 34.82 3.03 4.69
N MET F 165 35.69 2.08 4.40
CA MET F 165 35.34 0.67 4.43
C MET F 165 36.37 -0.09 5.25
N THR F 166 35.89 -1.02 6.08
CA THR F 166 36.71 -1.74 7.02
C THR F 166 36.56 -3.23 6.80
N ASP F 167 37.65 -3.96 6.96
CA ASP F 167 37.66 -5.41 6.83
C ASP F 167 38.67 -5.94 7.82
N GLY F 168 38.26 -6.93 8.62
CA GLY F 168 39.13 -7.53 9.60
C GLY F 168 38.45 -7.66 10.94
N ASN F 169 39.27 -7.74 11.99
CA ASN F 169 38.79 -8.08 13.32
C ASN F 169 37.69 -7.13 13.78
N ALA F 170 36.61 -7.69 14.31
CA ALA F 170 35.54 -6.87 14.84
C ALA F 170 36.00 -6.06 16.05
N THR F 171 36.84 -6.66 16.90
CA THR F 171 37.32 -6.01 18.11
C THR F 171 38.83 -6.14 18.25
N GLY F 172 39.53 -6.07 17.12
CA GLY F 172 40.98 -6.07 17.10
C GLY F 172 41.48 -5.23 15.94
N LYS F 173 42.75 -5.32 15.60
CA LYS F 173 43.27 -4.58 14.47
C LYS F 173 42.55 -5.01 13.18
N ALA F 174 42.11 -4.03 12.41
CA ALA F 174 41.41 -4.27 11.15
C ALA F 174 42.05 -3.44 10.05
N ASP F 175 41.66 -3.73 8.82
CA ASP F 175 42.21 -3.08 7.64
C ASP F 175 41.14 -2.13 7.09
N THR F 176 41.30 -0.84 7.38
CA THR F 176 40.37 0.18 6.93
C THR F 176 40.96 0.89 5.72
N LYS F 177 40.13 1.09 4.70
CA LYS F 177 40.53 1.80 3.50
C LYS F 177 39.50 2.87 3.19
N ILE F 178 39.97 3.94 2.56
CA ILE F 178 39.12 5.04 2.13
C ILE F 178 39.08 4.99 0.61
N LEU F 179 37.94 4.60 0.06
CA LEU F 179 37.78 4.51 -1.38
C LEU F 179 37.30 5.85 -1.93
N PHE F 180 37.84 6.21 -3.09
CA PHE F 180 37.46 7.43 -3.79
C PHE F 180 36.76 6.99 -5.08
N ILE F 181 35.47 7.31 -5.18
CA ILE F 181 34.62 6.82 -6.25
C ILE F 181 34.15 8.00 -7.09
N GLU F 182 34.28 7.87 -8.41
CA GLU F 182 33.78 8.88 -9.34
C GLU F 182 32.77 8.21 -10.26
N GLU F 183 31.52 8.67 -10.18
CA GLU F 183 30.42 8.09 -10.96
C GLU F 183 30.39 6.56 -10.83
N GLY F 184 30.61 6.08 -9.61
CA GLY F 184 30.54 4.67 -9.31
C GLY F 184 31.83 3.90 -9.52
N LYS F 185 32.83 4.51 -10.16
CA LYS F 185 34.10 3.84 -10.44
C LYS F 185 35.11 4.15 -9.34
N ILE F 186 35.72 3.10 -8.79
CA ILE F 186 36.77 3.27 -7.79
C ILE F 186 38.02 3.77 -8.52
N VAL F 187 38.33 5.05 -8.36
CA VAL F 187 39.52 5.62 -9.01
C VAL F 187 40.75 5.59 -8.11
N HIS F 188 40.56 5.47 -6.79
CA HIS F 188 41.69 5.42 -5.87
C HIS F 188 41.26 4.78 -4.57
N THR F 189 42.19 4.05 -3.95
CA THR F 189 41.99 3.45 -2.64
C THR F 189 43.14 3.86 -1.74
N SER F 190 42.82 4.43 -0.58
CA SER F 190 43.80 4.85 0.39
C SER F 190 43.65 4.01 1.65
N LYS F 191 44.75 3.48 2.15
CA LYS F 191 44.74 2.79 3.43
C LYS F 191 44.58 3.81 4.55
N LEU F 192 43.92 3.39 5.62
CA LEU F 192 43.80 4.24 6.80
C LEU F 192 45.19 4.62 7.30
N SER F 193 45.39 5.91 7.55
CA SER F 193 46.66 6.42 8.03
C SER F 193 46.43 7.32 9.24
N GLY F 194 47.45 7.42 10.08
CA GLY F 194 47.35 8.23 11.28
C GLY F 194 47.37 7.39 12.55
N SER F 195 46.71 7.87 13.59
CA SER F 195 46.76 7.25 14.91
C SER F 195 45.48 6.52 15.30
N ALA F 196 44.41 6.64 14.51
CA ALA F 196 43.20 5.88 14.81
C ALA F 196 43.49 4.39 14.67
N GLN F 197 43.27 3.64 15.74
CA GLN F 197 43.65 2.23 15.78
C GLN F 197 42.55 1.28 15.36
N HIS F 198 41.29 1.67 15.51
CA HIS F 198 40.16 0.90 14.97
C HIS F 198 39.11 1.87 14.47
N VAL F 199 38.69 1.68 13.23
CA VAL F 199 37.75 2.58 12.57
C VAL F 199 36.64 1.75 11.95
N GLU F 200 35.40 2.02 12.38
CA GLU F 200 34.22 1.35 11.84
C GLU F 200 33.08 2.36 11.77
N GLU F 201 32.13 2.08 10.90
CA GLU F 201 30.85 2.79 10.85
C GLU F 201 31.06 4.30 10.96
N CYS F 202 31.91 4.82 10.08
CA CYS F 202 32.23 6.24 10.13
C CYS F 202 31.02 7.09 9.81
N SER F 203 30.88 8.18 10.55
CA SER F 203 29.90 9.23 10.27
C SER F 203 30.68 10.39 9.66
N CYS F 204 30.56 10.55 8.34
CA CYS F 204 31.35 11.50 7.59
C CYS F 204 30.50 12.69 7.15
N TYR F 205 31.14 13.86 7.09
CA TYR F 205 30.50 15.05 6.59
C TYR F 205 31.49 15.85 5.75
N PRO F 206 31.00 16.59 4.76
CA PRO F 206 31.89 17.45 3.97
C PRO F 206 32.43 18.60 4.81
N ARG F 207 33.75 18.74 4.80
CA ARG F 207 34.44 19.86 5.45
C ARG F 207 35.39 20.41 4.38
N TYR F 208 34.87 21.30 3.55
CA TYR F 208 35.60 21.70 2.35
C TYR F 208 36.95 22.29 2.72
N PRO F 209 38.04 21.91 2.04
CA PRO F 209 38.11 21.11 0.80
C PRO F 209 38.13 19.60 1.02
N GLY F 210 38.07 19.11 2.25
CA GLY F 210 38.19 17.71 2.54
C GLY F 210 36.91 17.09 3.05
N VAL F 211 37.05 15.90 3.64
CA VAL F 211 35.96 15.19 4.27
C VAL F 211 36.42 14.75 5.65
N ARG F 212 35.57 14.91 6.66
CA ARG F 212 35.88 14.53 8.02
C ARG F 212 34.92 13.45 8.48
N CYS F 213 35.47 12.39 9.05
CA CYS F 213 34.70 11.26 9.53
C CYS F 213 34.92 11.09 11.03
N VAL F 214 33.84 10.92 11.78
CA VAL F 214 33.88 10.52 13.17
C VAL F 214 33.31 9.12 13.23
N CYS F 215 34.10 8.19 13.77
CA CYS F 215 33.80 6.78 13.60
C CYS F 215 33.69 6.03 14.92
N ARG F 216 33.65 4.72 14.84
CA ARG F 216 33.47 3.84 15.98
C ARG F 216 34.74 3.03 16.19
N ASP F 217 35.33 3.14 17.37
CA ASP F 217 36.45 2.30 17.77
C ASP F 217 35.86 1.18 18.62
N ASN F 218 35.78 -0.02 18.05
CA ASN F 218 35.17 -1.17 18.68
C ASN F 218 36.15 -1.96 19.53
N TRP F 219 37.41 -1.51 19.63
CA TRP F 219 38.49 -2.33 20.15
C TRP F 219 39.07 -1.76 21.45
N LYS F 220 39.52 -0.51 21.44
CA LYS F 220 40.22 0.03 22.61
C LYS F 220 39.76 1.41 23.04
N GLY F 221 38.98 2.13 22.25
CA GLY F 221 38.61 3.48 22.62
C GLY F 221 37.12 3.69 22.81
N SER F 222 36.76 4.33 23.92
CA SER F 222 35.43 4.92 24.06
C SER F 222 35.40 6.35 23.54
N ASN F 223 36.55 6.93 23.24
CA ASN F 223 36.62 8.14 22.43
C ASN F 223 36.54 7.77 20.95
N ARG F 224 35.93 8.63 20.18
CA ARG F 224 35.67 8.27 18.80
C ARG F 224 36.87 8.63 17.92
N PRO F 225 37.32 7.73 17.04
CA PRO F 225 38.38 8.10 16.10
C PRO F 225 37.89 9.14 15.10
N ILE F 226 38.82 9.98 14.66
CA ILE F 226 38.58 10.94 13.59
C ILE F 226 39.40 10.50 12.38
N VAL F 227 38.80 10.59 11.21
CA VAL F 227 39.51 10.37 9.95
C VAL F 227 39.27 11.60 9.06
N ASP F 228 40.35 12.29 8.73
CA ASP F 228 40.30 13.41 7.79
C ASP F 228 40.78 12.93 6.42
N ILE F 229 39.99 13.21 5.39
CA ILE F 229 40.25 12.70 4.05
C ILE F 229 40.48 13.89 3.14
N ASN F 230 41.66 13.94 2.53
CA ASN F 230 41.97 14.94 1.50
C ASN F 230 41.52 14.39 0.15
N ILE F 231 40.38 14.89 -0.34
CA ILE F 231 39.82 14.37 -1.58
C ILE F 231 40.70 14.69 -2.79
N LYS F 232 41.61 15.65 -2.66
CA LYS F 232 42.43 16.05 -3.81
C LYS F 232 43.61 15.08 -4.01
N ASP F 233 44.47 14.96 -3.01
CA ASP F 233 45.63 14.08 -3.08
C ASP F 233 45.39 12.72 -2.44
N HIS F 234 44.17 12.45 -1.96
CA HIS F 234 43.78 11.17 -1.37
C HIS F 234 44.54 10.86 -0.09
N SER F 235 45.21 11.84 0.52
CA SER F 235 45.91 11.60 1.76
C SER F 235 44.92 11.38 2.89
N ILE F 236 45.33 10.58 3.87
CA ILE F 236 44.52 10.25 5.03
C ILE F 236 45.30 10.57 6.29
N VAL F 237 44.63 11.20 7.25
CA VAL F 237 45.15 11.36 8.60
C VAL F 237 44.02 10.99 9.55
N SER F 238 44.39 10.44 10.70
CA SER F 238 43.40 9.97 11.65
C SER F 238 43.85 10.30 13.07
N SER F 239 42.86 10.43 13.96
CA SER F 239 43.08 10.82 15.34
C SER F 239 41.83 10.41 16.12
N TYR F 240 41.68 10.95 17.33
CA TYR F 240 40.49 10.73 18.14
C TYR F 240 39.91 12.08 18.55
N VAL F 241 38.61 12.10 18.81
CA VAL F 241 37.98 13.31 19.31
C VAL F 241 38.59 13.64 20.67
N CYS F 242 39.08 14.87 20.81
CA CYS F 242 39.76 15.26 22.05
C CYS F 242 38.82 15.18 23.24
N SER F 243 37.56 15.56 23.06
CA SER F 243 36.61 15.79 24.14
C SER F 243 36.74 14.78 25.26
N GLY F 244 36.92 15.29 26.49
CA GLY F 244 36.86 14.43 27.67
C GLY F 244 35.51 13.78 27.86
N LEU F 245 34.46 14.35 27.26
CA LEU F 245 33.15 13.73 27.22
C LEU F 245 33.09 12.86 25.97
N VAL F 246 33.47 11.60 26.13
CA VAL F 246 33.57 10.71 24.97
C VAL F 246 32.17 10.29 24.52
N GLY F 247 32.07 9.92 23.24
CA GLY F 247 30.77 9.71 22.63
C GLY F 247 30.38 8.26 22.42
N ASP F 248 31.29 7.32 22.68
CA ASP F 248 30.98 5.92 22.43
C ASP F 248 30.14 5.32 23.55
N THR F 249 29.53 4.18 23.25
CA THR F 249 28.82 3.37 24.23
C THR F 249 29.25 1.93 23.97
N PRO F 250 29.86 1.24 24.93
CA PRO F 250 30.07 1.63 26.35
C PRO F 250 31.14 2.69 26.55
N ARG F 251 31.10 3.34 27.70
CA ARG F 251 32.09 4.34 28.10
C ARG F 251 32.02 4.47 29.61
N LYS F 252 33.04 5.09 30.18
CA LYS F 252 33.02 5.38 31.61
C LYS F 252 32.16 6.60 31.87
N THR F 253 31.75 6.76 33.13
CA THR F 253 30.96 7.92 33.51
C THR F 253 31.73 9.20 33.23
N ASP F 254 30.99 10.31 33.12
CA ASP F 254 31.60 11.58 32.78
C ASP F 254 32.70 11.95 33.77
N SER F 255 32.48 11.69 35.06
CA SER F 255 33.46 12.05 36.07
C SER F 255 34.75 11.29 35.88
N SER F 256 34.67 10.00 35.57
CA SER F 256 35.84 9.14 35.49
C SER F 256 36.36 8.92 34.07
N SER F 257 35.70 9.50 33.07
CA SER F 257 36.11 9.28 31.69
C SER F 257 37.24 10.21 31.31
N SER F 258 38.15 9.70 30.48
CA SER F 258 39.25 10.49 29.96
C SER F 258 39.38 10.19 28.46
N SER F 259 39.93 11.15 27.73
CA SER F 259 40.06 11.02 26.29
C SER F 259 41.50 11.36 25.89
N HIS F 260 41.81 11.07 24.63
CA HIS F 260 43.13 11.32 24.07
C HIS F 260 42.98 11.39 22.56
N CYS F 261 43.17 12.57 21.99
CA CYS F 261 42.95 12.75 20.56
C CYS F 261 44.16 12.41 19.70
N LEU F 262 45.01 11.50 20.16
CA LEU F 262 45.84 10.68 19.28
C LEU F 262 45.60 9.20 19.45
N ASN F 263 45.25 8.73 20.65
CA ASN F 263 45.17 7.32 20.95
C ASN F 263 43.81 6.96 21.55
N PRO F 264 43.36 5.71 21.42
CA PRO F 264 42.16 5.30 22.15
C PRO F 264 42.40 5.40 23.66
N ASN F 265 41.35 5.78 24.39
CA ASN F 265 41.48 6.03 25.81
C ASN F 265 41.57 4.76 26.65
N ASN F 266 41.32 3.59 26.07
CA ASN F 266 41.40 2.32 26.79
C ASN F 266 40.46 2.32 28.00
N GLU F 267 39.30 2.96 27.85
CA GLU F 267 38.29 3.03 28.89
C GLU F 267 37.02 2.38 28.34
N LYS F 268 36.74 1.16 28.80
CA LYS F 268 35.61 0.38 28.27
C LYS F 268 35.62 0.41 26.75
N GLY F 269 36.83 0.28 26.18
CA GLY F 269 37.00 0.50 24.76
C GLY F 269 36.31 -0.52 23.90
N GLY F 270 36.25 -1.77 24.37
CA GLY F 270 35.64 -2.82 23.57
C GLY F 270 34.21 -2.49 23.20
N HIS F 271 33.77 -3.02 22.07
CA HIS F 271 32.43 -2.75 21.57
C HIS F 271 32.27 -1.25 21.33
N GLY F 272 31.08 -0.84 20.90
CA GLY F 272 30.82 0.56 20.66
C GLY F 272 29.45 0.73 20.03
N VAL F 273 29.22 1.93 19.51
CA VAL F 273 28.00 2.23 18.77
C VAL F 273 28.34 3.27 17.72
N LYS F 274 27.66 3.19 16.58
CA LYS F 274 27.85 4.20 15.55
C LYS F 274 27.34 5.53 16.07
N GLY F 275 28.22 6.51 16.16
CA GLY F 275 27.84 7.85 16.58
C GLY F 275 28.44 8.89 15.66
N TRP F 276 28.38 10.14 16.09
CA TRP F 276 28.85 11.23 15.25
C TRP F 276 29.34 12.38 16.12
N ALA F 277 30.23 13.17 15.55
CA ALA F 277 30.63 14.44 16.13
C ALA F 277 31.13 15.31 14.98
N PHE F 278 31.11 16.63 15.20
CA PHE F 278 31.69 17.54 14.24
C PHE F 278 32.20 18.78 14.96
N ASP F 279 33.27 19.34 14.40
CA ASP F 279 33.94 20.47 15.02
C ASP F 279 33.20 21.77 14.74
N ASP F 280 33.23 22.66 15.73
CA ASP F 280 32.75 24.04 15.60
C ASP F 280 33.88 24.89 16.19
N GLY F 281 34.83 25.28 15.34
CA GLY F 281 36.06 25.86 15.86
C GLY F 281 36.77 24.84 16.71
N ASN F 282 37.13 25.24 17.93
CA ASN F 282 37.75 24.31 18.87
C ASN F 282 36.73 23.50 19.66
N ASP F 283 35.44 23.85 19.56
CA ASP F 283 34.41 23.07 20.22
C ASP F 283 33.99 21.89 19.34
N VAL F 284 33.28 20.95 19.95
CA VAL F 284 32.76 19.79 19.26
C VAL F 284 31.29 19.64 19.59
N TRP F 285 30.47 19.51 18.55
CA TRP F 285 29.11 19.05 18.70
C TRP F 285 29.10 17.53 18.52
N MET F 286 28.48 16.83 19.48
CA MET F 286 28.44 15.38 19.43
C MET F 286 27.14 14.89 20.04
N GLY F 287 26.73 13.71 19.62
CA GLY F 287 25.63 13.03 20.25
C GLY F 287 26.11 11.71 20.84
N ARG F 288 25.34 11.15 21.76
CA ARG F 288 25.70 9.90 22.39
C ARG F 288 24.53 9.40 23.20
N THR F 289 24.50 8.09 23.42
CA THR F 289 23.49 7.52 24.30
C THR F 289 23.65 8.14 25.68
N ILE F 290 22.52 8.45 26.32
CA ILE F 290 22.57 8.96 27.68
C ILE F 290 23.16 7.90 28.60
N ASN F 291 22.75 6.66 28.42
CA ASN F 291 23.27 5.57 29.23
C ASN F 291 24.69 5.23 28.79
N GLU F 292 25.60 5.08 29.76
CA GLU F 292 27.01 4.91 29.46
C GLU F 292 27.38 3.50 29.02
N THR F 293 26.55 2.49 29.31
CA THR F 293 26.87 1.11 28.98
C THR F 293 25.86 0.44 28.06
N SER F 294 24.65 0.96 27.95
CA SER F 294 23.63 0.43 27.05
C SER F 294 23.13 1.55 26.15
N ARG F 295 22.45 1.16 25.08
CA ARG F 295 21.96 2.11 24.09
C ARG F 295 20.56 2.58 24.51
N LEU F 296 20.53 3.31 25.60
CA LEU F 296 19.31 3.86 26.17
C LEU F 296 19.43 5.38 26.21
N GLY F 297 18.39 6.05 25.74
CA GLY F 297 18.40 7.50 25.66
C GLY F 297 19.36 8.01 24.62
N TYR F 298 19.27 9.29 24.32
CA TYR F 298 20.20 9.92 23.39
C TYR F 298 20.25 11.41 23.69
N GLU F 299 21.46 11.94 23.76
CA GLU F 299 21.69 13.35 24.06
C GLU F 299 22.69 13.92 23.07
N THR F 300 22.56 15.22 22.84
CA THR F 300 23.56 15.98 22.08
C THR F 300 23.96 17.20 22.89
N PHE F 301 25.21 17.61 22.73
CA PHE F 301 25.71 18.76 23.46
C PHE F 301 26.97 19.25 22.76
N LYS F 302 27.34 20.49 23.09
CA LYS F 302 28.60 21.05 22.66
C LYS F 302 29.59 20.97 23.83
N VAL F 303 30.79 20.50 23.55
CA VAL F 303 31.86 20.46 24.52
C VAL F 303 32.82 21.61 24.20
N VAL F 304 32.87 22.60 25.08
CA VAL F 304 33.75 23.75 24.85
C VAL F 304 35.18 23.26 24.79
N GLU F 305 35.88 23.62 23.71
CA GLU F 305 37.25 23.15 23.44
C GLU F 305 37.30 21.64 23.29
N GLY F 306 36.15 20.98 23.11
CA GLY F 306 36.11 19.53 23.02
C GLY F 306 36.82 18.96 21.81
N TRP F 307 37.14 19.78 20.81
CA TRP F 307 37.83 19.29 19.63
C TRP F 307 39.35 19.38 19.73
N SER F 308 39.88 20.17 20.67
CA SER F 308 41.31 20.39 20.75
C SER F 308 41.91 20.12 22.13
N ASN F 309 41.12 20.16 23.20
CA ASN F 309 41.64 19.99 24.55
C ASN F 309 41.13 18.68 25.14
N PRO F 310 41.96 17.65 25.27
CA PRO F 310 41.45 16.36 25.80
C PRO F 310 40.95 16.45 27.23
N LYS F 311 41.34 17.48 27.98
CA LYS F 311 40.91 17.61 29.36
C LYS F 311 39.56 18.32 29.48
N SER F 312 38.99 18.80 28.38
CA SER F 312 37.78 19.58 28.45
C SER F 312 36.58 18.68 28.73
N LYS F 313 35.89 18.95 29.83
CA LYS F 313 34.60 18.33 30.12
C LYS F 313 33.51 19.39 30.26
N LEU F 314 33.79 20.62 29.81
CA LEU F 314 32.83 21.71 29.87
C LEU F 314 31.77 21.47 28.80
N GLN F 315 30.57 21.14 29.23
CA GLN F 315 29.45 20.82 28.35
C GLN F 315 28.49 22.00 28.32
N ILE F 316 27.81 22.19 27.18
CA ILE F 316 26.81 23.23 27.04
C ILE F 316 25.85 22.83 25.93
N ASN F 317 24.70 23.50 25.89
CA ASN F 317 23.70 23.30 24.85
C ASN F 317 23.22 21.85 24.80
N ARG F 318 23.16 21.20 25.96
CA ARG F 318 22.67 19.84 25.99
C ARG F 318 21.23 19.79 25.53
N GLN F 319 20.92 18.79 24.71
CA GLN F 319 19.54 18.48 24.36
C GLN F 319 19.33 16.98 24.50
N VAL F 320 18.27 16.60 25.20
CA VAL F 320 17.83 15.21 25.21
C VAL F 320 17.03 14.97 23.93
N ILE F 321 17.47 14.01 23.13
CA ILE F 321 16.71 13.60 21.95
C ILE F 321 15.81 12.41 22.27
N VAL F 322 16.35 11.44 23.00
CA VAL F 322 15.62 10.28 23.46
C VAL F 322 15.85 10.15 24.95
N ASP F 323 14.76 10.09 25.71
CA ASP F 323 14.89 10.01 27.16
C ASP F 323 15.65 8.74 27.54
N ARG F 324 16.36 8.82 28.67
CA ARG F 324 17.27 7.75 29.07
C ARG F 324 16.55 6.43 29.34
N GLY F 325 15.23 6.44 29.52
CA GLY F 325 14.49 5.19 29.62
C GLY F 325 14.15 4.55 28.29
N ASP F 326 14.35 5.25 27.19
CA ASP F 326 13.94 4.81 25.86
C ASP F 326 15.15 4.37 25.05
N ARG F 327 14.93 3.42 24.15
CA ARG F 327 16.02 2.76 23.43
C ARG F 327 16.53 3.66 22.32
N SER F 328 17.84 3.92 22.32
CA SER F 328 18.54 4.54 21.22
C SER F 328 19.15 3.44 20.33
N GLY F 329 20.06 3.82 19.45
CA GLY F 329 20.81 2.87 18.65
C GLY F 329 21.92 3.54 17.89
N TYR F 330 22.15 3.13 16.66
CA TYR F 330 23.07 3.85 15.80
C TYR F 330 22.59 5.28 15.60
N SER F 331 23.54 6.20 15.53
CA SER F 331 23.29 7.56 15.08
C SER F 331 24.38 7.93 14.09
N GLY F 332 24.06 8.89 13.24
CA GLY F 332 24.99 9.30 12.21
C GLY F 332 24.68 10.70 11.73
N ILE F 333 25.67 11.30 11.15
CA ILE F 333 25.57 12.66 10.65
C ILE F 333 25.14 12.63 9.19
N PHE F 334 24.47 13.69 8.77
CA PHE F 334 24.35 13.99 7.35
C PHE F 334 24.28 15.50 7.22
N SER F 335 24.69 16.00 6.06
CA SER F 335 24.85 17.43 5.84
C SER F 335 23.89 17.90 4.76
N VAL F 336 23.33 19.09 4.96
CA VAL F 336 22.29 19.65 4.09
C VAL F 336 22.73 21.05 3.70
N GLU F 337 22.82 21.31 2.40
CA GLU F 337 23.24 22.61 1.92
C GLU F 337 22.10 23.62 2.03
N GLY F 338 22.30 24.65 2.84
CA GLY F 338 21.38 25.76 2.92
C GLY F 338 21.71 26.84 1.91
N LYS F 339 21.02 27.97 2.06
CA LYS F 339 21.22 29.07 1.11
C LYS F 339 22.66 29.55 1.13
N SER F 340 23.23 29.71 2.32
CA SER F 340 24.55 30.31 2.48
C SER F 340 25.49 29.48 3.34
N CYS F 341 25.10 28.29 3.78
CA CYS F 341 25.94 27.52 4.67
C CYS F 341 25.59 26.05 4.57
N ILE F 342 26.47 25.21 5.11
CA ILE F 342 26.25 23.77 5.20
C ILE F 342 25.75 23.47 6.61
N ASN F 343 24.55 22.93 6.70
CA ASN F 343 23.99 22.53 7.99
C ASN F 343 24.40 21.11 8.33
N ARG F 344 24.59 20.87 9.62
CA ARG F 344 24.81 19.52 10.13
C ARG F 344 23.51 19.00 10.70
N CYS F 345 23.14 17.78 10.31
CA CYS F 345 21.98 17.09 10.83
C CYS F 345 22.41 15.72 11.32
N PHE F 346 21.57 15.11 12.14
CA PHE F 346 21.85 13.77 12.60
C PHE F 346 20.54 13.02 12.77
N TYR F 347 20.63 11.71 12.58
CA TYR F 347 19.53 10.80 12.85
C TYR F 347 19.91 9.93 14.04
N VAL F 348 18.89 9.32 14.65
CA VAL F 348 19.10 8.34 15.70
C VAL F 348 18.27 7.11 15.36
N GLU F 349 18.92 5.96 15.35
CA GLU F 349 18.21 4.70 15.21
C GLU F 349 17.57 4.36 16.55
N LEU F 350 16.28 4.06 16.53
CA LEU F 350 15.52 3.76 17.73
C LEU F 350 15.23 2.26 17.70
N ILE F 351 16.16 1.48 18.24
CA ILE F 351 16.11 0.03 18.14
C ILE F 351 15.08 -0.51 19.11
N ARG F 352 14.19 -1.37 18.62
CA ARG F 352 13.21 -2.07 19.46
C ARG F 352 13.25 -3.55 19.14
N GLY F 353 12.88 -4.36 20.12
CA GLY F 353 12.78 -5.79 19.95
C GLY F 353 14.00 -6.54 20.45
N ARG F 354 14.16 -7.74 19.92
CA ARG F 354 15.22 -8.63 20.38
C ARG F 354 16.59 -8.02 20.12
N LYS F 355 17.57 -8.38 20.96
CA LYS F 355 17.47 -9.31 22.09
C LYS F 355 16.89 -8.66 23.35
N GLU F 356 17.13 -7.36 23.50
CA GLU F 356 16.82 -6.68 24.76
C GLU F 356 15.35 -6.81 25.13
N GLU F 357 14.45 -6.69 24.15
CA GLU F 357 13.01 -6.70 24.40
C GLU F 357 12.46 -8.02 23.88
N THR F 358 12.08 -8.90 24.80
CA THR F 358 11.60 -10.24 24.45
C THR F 358 10.11 -10.29 24.17
N GLU F 359 9.38 -9.20 24.39
CA GLU F 359 7.95 -9.21 24.09
C GLU F 359 7.65 -9.56 22.65
N VAL F 360 8.60 -9.30 21.74
CA VAL F 360 8.44 -9.63 20.33
C VAL F 360 9.60 -10.52 19.91
N LEU F 361 9.43 -11.18 18.76
CA LEU F 361 10.46 -12.04 18.20
C LEU F 361 11.42 -11.29 17.28
N TRP F 362 11.00 -10.15 16.75
CA TRP F 362 11.73 -9.45 15.71
C TRP F 362 12.65 -8.37 16.31
N THR F 363 13.56 -7.89 15.47
CA THR F 363 14.44 -6.77 15.80
C THR F 363 14.35 -5.74 14.69
N SER F 364 13.88 -4.55 15.02
CA SER F 364 13.73 -3.49 14.02
C SER F 364 14.02 -2.16 14.67
N ASN F 365 13.74 -1.08 13.95
CA ASN F 365 14.01 0.26 14.46
C ASN F 365 13.03 1.24 13.83
N SER F 366 12.83 2.35 14.55
CA SER F 366 12.32 3.58 13.98
C SER F 366 13.47 4.57 13.93
N ILE F 367 13.22 5.76 13.40
CA ILE F 367 14.24 6.79 13.32
CA ILE F 367 14.24 6.79 13.28
C ILE F 367 13.66 8.12 13.74
N VAL F 368 14.51 8.97 14.31
CA VAL F 368 14.21 10.35 14.59
C VAL F 368 15.36 11.17 14.04
N VAL F 369 15.05 12.29 13.40
CA VAL F 369 16.03 13.06 12.66
C VAL F 369 15.98 14.50 13.15
N PHE F 370 17.13 15.03 13.53
CA PHE F 370 17.28 16.40 13.98
C PHE F 370 18.27 17.11 13.09
N CYS F 371 18.08 18.42 12.92
CA CYS F 371 18.94 19.22 12.07
C CYS F 371 19.47 20.42 12.84
N GLY F 372 20.72 20.78 12.56
CA GLY F 372 21.31 21.94 13.20
C GLY F 372 20.48 23.19 12.93
N THR F 373 20.40 24.06 13.93
CA THR F 373 19.68 25.32 13.82
C THR F 373 20.53 26.44 14.39
N SER F 374 20.46 27.61 13.78
CA SER F 374 21.00 28.83 14.36
C SER F 374 19.96 29.58 15.17
N GLY F 375 18.70 29.14 15.15
CA GLY F 375 17.65 29.79 15.90
C GLY F 375 17.60 29.31 17.34
N THR F 376 16.41 29.18 17.90
CA THR F 376 16.22 28.71 19.26
C THR F 376 15.32 27.50 19.28
N TYR F 377 15.37 26.78 20.40
CA TYR F 377 14.66 25.52 20.54
C TYR F 377 14.41 25.27 22.02
N GLY F 378 13.43 24.41 22.29
CA GLY F 378 13.09 24.09 23.66
C GLY F 378 13.59 22.73 24.08
N THR F 379 12.70 21.89 24.60
CA THR F 379 13.06 20.56 25.07
C THR F 379 11.97 19.58 24.70
N GLY F 380 12.36 18.32 24.62
CA GLY F 380 11.41 17.27 24.37
C GLY F 380 12.09 15.92 24.39
N SER F 381 11.34 14.90 24.00
CA SER F 381 11.86 13.55 23.86
C SER F 381 11.03 12.86 22.79
N TRP F 382 11.71 12.23 21.84
CA TRP F 382 11.07 11.62 20.68
C TRP F 382 11.55 10.17 20.54
N PRO F 383 11.13 9.31 21.45
CA PRO F 383 11.48 7.89 21.36
C PRO F 383 10.62 7.20 20.30
N ASP F 384 10.85 5.91 20.13
CA ASP F 384 10.09 5.13 19.15
C ASP F 384 8.61 5.13 19.51
N GLY F 385 8.28 4.83 20.77
CA GLY F 385 6.92 4.88 21.25
C GLY F 385 6.06 3.68 20.92
N ALA F 386 6.62 2.62 20.38
CA ALA F 386 5.87 1.38 20.21
C ALA F 386 5.76 0.66 21.55
N ASP F 387 4.55 0.29 21.93
CA ASP F 387 4.33 -0.46 23.16
C ASP F 387 4.32 -1.94 22.77
N LEU F 388 5.52 -2.54 22.87
CA LEU F 388 5.72 -3.90 22.37
C LEU F 388 4.85 -4.92 23.10
N ASN F 389 4.36 -4.60 24.30
CA ASN F 389 3.50 -5.53 25.00
C ASN F 389 2.23 -5.81 24.23
N LEU F 390 1.68 -4.81 23.54
CA LEU F 390 0.47 -4.99 22.74
C LEU F 390 0.75 -5.56 21.36
N MET F 391 2.01 -5.71 20.98
CA MET F 391 2.37 -6.20 19.66
C MET F 391 2.72 -7.69 19.69
N GLY G 2 -47.10 23.56 -8.80
CA GLY G 2 -48.11 22.47 -8.87
C GLY G 2 -49.13 22.55 -7.76
N ARG G 3 -50.40 22.33 -8.10
CA ARG G 3 -51.48 22.42 -7.14
C ARG G 3 -52.61 21.50 -7.57
N LEU G 4 -53.20 20.81 -6.61
CA LEU G 4 -54.33 19.91 -6.83
C LEU G 4 -55.54 20.42 -6.08
N GLN G 5 -56.73 20.24 -6.67
CA GLN G 5 -57.98 20.74 -6.11
C GLN G 5 -59.05 19.65 -6.27
N GLU G 6 -59.32 18.93 -5.19
CA GLU G 6 -60.36 17.92 -5.21
C GLU G 6 -61.74 18.59 -5.20
N SER G 7 -62.73 17.83 -5.67
CA SER G 7 -64.11 18.32 -5.69
C SER G 7 -65.04 17.12 -5.83
N GLY G 8 -66.33 17.39 -5.68
CA GLY G 8 -67.33 16.35 -5.76
C GLY G 8 -67.69 15.69 -4.45
N GLY G 9 -66.98 16.02 -3.36
CA GLY G 9 -67.31 15.46 -2.07
C GLY G 9 -68.59 16.06 -1.51
N GLY G 10 -69.25 15.28 -0.67
CA GLY G 10 -70.50 15.72 -0.08
C GLY G 10 -71.18 14.61 0.68
N VAL G 11 -72.46 14.81 0.95
CA VAL G 11 -73.26 13.82 1.68
C VAL G 11 -73.82 12.81 0.68
N VAL G 12 -73.59 11.54 0.96
CA VAL G 12 -74.07 10.44 0.12
C VAL G 12 -74.75 9.42 1.02
N GLN G 13 -75.93 8.96 0.60
CA GLN G 13 -76.64 7.96 1.37
C GLN G 13 -75.90 6.62 1.29
N PRO G 14 -75.95 5.81 2.37
CA PRO G 14 -75.25 4.53 2.37
C PRO G 14 -75.72 3.59 1.26
N ARG G 16 -75.31 4.26 -2.46
CA ARG G 16 -75.30 5.23 -3.55
C ARG G 16 -73.87 5.45 -4.05
N SER G 17 -73.74 6.27 -5.09
CA SER G 17 -72.45 6.52 -5.74
C SER G 17 -72.13 8.00 -5.67
N LEU G 18 -70.83 8.30 -5.81
CA LEU G 18 -70.35 9.68 -5.79
C LEU G 18 -69.04 9.73 -6.54
N THR G 19 -68.91 10.68 -7.46
CA THR G 19 -67.70 10.82 -8.27
C THR G 19 -66.86 11.97 -7.73
N LEU G 20 -65.68 11.64 -7.22
CA LEU G 20 -64.71 12.63 -6.80
C LEU G 20 -63.84 13.03 -7.98
N SER G 21 -63.57 14.33 -8.09
CA SER G 21 -62.74 14.86 -9.16
C SER G 21 -61.57 15.63 -8.56
N CYS G 22 -60.42 15.52 -9.22
CA CYS G 22 -59.19 16.20 -8.82
C CYS G 22 -58.64 16.95 -10.03
N ALA G 23 -58.65 18.27 -9.96
CA ALA G 23 -58.12 19.11 -11.03
C ALA G 23 -56.70 19.54 -10.68
N ALA G 24 -55.79 19.36 -11.63
CA ALA G 24 -54.40 19.77 -11.46
C ALA G 24 -54.15 21.10 -12.15
N SER G 25 -53.44 21.99 -11.47
CA SER G 25 -53.08 23.28 -12.02
C SER G 25 -51.60 23.55 -11.73
N GLY G 26 -50.93 24.16 -12.69
CA GLY G 26 -49.49 24.41 -12.59
C GLY G 26 -48.62 23.27 -13.09
N PHE G 27 -49.21 22.14 -13.45
CA PHE G 27 -48.44 21.03 -13.98
C PHE G 27 -49.38 20.14 -14.78
N THR G 28 -48.79 19.27 -15.60
CA THR G 28 -49.56 18.37 -16.44
C THR G 28 -49.77 17.04 -15.73
N LEU G 29 -51.04 16.62 -15.60
CA LEU G 29 -51.35 15.39 -14.90
C LEU G 29 -50.68 14.19 -15.55
N GLU G 30 -50.50 14.23 -16.87
CA GLU G 30 -49.86 13.11 -17.58
C GLU G 30 -48.45 12.85 -17.08
N THR G 31 -47.82 13.82 -16.43
CA THR G 31 -46.45 13.67 -15.97
C THR G 31 -46.32 12.82 -14.72
N TYR G 32 -47.42 12.59 -13.99
CA TYR G 32 -47.34 12.06 -12.64
C TYR G 32 -48.29 10.90 -12.42
N THR G 33 -47.80 9.86 -11.74
CA THR G 33 -48.69 8.91 -11.10
C THR G 33 -49.58 9.66 -10.11
N MET G 34 -50.87 9.32 -10.10
CA MET G 34 -51.85 10.01 -9.27
C MET G 34 -52.45 9.01 -8.29
N HIS G 35 -52.52 9.42 -7.03
CA HIS G 35 -53.09 8.60 -5.96
C HIS G 35 -54.30 9.28 -5.35
N TRP G 36 -55.18 8.47 -4.79
CA TRP G 36 -56.24 8.94 -3.89
C TRP G 36 -55.93 8.41 -2.50
N VAL G 37 -55.82 9.32 -1.54
CA VAL G 37 -55.53 8.96 -0.15
C VAL G 37 -56.62 9.60 0.72
N ARG G 38 -57.28 8.78 1.53
CA ARG G 38 -58.35 9.26 2.39
C ARG G 38 -57.91 9.21 3.85
N GLN G 39 -58.48 10.11 4.63
CA GLN G 39 -58.17 10.23 6.06
C GLN G 39 -59.49 10.21 6.82
N THR G 40 -59.67 9.19 7.66
CA THR G 40 -60.89 9.06 8.44
C THR G 40 -60.78 9.85 9.75
N GLY G 44 -56.04 8.14 10.59
CA GLY G 44 -54.80 8.41 9.88
C GLY G 44 -54.98 8.37 8.38
N LEU G 45 -53.86 8.29 7.65
CA LEU G 45 -53.88 8.25 6.19
C LEU G 45 -54.07 6.82 5.71
N GLU G 46 -54.87 6.67 4.65
CA GLU G 46 -55.20 5.37 4.09
C GLU G 46 -55.19 5.48 2.58
N TRP G 47 -54.21 4.85 1.93
CA TRP G 47 -54.18 4.85 0.47
C TRP G 47 -55.41 4.15 -0.07
N VAL G 48 -56.02 4.75 -1.10
CA VAL G 48 -57.25 4.24 -1.70
C VAL G 48 -56.99 3.64 -3.07
N ALA G 49 -56.49 4.43 -4.01
CA ALA G 49 -56.29 3.96 -5.37
C ALA G 49 -55.25 4.84 -6.05
N VAL G 50 -54.70 4.32 -7.14
CA VAL G 50 -53.67 5.01 -7.91
C VAL G 50 -54.01 4.89 -9.39
N SER G 51 -53.62 5.90 -10.16
CA SER G 51 -53.81 5.93 -11.60
C SER G 51 -52.47 6.17 -12.27
N SER G 52 -52.15 5.34 -13.25
CA SER G 52 -50.88 5.47 -13.96
C SER G 52 -50.86 6.76 -14.77
N LYS G 53 -49.65 7.16 -15.18
CA LYS G 53 -49.49 8.42 -15.91
C LYS G 53 -50.31 8.42 -17.19
N ASP G 54 -50.26 7.32 -17.94
CA ASP G 54 -51.01 7.24 -19.19
C ASP G 54 -52.50 7.00 -18.99
N GLY G 55 -52.93 6.73 -17.75
CA GLY G 55 -54.33 6.50 -17.49
C GLY G 55 -54.84 5.14 -17.90
N ASN G 56 -53.94 4.19 -18.17
CA ASN G 56 -54.32 2.85 -18.62
C ASN G 56 -54.17 1.78 -17.55
N ASN G 57 -53.55 2.10 -16.42
CA ASN G 57 -53.34 1.13 -15.36
C ASN G 57 -53.74 1.73 -14.02
N VAL G 58 -54.27 0.87 -13.15
CA VAL G 58 -54.75 1.30 -11.83
C VAL G 58 -54.46 0.21 -10.82
N TYR G 59 -54.31 0.62 -9.56
CA TYR G 59 -54.35 -0.28 -8.42
C TYR G 59 -55.37 0.26 -7.43
N TYR G 60 -55.97 -0.64 -6.66
CA TYR G 60 -56.99 -0.27 -5.69
C TYR G 60 -56.66 -0.88 -4.34
N ARG G 61 -57.06 -0.18 -3.28
CA ARG G 61 -57.08 -0.78 -1.96
C ARG G 61 -58.03 -1.96 -1.97
N ASP G 62 -57.68 -3.00 -1.20
CA ASP G 62 -58.48 -4.22 -1.23
C ASP G 62 -59.93 -3.94 -0.86
N SER G 63 -60.15 -3.13 0.18
CA SER G 63 -61.50 -2.87 0.68
C SER G 63 -62.35 -2.08 -0.29
N VAL G 64 -61.77 -1.48 -1.33
CA VAL G 64 -62.52 -0.72 -2.32
C VAL G 64 -62.54 -1.38 -3.68
N LYS G 65 -61.81 -2.49 -3.86
CA LYS G 65 -61.80 -3.18 -5.14
C LYS G 65 -63.21 -3.62 -5.51
N GLY G 66 -63.59 -3.36 -6.77
CA GLY G 66 -64.92 -3.68 -7.24
C GLY G 66 -65.97 -2.65 -6.91
N ARG G 67 -65.62 -1.62 -6.13
CA ARG G 67 -66.54 -0.54 -5.79
C ARG G 67 -66.07 0.81 -6.30
N PHE G 68 -64.79 1.13 -6.13
CA PHE G 68 -64.21 2.38 -6.58
C PHE G 68 -63.54 2.18 -7.94
N THR G 69 -63.75 3.12 -8.86
CA THR G 69 -63.07 3.14 -10.14
C THR G 69 -62.31 4.45 -10.24
N VAL G 70 -61.00 4.37 -10.40
CA VAL G 70 -60.14 5.54 -10.54
C VAL G 70 -59.78 5.70 -12.01
N SER G 71 -59.98 6.91 -12.52
CA SER G 71 -59.67 7.22 -13.91
C SER G 71 -59.14 8.64 -13.97
N ARG G 72 -58.65 9.01 -15.16
CA ARG G 72 -58.11 10.35 -15.37
C ARG G 72 -58.39 10.78 -16.81
N ASP G 73 -58.32 12.08 -17.03
CA ASP G 73 -58.34 12.66 -18.37
C ASP G 73 -57.16 13.63 -18.43
N ASN G 74 -56.04 13.15 -18.97
CA ASN G 74 -54.83 13.95 -18.98
C ASN G 74 -55.02 15.23 -19.78
N SER G 75 -55.91 15.22 -20.77
CA SER G 75 -56.21 16.44 -21.52
C SER G 75 -56.82 17.49 -20.61
N LYS G 76 -57.75 17.09 -19.74
CA LYS G 76 -58.39 18.00 -18.80
C LYS G 76 -57.59 18.19 -17.52
N ASN G 77 -56.47 17.49 -17.35
CA ASN G 77 -55.67 17.60 -16.14
C ASN G 77 -56.51 17.25 -14.90
N THR G 78 -57.41 16.28 -15.06
CA THR G 78 -58.36 15.93 -14.00
C THR G 78 -58.24 14.45 -13.67
N LEU G 79 -58.15 14.15 -12.39
CA LEU G 79 -58.19 12.79 -11.88
C LEU G 79 -59.56 12.53 -11.25
N PHE G 80 -60.09 11.33 -11.49
CA PHE G 80 -61.43 10.96 -11.04
C PHE G 80 -61.36 9.73 -10.13
N LEU G 81 -62.26 9.68 -9.15
CA LEU G 81 -62.50 8.48 -8.35
C LEU G 81 -64.01 8.26 -8.35
N GLN G 82 -64.46 7.29 -9.15
CA GLN G 82 -65.87 6.93 -9.22
C GLN G 82 -66.15 5.91 -8.10
N MET G 83 -66.89 6.35 -7.08
CA MET G 83 -67.15 5.54 -5.91
C MET G 83 -68.56 5.00 -5.98
N ASN G 84 -68.70 3.67 -5.90
CA ASN G 84 -70.00 3.01 -5.93
C ASN G 84 -70.17 2.16 -4.68
N HIS G 85 -71.43 1.93 -4.31
CA HIS G 85 -71.77 1.11 -3.15
C HIS G 85 -71.06 1.64 -1.90
N LEU G 86 -71.29 2.92 -1.61
CA LEU G 86 -70.59 3.61 -0.54
C LEU G 86 -71.14 3.17 0.82
N ARG G 87 -70.29 2.55 1.63
CA ARG G 87 -70.69 2.08 2.95
C ARG G 87 -70.42 3.14 4.00
N ASP G 90 -66.43 4.33 4.20
CA ASP G 90 -65.89 5.19 3.16
C ASP G 90 -65.86 6.64 3.59
N THR G 91 -66.58 6.96 4.67
CA THR G 91 -66.58 8.31 5.21
C THR G 91 -65.17 8.73 5.58
N ALA G 92 -64.68 9.79 4.95
CA ALA G 92 -63.32 10.25 5.19
C ALA G 92 -63.07 11.52 4.39
N LEU G 93 -61.97 12.18 4.69
CA LEU G 93 -61.46 13.28 3.86
C LEU G 93 -60.55 12.68 2.80
N TYR G 94 -60.92 12.84 1.54
CA TYR G 94 -60.23 12.19 0.43
C TYR G 94 -59.22 13.18 -0.18
N TYR G 95 -57.95 12.81 -0.12
CA TYR G 95 -56.86 13.60 -0.69
C TYR G 95 -56.45 13.05 -2.05
N CYS G 96 -56.04 13.97 -2.91
CA CYS G 96 -55.49 13.65 -4.22
C CYS G 96 -54.02 14.05 -4.22
N ALA G 97 -53.14 13.08 -4.46
CA ALA G 97 -51.71 13.29 -4.34
C ALA G 97 -50.99 12.70 -5.55
N ARG G 98 -49.93 13.37 -5.97
CA ARG G 98 -49.13 12.94 -7.12
C ARG G 98 -47.80 12.36 -6.65
N GLY G 99 -47.32 11.37 -7.38
CA GLY G 99 -46.00 10.82 -7.17
C GLY G 99 -46.05 9.39 -6.69
N SER G 100 -44.91 8.93 -6.18
CA SER G 100 -44.76 7.59 -5.60
C SER G 100 -45.19 6.52 -6.60
N ASP G 101 -44.44 6.43 -7.70
CA ASP G 101 -44.73 5.44 -8.72
C ASP G 101 -44.55 4.02 -8.15
N PRO G 102 -45.37 3.06 -8.59
CA PRO G 102 -45.10 1.67 -8.23
C PRO G 102 -43.90 1.12 -8.97
N ASP G 103 -43.59 -0.16 -8.78
CA ASP G 103 -42.44 -0.78 -9.44
C ASP G 103 -42.85 -1.23 -10.84
N TYR G 104 -42.10 -0.78 -11.84
CA TYR G 104 -42.41 -1.17 -13.22
C TYR G 104 -42.36 -2.68 -13.39
N ASP G 105 -41.56 -3.38 -12.58
CA ASP G 105 -41.44 -4.82 -12.73
C ASP G 105 -42.75 -5.53 -12.47
N LYS G 106 -43.72 -4.86 -11.84
CA LYS G 106 -45.03 -5.43 -11.57
C LYS G 106 -46.08 -5.02 -12.59
N GLY G 107 -45.68 -4.32 -13.66
CA GLY G 107 -46.59 -4.01 -14.75
C GLY G 107 -46.51 -2.59 -15.25
N TRP G 108 -46.23 -1.64 -14.36
CA TRP G 108 -46.10 -0.24 -14.75
C TRP G 108 -45.48 0.53 -13.61
N GLY G 109 -44.90 1.69 -13.94
CA GLY G 109 -44.30 2.58 -12.97
C GLY G 109 -42.83 2.82 -13.25
N ALA G 110 -42.04 2.95 -12.20
CA ALA G 110 -40.64 3.29 -12.30
C ALA G 110 -39.78 2.05 -12.47
N TYR G 111 -38.69 2.20 -13.21
CA TYR G 111 -37.70 1.13 -13.38
C TYR G 111 -36.74 1.19 -12.19
N ARG G 112 -37.10 0.48 -11.13
CA ARG G 112 -36.29 0.51 -9.92
C ARG G 112 -34.94 -0.17 -10.09
N ASN G 113 -34.82 -1.07 -11.05
CA ASN G 113 -33.59 -1.84 -11.25
C ASN G 113 -32.63 -1.17 -12.22
N THR G 114 -32.96 0.01 -12.74
CA THR G 114 -32.03 0.73 -13.59
C THR G 114 -30.85 1.26 -12.77
N ASP G 115 -29.77 1.61 -13.48
CA ASP G 115 -28.56 2.03 -12.79
C ASP G 115 -28.79 3.30 -11.98
N ARG G 116 -29.60 4.21 -12.50
CA ARG G 116 -29.90 5.47 -11.83
C ARG G 116 -31.37 5.50 -11.43
N PRO G 117 -31.79 4.69 -10.46
CA PRO G 117 -33.19 4.71 -10.04
C PRO G 117 -33.54 6.05 -9.41
N SER G 118 -34.79 6.44 -9.59
CA SER G 118 -35.30 7.68 -9.02
C SER G 118 -36.60 7.39 -8.29
N TYR G 119 -36.90 8.21 -7.29
CA TYR G 119 -38.16 8.12 -6.57
C TYR G 119 -38.59 9.52 -6.15
N ASP G 120 -39.88 9.78 -6.27
CA ASP G 120 -40.49 10.97 -5.71
C ASP G 120 -41.67 10.53 -4.86
N GLY G 121 -41.74 11.05 -3.64
CA GLY G 121 -42.86 10.76 -2.78
C GLY G 121 -44.09 11.52 -3.23
N LEU G 122 -45.08 11.56 -2.34
CA LEU G 122 -46.32 12.30 -2.61
C LEU G 122 -46.04 13.77 -2.28
N ASP G 123 -45.35 14.44 -3.21
CA ASP G 123 -44.83 15.76 -2.95
C ASP G 123 -45.89 16.86 -3.10
N VAL G 124 -47.02 16.58 -3.73
CA VAL G 124 -48.10 17.54 -3.88
C VAL G 124 -49.40 16.86 -3.51
N TRP G 125 -50.17 17.49 -2.62
CA TRP G 125 -51.48 17.03 -2.20
C TRP G 125 -52.49 18.13 -2.41
N GLY G 126 -53.74 17.75 -2.67
CA GLY G 126 -54.82 18.69 -2.63
C GLY G 126 -55.26 18.96 -1.21
N GLN G 127 -56.15 19.95 -1.06
CA GLN G 127 -56.67 20.26 0.26
C GLN G 127 -57.62 19.17 0.76
N GLY G 128 -58.11 18.32 -0.12
CA GLY G 128 -59.00 17.24 0.27
C GLY G 128 -60.46 17.62 0.20
N THR G 129 -61.31 16.69 -0.23
CA THR G 129 -62.74 16.89 -0.29
C THR G 129 -63.40 15.89 0.65
N THR G 130 -64.29 16.39 1.50
CA THR G 130 -64.92 15.56 2.52
C THR G 130 -66.04 14.74 1.91
N VAL G 131 -66.08 13.45 2.24
CA VAL G 131 -67.15 12.54 1.85
C VAL G 131 -67.68 11.91 3.11
N THR G 132 -68.98 12.11 3.38
CA THR G 132 -69.65 11.54 4.55
C THR G 132 -70.76 10.63 4.07
N VAL G 133 -70.74 9.38 4.52
CA VAL G 133 -71.72 8.39 4.11
C VAL G 133 -72.72 8.15 5.24
N ILE H 2 -47.35 -4.80 3.65
CA ILE H 2 -46.42 -4.44 4.76
C ILE H 2 -47.15 -3.62 5.81
N VAL H 3 -46.95 -3.98 7.07
CA VAL H 3 -47.51 -3.25 8.20
C VAL H 3 -46.49 -2.22 8.66
N MET H 4 -46.96 -1.00 8.90
CA MET H 4 -46.10 0.12 9.26
C MET H 4 -46.45 0.49 10.70
N THR H 5 -45.51 0.29 11.63
CA THR H 5 -45.73 0.56 13.04
C THR H 5 -44.92 1.79 13.44
N GLN H 6 -45.59 2.81 13.93
CA GLN H 6 -44.96 4.03 14.39
C GLN H 6 -44.93 4.08 15.91
N SER H 7 -43.88 4.68 16.44
CA SER H 7 -43.74 4.81 17.89
C SER H 7 -42.83 6.00 18.21
N PRO H 8 -43.22 6.86 19.17
CA PRO H 8 -44.46 6.85 19.96
C PRO H 8 -45.65 7.37 19.14
N LEU H 9 -46.88 7.04 19.54
CA LEU H 9 -48.05 7.60 18.87
C LEU H 9 -48.32 9.04 19.29
N PHE H 10 -47.79 9.46 20.43
CA PHE H 10 -47.91 10.83 20.90
C PHE H 10 -46.55 11.28 21.44
N LEU H 11 -46.13 12.48 21.06
CA LEU H 11 -44.84 13.01 21.48
C LEU H 11 -45.02 14.47 21.88
N SER H 12 -44.47 14.82 23.04
CA SER H 12 -44.48 16.18 23.55
C SER H 12 -43.05 16.70 23.50
N VAL H 13 -42.85 17.84 22.83
CA VAL H 13 -41.53 18.34 22.51
C VAL H 13 -41.38 19.75 23.09
N THR H 14 -40.32 19.96 23.86
CA THR H 14 -40.00 21.30 24.32
C THR H 14 -39.39 22.10 23.17
N PRO H 15 -39.82 23.36 22.96
CA PRO H 15 -39.26 24.14 21.86
C PRO H 15 -37.74 24.21 21.95
N GLY H 16 -37.08 24.02 20.81
CA GLY H 16 -35.64 24.09 20.73
C GLY H 16 -34.93 22.77 20.95
N GLU H 17 -35.59 21.77 21.52
CA GLU H 17 -34.98 20.47 21.72
C GLU H 17 -35.23 19.58 20.51
N SER H 18 -34.71 18.36 20.56
CA SER H 18 -34.84 17.41 19.47
C SER H 18 -35.97 16.43 19.75
N ALA H 19 -36.60 15.96 18.68
CA ALA H 19 -37.66 14.97 18.76
C ALA H 19 -37.40 13.88 17.75
N SER H 20 -37.53 12.63 18.17
CA SER H 20 -37.31 11.47 17.31
C SER H 20 -38.58 10.64 17.24
N ILE H 21 -38.97 10.26 16.03
CA ILE H 21 -40.10 9.39 15.79
C ILE H 21 -39.58 8.14 15.08
N SER H 22 -39.90 6.98 15.64
CA SER H 22 -39.47 5.71 15.09
C SER H 22 -40.59 5.11 14.26
N CYS H 23 -40.22 4.36 13.23
CA CYS H 23 -41.16 3.69 12.35
C CYS H 23 -40.59 2.35 11.95
N ARG H 24 -41.37 1.29 12.14
CA ARG H 24 -40.91 -0.07 11.89
C ARG H 24 -41.85 -0.75 10.91
N SER H 25 -41.29 -1.38 9.88
CA SER H 25 -42.05 -2.12 8.89
C SER H 25 -42.00 -3.61 9.19
N SER H 26 -43.09 -4.30 8.84
CA SER H 26 -43.12 -5.75 9.00
C SER H 26 -42.09 -6.43 8.10
N GLN H 27 -41.75 -5.79 6.98
CA GLN H 27 -40.76 -6.32 6.04
C GLN H 27 -39.76 -5.24 5.71
N SER H 28 -38.57 -5.66 5.29
CA SER H 28 -37.53 -4.71 4.92
C SER H 28 -38.00 -3.85 3.75
N LEU H 29 -37.79 -2.54 3.87
CA LEU H 29 -38.10 -1.60 2.81
C LEU H 29 -36.88 -1.33 1.92
N LEU H 30 -35.78 -2.05 2.13
CA LEU H 30 -34.57 -1.86 1.35
C LEU H 30 -34.69 -2.62 0.04
N HIS H 31 -34.76 -1.89 -1.06
CA HIS H 31 -34.81 -2.48 -2.39
C HIS H 31 -33.42 -2.97 -2.80
N SER H 32 -33.39 -3.89 -3.77
CA SER H 32 -32.12 -4.41 -4.26
C SER H 32 -31.25 -3.31 -4.87
N ASN H 33 -31.85 -2.20 -5.29
CA ASN H 33 -31.09 -1.06 -5.79
C ASN H 33 -30.45 -0.23 -4.68
N GLY H 34 -30.55 -0.68 -3.43
CA GLY H 34 -29.88 -0.05 -2.32
C GLY H 34 -30.64 1.04 -1.61
N TYR H 35 -31.84 1.37 -2.05
CA TYR H 35 -32.61 2.47 -1.49
C TYR H 35 -33.78 1.93 -0.67
N ASN H 36 -34.02 2.55 0.48
CA ASN H 36 -35.14 2.20 1.34
C ASN H 36 -36.36 3.01 0.91
N TYR H 37 -37.37 2.33 0.39
CA TYR H 37 -38.57 3.00 -0.12
C TYR H 37 -39.48 3.34 1.06
N LEU H 38 -39.04 4.34 1.82
CA LEU H 38 -39.74 4.80 3.01
C LEU H 38 -39.84 6.30 2.95
N ASP H 39 -41.06 6.83 3.08
CA ASP H 39 -41.31 8.25 3.07
C ASP H 39 -41.80 8.70 4.44
N TRP H 40 -41.57 9.98 4.74
CA TRP H 40 -42.13 10.63 5.91
C TRP H 40 -42.99 11.80 5.48
N TYR H 41 -44.16 11.91 6.07
CA TYR H 41 -45.11 12.97 5.76
C TYR H 41 -45.52 13.67 7.04
N LEU H 42 -45.71 14.98 6.96
CA LEU H 42 -46.18 15.79 8.08
C LEU H 42 -47.51 16.40 7.69
N GLN H 43 -48.53 16.16 8.52
CA GLN H 43 -49.83 16.80 8.37
C GLN H 43 -49.99 17.79 9.51
N LYS H 44 -49.68 19.06 9.22
CA LYS H 44 -49.87 20.10 10.22
C LYS H 44 -51.37 20.29 10.47
N PRO H 45 -51.73 20.80 11.66
CA PRO H 45 -53.16 20.91 11.99
C PRO H 45 -53.95 21.67 10.94
N GLY H 46 -54.95 21.00 10.35
CA GLY H 46 -55.82 21.61 9.37
C GLY H 46 -55.28 21.62 7.96
N GLN H 47 -54.02 21.28 7.74
CA GLN H 47 -53.41 21.30 6.43
C GLN H 47 -53.39 19.90 5.83
N SER H 48 -53.12 19.84 4.53
CA SER H 48 -52.92 18.57 3.85
C SER H 48 -51.53 18.03 4.16
N PRO H 49 -51.33 16.72 4.03
CA PRO H 49 -49.99 16.17 4.28
C PRO H 49 -48.96 16.76 3.33
N GLN H 50 -47.74 16.93 3.83
CA GLN H 50 -46.62 17.39 3.03
C GLN H 50 -45.49 16.38 3.14
N LEU H 51 -44.80 16.15 2.03
CA LEU H 51 -43.66 15.24 2.03
C LEU H 51 -42.48 15.90 2.73
N LEU H 52 -41.96 15.21 3.75
CA LEU H 52 -40.74 15.63 4.44
C LEU H 52 -39.51 14.90 3.93
N ILE H 53 -39.57 13.57 3.92
CA ILE H 53 -38.44 12.72 3.56
C ILE H 53 -38.94 11.66 2.61
N TYR H 54 -38.12 11.35 1.61
CA TYR H 54 -38.36 10.22 0.73
C TYR H 54 -37.10 9.37 0.69
N TRP H 55 -37.29 8.09 0.35
CA TRP H 55 -36.18 7.14 0.32
C TRP H 55 -35.40 7.16 1.63
N GLY H 56 -36.13 7.18 2.73
CA GLY H 56 -35.52 7.07 4.05
C GLY H 56 -34.80 8.30 4.60
N SER H 57 -33.97 8.93 3.79
CA SER H 57 -33.11 10.00 4.30
C SER H 57 -33.03 11.22 3.38
N ASN H 58 -33.79 11.26 2.28
CA ASN H 58 -33.71 12.35 1.32
C ASN H 58 -34.79 13.37 1.65
N ARG H 59 -34.38 14.56 2.05
CA ARG H 59 -35.32 15.64 2.33
C ARG H 59 -35.96 16.13 1.04
N ALA H 60 -37.26 16.39 1.10
CA ALA H 60 -37.95 16.98 -0.04
C ALA H 60 -37.51 18.43 -0.23
N SER H 61 -37.78 18.95 -1.42
CA SER H 61 -37.38 20.32 -1.74
C SER H 61 -37.98 21.30 -0.74
N GLY H 62 -37.16 22.23 -0.26
CA GLY H 62 -37.60 23.26 0.64
C GLY H 62 -37.85 22.81 2.07
N VAL H 63 -37.66 21.53 2.37
CA VAL H 63 -37.84 21.03 3.72
C VAL H 63 -36.62 21.40 4.55
N SER H 64 -36.86 21.94 5.74
CA SER H 64 -35.77 22.35 6.61
C SER H 64 -34.87 21.15 6.92
N ASP H 65 -33.56 21.41 6.95
CA ASP H 65 -32.60 20.38 7.36
C ASP H 65 -32.71 20.04 8.83
N ARG H 66 -33.64 20.64 9.56
CA ARG H 66 -33.96 20.19 10.91
C ARG H 66 -34.58 18.80 10.90
N PHE H 67 -35.27 18.44 9.82
CA PHE H 67 -35.84 17.10 9.67
C PHE H 67 -34.78 16.16 9.10
N SER H 68 -34.52 15.07 9.81
CA SER H 68 -33.49 14.11 9.42
C SER H 68 -34.07 12.71 9.43
N GLY H 69 -34.14 12.07 8.27
CA GLY H 69 -34.56 10.69 8.18
C GLY H 69 -33.37 9.77 8.20
N ARG H 70 -33.45 8.73 9.02
CA ARG H 70 -32.38 7.75 9.16
C ARG H 70 -32.97 6.36 9.21
N GLY H 71 -32.10 5.37 9.10
CA GLY H 71 -32.48 3.97 9.21
C GLY H 71 -32.37 3.26 7.86
N SER H 72 -32.75 1.98 7.89
CA SER H 72 -32.69 1.12 6.73
C SER H 72 -33.34 -0.21 7.07
N GLY H 73 -33.86 -0.87 6.05
CA GLY H 73 -34.46 -2.17 6.25
C GLY H 73 -35.84 -2.07 6.86
N THR H 74 -35.95 -2.39 8.15
CA THR H 74 -37.23 -2.38 8.84
C THR H 74 -37.33 -1.32 9.92
N ASP H 75 -36.25 -0.62 10.25
CA ASP H 75 -36.24 0.35 11.34
C ASP H 75 -35.82 1.71 10.80
N PHE H 76 -36.67 2.72 10.99
CA PHE H 76 -36.39 4.06 10.50
C PHE H 76 -36.75 5.06 11.59
N THR H 77 -36.04 6.18 11.59
CA THR H 77 -36.23 7.23 12.58
C THR H 77 -36.32 8.57 11.87
N LEU H 78 -37.29 9.38 12.27
CA LEU H 78 -37.37 10.77 11.87
C LEU H 78 -36.98 11.63 13.05
N THR H 79 -35.90 12.39 12.91
CA THR H 79 -35.41 13.28 13.95
C THR H 79 -35.74 14.72 13.56
N ILE H 80 -36.45 15.42 14.44
CA ILE H 80 -36.74 16.83 14.27
C ILE H 80 -35.84 17.60 15.22
N TYR H 81 -34.82 18.27 14.66
CA TYR H 81 -33.90 19.05 15.45
C TYR H 81 -34.47 20.44 15.70
N ASN H 82 -34.15 21.00 16.87
CA ASN H 82 -34.53 22.37 17.21
C ASN H 82 -36.03 22.59 16.93
N VAL H 83 -36.85 21.76 17.57
CA VAL H 83 -38.28 21.77 17.29
C VAL H 83 -38.86 23.14 17.59
N GLU H 84 -39.78 23.57 16.75
CA GLU H 84 -40.52 24.81 16.92
C GLU H 84 -42.01 24.53 16.84
N ALA H 85 -42.80 25.51 17.28
CA ALA H 85 -44.25 25.34 17.32
C ALA H 85 -44.82 24.99 15.95
N GLU H 86 -44.16 25.44 14.88
CA GLU H 86 -44.63 25.13 13.54
C GLU H 86 -44.48 23.65 13.18
N ASP H 87 -43.72 22.89 13.96
CA ASP H 87 -43.51 21.47 13.68
C ASP H 87 -44.61 20.58 14.26
N VAL H 88 -45.57 21.15 15.00
CA VAL H 88 -46.63 20.33 15.58
C VAL H 88 -47.50 19.76 14.46
N GLY H 89 -48.13 18.63 14.75
CA GLY H 89 -48.96 17.93 13.81
C GLY H 89 -48.76 16.44 13.94
N VAL H 90 -49.14 15.71 12.89
CA VAL H 90 -49.02 14.26 12.84
C VAL H 90 -48.00 13.90 11.78
N TYR H 91 -47.03 13.08 12.15
CA TYR H 91 -46.00 12.59 11.23
C TYR H 91 -46.32 11.15 10.85
N TYR H 92 -46.48 10.89 9.56
CA TYR H 92 -46.78 9.57 9.04
C TYR H 92 -45.60 9.07 8.23
N CYS H 93 -45.12 7.87 8.54
CA CYS H 93 -44.22 7.18 7.64
C CYS H 93 -45.02 6.35 6.66
N MET H 94 -44.51 6.25 5.43
CA MET H 94 -45.17 5.51 4.36
C MET H 94 -44.14 4.66 3.64
N GLN H 95 -44.43 3.37 3.52
CA GLN H 95 -43.60 2.48 2.72
C GLN H 95 -44.10 2.50 1.28
N ALA H 96 -43.15 2.55 0.35
CA ALA H 96 -43.47 2.50 -1.08
C ALA H 96 -42.75 1.36 -1.78
N LEU H 97 -42.19 0.41 -1.03
CA LEU H 97 -41.49 -0.71 -1.64
C LEU H 97 -42.48 -1.68 -2.28
N GLN H 98 -43.35 -2.26 -1.46
CA GLN H 98 -44.28 -3.30 -1.90
C GLN H 98 -45.65 -2.65 -2.09
N THR H 99 -45.96 -2.29 -3.34
CA THR H 99 -47.21 -1.63 -3.65
C THR H 99 -47.85 -2.31 -4.86
N PRO H 100 -49.19 -2.37 -4.90
CA PRO H 100 -50.14 -1.89 -3.90
C PRO H 100 -50.23 -2.84 -2.70
N PRO H 101 -50.75 -2.38 -1.56
CA PRO H 101 -51.18 -1.01 -1.26
C PRO H 101 -50.03 -0.14 -0.76
N TRP H 102 -50.12 1.17 -0.94
CA TRP H 102 -49.26 2.09 -0.20
C TRP H 102 -49.76 2.17 1.22
N THR H 103 -48.90 1.86 2.20
CA THR H 103 -49.32 1.73 3.58
C THR H 103 -48.62 2.78 4.43
N PHE H 104 -49.40 3.50 5.23
CA PHE H 104 -48.90 4.49 6.16
C PHE H 104 -48.81 3.91 7.57
N GLY H 105 -47.97 4.53 8.38
CA GLY H 105 -48.02 4.29 9.81
C GLY H 105 -49.22 4.96 10.43
N GLN H 106 -49.48 4.62 11.69
CA GLN H 106 -50.63 5.20 12.38
C GLN H 106 -50.52 6.70 12.53
N GLY H 107 -49.30 7.23 12.51
CA GLY H 107 -49.10 8.66 12.67
C GLY H 107 -48.72 9.02 14.09
N THR H 108 -47.61 9.73 14.27
CA THR H 108 -47.16 10.18 15.57
C THR H 108 -47.57 11.64 15.75
N LYS H 109 -48.34 11.92 16.79
CA LYS H 109 -48.84 13.26 17.06
C LYS H 109 -47.82 14.01 17.90
N VAL H 110 -47.32 15.12 17.38
CA VAL H 110 -46.34 15.95 18.04
C VAL H 110 -47.03 17.22 18.51
N ASP H 111 -46.83 17.58 19.78
CA ASP H 111 -47.41 18.78 20.34
C ASP H 111 -46.42 19.49 21.26
N ALA I 6 3.08 22.46 -23.95
CA ALA I 6 1.90 21.59 -24.26
C ALA I 6 0.82 22.41 -24.99
N GLU I 7 0.28 21.83 -26.05
CA GLU I 7 -0.72 22.49 -26.89
C GLU I 7 -2.02 21.71 -26.78
N TYR I 8 -3.14 22.42 -26.93
CA TYR I 8 -4.44 21.77 -26.89
C TYR I 8 -4.51 20.65 -27.91
N ARG I 9 -5.18 19.55 -27.53
CA ARG I 9 -5.49 18.51 -28.49
C ARG I 9 -6.47 19.03 -29.53
N ASN I 10 -6.26 18.64 -30.78
CA ASN I 10 -7.21 18.92 -31.84
C ASN I 10 -7.77 17.66 -32.48
N TRP I 11 -7.16 16.50 -32.24
CA TRP I 11 -7.63 15.24 -32.81
C TRP I 11 -7.82 15.37 -34.32
N SER I 12 -6.94 16.15 -34.95
CA SER I 12 -7.07 16.47 -36.37
C SER I 12 -6.40 15.43 -37.27
N LYS I 13 -6.23 14.21 -36.78
CA LYS I 13 -5.74 13.10 -37.59
C LYS I 13 -6.88 12.19 -37.98
N PRO I 14 -6.75 11.45 -39.08
CA PRO I 14 -7.83 10.56 -39.49
C PRO I 14 -7.96 9.36 -38.57
N GLN I 15 -9.18 8.82 -38.51
CA GLN I 15 -9.39 7.48 -37.98
C GLN I 15 -8.85 6.47 -38.97
N CYS I 16 -7.72 5.82 -38.65
CA CYS I 16 -7.20 4.83 -39.58
C CYS I 16 -7.86 3.48 -39.33
N GLY I 17 -7.53 2.52 -40.19
CA GLY I 17 -8.27 1.28 -40.27
C GLY I 17 -8.38 0.51 -38.96
N ILE I 18 -9.60 0.09 -38.65
CA ILE I 18 -9.85 -0.87 -37.59
C ILE I 18 -10.18 -2.20 -38.25
N THR I 19 -9.34 -3.21 -38.02
CA THR I 19 -9.68 -4.58 -38.35
C THR I 19 -10.37 -5.30 -37.20
N GLY I 20 -10.38 -4.68 -36.02
CA GLY I 20 -10.88 -5.30 -34.81
C GLY I 20 -10.24 -4.61 -33.61
N PHE I 21 -10.08 -5.37 -32.54
CA PHE I 21 -9.56 -4.82 -31.30
C PHE I 21 -8.65 -5.83 -30.63
N ALA I 22 -7.54 -5.33 -30.10
CA ALA I 22 -6.55 -6.15 -29.42
C ALA I 22 -6.57 -5.89 -27.92
N PRO I 23 -6.23 -6.87 -27.10
CA PRO I 23 -6.21 -6.65 -25.65
C PRO I 23 -5.22 -5.55 -25.28
N PHE I 24 -5.65 -4.68 -24.36
CA PHE I 24 -4.83 -3.55 -23.93
C PHE I 24 -4.52 -3.56 -22.44
N SER I 25 -5.53 -3.74 -21.59
CA SER I 25 -5.31 -3.69 -20.15
C SER I 25 -6.42 -4.45 -19.43
N LYS I 26 -6.12 -4.81 -18.19
CA LYS I 26 -7.05 -5.53 -17.32
C LYS I 26 -6.63 -5.29 -15.89
N ASP I 27 -7.53 -4.75 -15.06
CA ASP I 27 -7.14 -4.36 -13.72
C ASP I 27 -7.15 -5.53 -12.74
N ASN I 28 -7.97 -6.55 -12.98
CA ASN I 28 -8.08 -7.70 -12.07
C ASN I 28 -8.44 -7.27 -10.65
N SER I 29 -9.25 -6.22 -10.53
CA SER I 29 -9.46 -5.59 -9.23
C SER I 29 -10.12 -6.55 -8.25
N ILE I 30 -11.18 -7.24 -8.68
CA ILE I 30 -11.93 -8.09 -7.75
C ILE I 30 -11.04 -9.23 -7.24
N ARG I 31 -10.33 -9.88 -8.15
CA ARG I 31 -9.45 -10.98 -7.73
C ARG I 31 -8.42 -10.49 -6.72
N LEU I 32 -7.83 -9.32 -6.98
CA LEU I 32 -6.85 -8.77 -6.04
C LEU I 32 -7.49 -8.39 -4.72
N SER I 33 -8.77 -8.01 -4.73
CA SER I 33 -9.42 -7.53 -3.51
C SER I 33 -9.56 -8.62 -2.47
N ALA I 34 -9.60 -9.89 -2.90
CA ALA I 34 -9.62 -10.99 -1.94
C ALA I 34 -8.33 -11.05 -1.12
N GLY I 35 -7.26 -10.42 -1.61
CA GLY I 35 -5.97 -10.45 -0.94
C GLY I 35 -5.31 -9.09 -0.91
N GLY I 36 -6.10 -8.04 -0.74
CA GLY I 36 -5.56 -6.70 -0.68
C GLY I 36 -6.68 -5.69 -0.50
N ASP I 37 -6.28 -4.44 -0.25
CA ASP I 37 -7.22 -3.36 -0.01
C ASP I 37 -7.52 -2.68 -1.33
N ILE I 38 -8.67 -3.01 -1.92
CA ILE I 38 -9.06 -2.54 -3.24
C ILE I 38 -10.40 -1.81 -3.12
N TRP I 39 -10.50 -0.67 -3.81
CA TRP I 39 -11.70 0.15 -3.76
C TRP I 39 -12.90 -0.59 -4.33
N VAL I 40 -14.05 -0.38 -3.72
CA VAL I 40 -15.32 -0.73 -4.34
C VAL I 40 -15.65 0.34 -5.38
N THR I 41 -15.95 -0.09 -6.60
CA THR I 41 -16.11 0.84 -7.70
C THR I 41 -17.29 0.42 -8.59
N ARG I 42 -17.73 1.38 -9.40
CA ARG I 42 -18.61 1.10 -10.53
C ARG I 42 -18.52 2.28 -11.48
N GLU I 43 -19.09 2.11 -12.66
CA GLU I 43 -19.07 3.13 -13.70
C GLU I 43 -17.63 3.51 -14.04
N PRO I 44 -16.77 2.55 -14.31
CA PRO I 44 -15.39 2.86 -14.69
C PRO I 44 -15.35 3.44 -16.10
N TYR I 45 -14.27 4.16 -16.38
CA TYR I 45 -13.97 4.53 -17.75
C TYR I 45 -12.48 4.80 -17.88
N VAL I 46 -12.04 4.99 -19.12
CA VAL I 46 -10.63 5.17 -19.44
C VAL I 46 -10.49 6.47 -20.22
N SER I 47 -9.50 7.27 -19.84
CA SER I 47 -9.17 8.47 -20.58
C SER I 47 -7.65 8.65 -20.52
N CYS I 48 -7.10 9.21 -21.59
CA CYS I 48 -5.65 9.28 -21.76
C CYS I 48 -5.24 10.73 -21.96
N ASP I 49 -4.23 11.16 -21.22
CA ASP I 49 -3.51 12.38 -21.53
C ASP I 49 -2.59 12.05 -22.71
N PRO I 50 -1.86 13.02 -23.26
CA PRO I 50 -1.06 12.73 -24.46
C PRO I 50 -0.06 11.60 -24.29
N ASP I 51 0.40 11.33 -23.07
CA ASP I 51 1.47 10.36 -22.83
C ASP I 51 0.98 8.98 -22.43
N LYS I 52 -0.07 8.89 -21.62
CA LYS I 52 -0.46 7.61 -21.05
C LYS I 52 -1.94 7.64 -20.68
N CYS I 53 -2.52 6.45 -20.54
CA CYS I 53 -3.94 6.30 -20.28
C CYS I 53 -4.21 6.14 -18.78
N TYR I 54 -5.36 6.65 -18.36
CA TYR I 54 -5.80 6.61 -16.98
C TYR I 54 -7.12 5.87 -16.89
N GLN I 55 -7.27 5.05 -15.87
CA GLN I 55 -8.54 4.40 -15.55
C GLN I 55 -9.24 5.21 -14.47
N PHE I 56 -10.50 5.54 -14.72
CA PHE I 56 -11.34 6.23 -13.75
C PHE I 56 -12.44 5.28 -13.27
N ALA I 57 -13.01 5.62 -12.13
CA ALA I 57 -14.12 4.86 -11.57
C ALA I 57 -14.75 5.66 -10.45
N LEU I 58 -16.03 5.38 -10.21
CA LEU I 58 -16.77 6.02 -9.12
C LEU I 58 -16.69 5.10 -7.91
N GLY I 59 -15.80 5.44 -6.98
CA GLY I 59 -15.71 4.68 -5.74
C GLY I 59 -16.99 4.76 -4.94
N GLN I 60 -17.13 3.83 -4.01
CA GLN I 60 -18.22 3.85 -3.04
C GLN I 60 -17.74 4.24 -1.65
N GLY I 61 -16.57 4.87 -1.56
CA GLY I 61 -16.01 5.32 -0.29
C GLY I 61 -15.64 4.19 0.64
N THR I 62 -15.16 3.07 0.09
CA THR I 62 -14.82 1.91 0.91
C THR I 62 -14.03 0.94 0.05
N THR I 63 -13.28 0.07 0.71
CA THR I 63 -12.65 -1.05 0.03
C THR I 63 -13.58 -2.27 0.07
N ILE I 64 -13.23 -3.29 -0.70
CA ILE I 64 -14.11 -4.45 -0.80
C ILE I 64 -14.09 -5.25 0.51
N ASN I 65 -12.90 -5.46 1.07
CA ASN I 65 -12.77 -6.15 2.36
C ASN I 65 -12.91 -5.09 3.46
N ASN I 66 -14.16 -4.72 3.72
CA ASN I 66 -14.47 -3.56 4.55
C ASN I 66 -15.95 -3.63 4.92
N VAL I 67 -16.26 -3.45 6.21
CA VAL I 67 -17.66 -3.53 6.63
C VAL I 67 -18.52 -2.54 5.86
N HIS I 68 -17.91 -1.47 5.33
CA HIS I 68 -18.66 -0.47 4.57
C HIS I 68 -18.96 -0.90 3.14
N SER I 69 -18.31 -1.95 2.64
CA SER I 69 -18.64 -2.45 1.30
C SER I 69 -20.03 -3.07 1.26
N ASN I 70 -20.58 -3.40 2.42
CA ASN I 70 -21.95 -3.87 2.51
C ASN I 70 -22.90 -2.82 1.94
N ASN I 71 -23.87 -3.26 1.15
CA ASN I 71 -24.88 -2.37 0.55
C ASN I 71 -24.21 -1.26 -0.26
N THR I 72 -23.39 -1.68 -1.22
CA THR I 72 -22.78 -0.76 -2.17
C THR I 72 -23.49 -0.77 -3.51
N ALA I 73 -24.68 -1.38 -3.59
CA ALA I 73 -25.47 -1.29 -4.82
C ALA I 73 -25.99 0.12 -5.03
N ARG I 74 -26.29 0.84 -3.96
CA ARG I 74 -26.78 2.20 -4.05
C ARG I 74 -25.82 3.06 -4.88
N ASP I 75 -26.33 3.63 -5.96
CA ASP I 75 -25.48 4.29 -6.95
C ASP I 75 -25.19 5.75 -6.63
N ARG I 76 -25.87 6.34 -5.64
CA ARG I 76 -25.64 7.74 -5.28
C ARG I 76 -25.55 7.86 -3.77
N THR I 77 -24.34 8.10 -3.29
CA THR I 77 -24.05 8.43 -1.90
C THR I 77 -23.09 9.60 -1.89
N PRO I 78 -23.05 10.38 -0.80
CA PRO I 78 -22.08 11.48 -0.73
C PRO I 78 -20.65 11.02 -0.57
N HIS I 79 -20.41 9.73 -0.36
CA HIS I 79 -19.07 9.20 -0.22
C HIS I 79 -18.50 8.69 -1.53
N ARG I 80 -19.29 8.70 -2.61
CA ARG I 80 -18.76 8.32 -3.91
C ARG I 80 -17.81 9.40 -4.42
N THR I 81 -16.65 8.97 -4.91
CA THR I 81 -15.65 9.89 -5.42
C THR I 81 -15.10 9.35 -6.73
N LEU I 82 -14.62 10.25 -7.57
CA LEU I 82 -14.01 9.86 -8.82
C LEU I 82 -12.59 9.36 -8.54
N LEU I 83 -12.38 8.06 -8.68
CA LEU I 83 -11.05 7.50 -8.55
C LEU I 83 -10.29 7.70 -9.87
N MET I 84 -8.99 7.92 -9.75
CA MET I 84 -8.15 8.11 -10.93
C MET I 84 -6.80 7.44 -10.67
N ASN I 85 -6.46 6.50 -11.52
CA ASN I 85 -5.17 5.82 -11.50
C ASN I 85 -4.63 5.76 -12.92
N GLU I 86 -3.33 5.53 -13.03
CA GLU I 86 -2.78 5.12 -14.31
C GLU I 86 -3.44 3.82 -14.73
N LEU I 87 -3.74 3.70 -16.02
CA LEU I 87 -4.39 2.48 -16.50
C LEU I 87 -3.50 1.28 -16.20
N GLY I 88 -4.10 0.27 -15.56
CA GLY I 88 -3.39 -0.91 -15.15
C GLY I 88 -2.97 -0.92 -13.70
N VAL I 89 -3.06 0.21 -13.01
CA VAL I 89 -2.81 0.27 -11.57
C VAL I 89 -4.15 0.02 -10.87
N PRO I 90 -4.30 -1.06 -10.10
CA PRO I 90 -5.59 -1.32 -9.46
C PRO I 90 -5.91 -0.24 -8.45
N PHE I 91 -7.21 -0.03 -8.21
CA PHE I 91 -7.65 1.03 -7.31
C PHE I 91 -7.30 0.59 -5.88
N HIS I 92 -6.02 0.73 -5.54
CA HIS I 92 -5.52 0.41 -4.22
C HIS I 92 -5.77 1.61 -3.30
N LEU I 93 -5.25 1.53 -2.06
CA LEU I 93 -5.57 2.54 -1.07
C LEU I 93 -4.92 3.88 -1.37
N GLY I 94 -3.81 3.88 -2.10
CA GLY I 94 -3.17 5.10 -2.53
C GLY I 94 -3.81 5.78 -3.71
N THR I 95 -4.94 5.25 -4.19
CA THR I 95 -5.61 5.84 -5.33
C THR I 95 -6.07 7.25 -4.99
N LYS I 96 -5.82 8.19 -5.90
CA LYS I 96 -6.23 9.56 -5.71
C LYS I 96 -7.72 9.70 -6.02
N GLN I 97 -8.49 10.20 -5.06
CA GLN I 97 -9.87 10.60 -5.29
C GLN I 97 -9.83 12.03 -5.81
N VAL I 98 -10.19 12.22 -7.09
N VAL I 98 -10.19 12.21 -7.08
CA VAL I 98 -9.99 13.52 -7.71
CA VAL I 98 -10.00 13.50 -7.73
C VAL I 98 -11.16 14.48 -7.48
C VAL I 98 -11.15 14.47 -7.47
N CYS I 99 -12.31 13.98 -7.02
CA CYS I 99 -13.45 14.84 -6.72
C CYS I 99 -14.54 14.00 -6.10
N ILE I 100 -15.52 14.69 -5.51
CA ILE I 100 -16.71 14.04 -5.00
C ILE I 100 -17.69 13.88 -6.16
N ALA I 101 -18.11 12.65 -6.43
CA ALA I 101 -18.98 12.41 -7.57
C ALA I 101 -19.64 11.04 -7.45
N TRP I 102 -20.93 10.99 -7.76
CA TRP I 102 -21.60 9.74 -8.11
C TRP I 102 -21.94 9.69 -9.60
N SER I 103 -21.50 10.67 -10.37
CA SER I 103 -21.53 10.64 -11.83
C SER I 103 -20.45 11.60 -12.33
N SER I 104 -19.72 11.19 -13.37
CA SER I 104 -18.56 11.99 -13.75
C SER I 104 -18.15 11.71 -15.19
N SER I 105 -17.34 12.64 -15.71
CA SER I 105 -16.63 12.46 -16.98
C SER I 105 -15.32 13.23 -16.88
N SER I 106 -14.35 12.83 -17.70
CA SER I 106 -13.06 13.52 -17.74
C SER I 106 -12.45 13.41 -19.12
N CYS I 107 -11.89 14.51 -19.62
CA CYS I 107 -10.91 14.45 -20.70
C CYS I 107 -9.71 15.31 -20.35
N HIS I 108 -8.63 15.06 -21.06
CA HIS I 108 -7.44 15.90 -21.06
C HIS I 108 -7.45 16.68 -22.36
N ASP I 109 -7.39 18.00 -22.25
CA ASP I 109 -7.43 18.85 -23.45
C ASP I 109 -6.07 19.01 -24.10
N GLY I 110 -5.07 18.26 -23.66
CA GLY I 110 -3.71 18.41 -24.10
C GLY I 110 -2.83 19.17 -23.12
N LYS I 111 -3.42 19.99 -22.26
CA LYS I 111 -2.70 20.71 -21.22
C LYS I 111 -3.00 20.22 -19.82
N ALA I 112 -4.26 19.93 -19.50
CA ALA I 112 -4.63 19.57 -18.14
C ALA I 112 -5.89 18.71 -18.16
N TRP I 113 -6.19 18.13 -17.00
CA TRP I 113 -7.34 17.26 -16.84
C TRP I 113 -8.58 18.08 -16.48
N LEU I 114 -9.64 17.89 -17.25
CA LEU I 114 -10.96 18.36 -16.87
C LEU I 114 -11.70 17.20 -16.23
N HIS I 115 -12.24 17.43 -15.04
CA HIS I 115 -13.10 16.47 -14.36
C HIS I 115 -14.45 17.15 -14.12
N VAL I 116 -15.50 16.55 -14.65
CA VAL I 116 -16.87 16.97 -14.40
C VAL I 116 -17.45 16.01 -13.36
N CYS I 117 -17.80 16.54 -12.19
CA CYS I 117 -18.11 15.72 -11.03
C CYS I 117 -19.47 16.14 -10.49
N ILE I 118 -20.42 15.21 -10.48
CA ILE I 118 -21.78 15.45 -10.01
C ILE I 118 -21.95 14.75 -8.68
N THR I 119 -22.39 15.50 -7.67
CA THR I 119 -22.71 14.93 -6.37
C THR I 119 -23.86 15.74 -5.77
N GLY I 120 -24.20 15.45 -4.53
CA GLY I 120 -25.26 16.15 -3.84
C GLY I 120 -26.59 15.42 -3.91
N ASP I 121 -27.64 16.14 -3.50
CA ASP I 121 -28.96 15.54 -3.42
C ASP I 121 -29.46 15.11 -4.79
N ASP I 122 -30.22 14.01 -4.80
CA ASP I 122 -30.76 13.46 -6.04
C ASP I 122 -31.43 14.55 -6.88
N LYS I 123 -32.38 15.26 -6.29
CA LYS I 123 -33.19 16.23 -7.01
C LYS I 123 -32.55 17.61 -7.04
N ASN I 124 -31.39 17.77 -6.42
CA ASN I 124 -30.73 19.06 -6.41
C ASN I 124 -29.21 18.89 -6.55
N ALA I 125 -28.79 18.07 -7.50
CA ALA I 125 -27.37 17.75 -7.62
C ALA I 125 -26.57 18.98 -8.06
N THR I 126 -25.26 18.89 -7.91
CA THR I 126 -24.32 19.91 -8.35
C THR I 126 -23.26 19.25 -9.21
N ALA I 127 -22.98 19.86 -10.36
CA ALA I 127 -21.88 19.43 -11.23
C ALA I 127 -20.73 20.39 -11.03
N SER I 128 -19.63 19.88 -10.47
CA SER I 128 -18.41 20.66 -10.29
C SER I 128 -17.46 20.38 -11.44
N PHE I 129 -16.84 21.43 -11.95
CA PHE I 129 -15.92 21.34 -13.09
C PHE I 129 -14.53 21.68 -12.59
N ILE I 130 -13.70 20.66 -12.43
CA ILE I 130 -12.35 20.81 -11.90
C ILE I 130 -11.39 20.69 -13.07
N TYR I 131 -10.66 21.77 -13.33
CA TYR I 131 -9.70 21.83 -14.43
C TYR I 131 -8.33 22.17 -13.89
N ASN I 132 -7.33 21.37 -14.26
CA ASN I 132 -5.96 21.56 -13.81
C ASN I 132 -5.88 21.64 -12.30
N GLY I 133 -6.65 20.77 -11.64
CA GLY I 133 -6.53 20.61 -10.20
C GLY I 133 -7.25 21.64 -9.36
N ARG I 134 -8.17 22.41 -9.95
CA ARG I 134 -8.92 23.41 -9.18
C ARG I 134 -10.33 23.51 -9.72
N LEU I 135 -11.26 23.79 -8.81
CA LEU I 135 -12.66 23.98 -9.19
C LEU I 135 -12.81 25.31 -9.92
N VAL I 136 -13.18 25.24 -11.20
CA VAL I 136 -13.32 26.43 -12.02
C VAL I 136 -14.78 26.85 -12.20
N ASP I 137 -15.71 25.91 -12.17
CA ASP I 137 -17.10 26.23 -12.46
C ASP I 137 -17.99 25.18 -11.80
N SER I 138 -19.28 25.51 -11.70
CA SER I 138 -20.27 24.55 -11.24
C SER I 138 -21.63 24.95 -11.79
N VAL I 139 -22.49 23.95 -11.98
CA VAL I 139 -23.85 24.18 -12.43
C VAL I 139 -24.77 23.29 -11.63
N VAL I 140 -25.93 23.82 -11.27
CA VAL I 140 -26.92 23.11 -10.49
C VAL I 140 -27.81 22.31 -11.43
N SER I 141 -28.34 21.20 -10.92
CA SER I 141 -29.35 20.44 -11.65
C SER I 141 -30.42 21.38 -12.20
N TRP I 142 -30.69 21.27 -13.50
CA TRP I 142 -31.71 22.12 -14.12
C TRP I 142 -33.10 21.49 -14.10
N SER I 143 -33.19 20.16 -14.12
CA SER I 143 -34.48 19.47 -14.06
C SER I 143 -34.78 18.89 -12.69
N LYS I 144 -33.84 18.99 -11.75
CA LYS I 144 -34.08 18.53 -10.38
C LYS I 144 -34.47 17.05 -10.33
N ASP I 145 -33.87 16.25 -11.22
CA ASP I 145 -34.07 14.79 -11.16
C ASP I 145 -32.78 14.12 -11.65
N ILE I 146 -31.89 13.86 -10.70
CA ILE I 146 -30.66 13.12 -10.96
CA ILE I 146 -30.65 13.13 -10.95
C ILE I 146 -29.90 13.71 -12.14
N LEU I 147 -29.31 14.89 -11.96
CA LEU I 147 -28.35 15.38 -12.94
C LEU I 147 -27.26 14.32 -13.10
N ARG I 148 -26.96 13.96 -14.35
CA ARG I 148 -26.01 12.89 -14.59
C ARG I 148 -25.30 13.12 -15.92
N THR I 149 -24.09 12.55 -16.02
CA THR I 149 -23.22 12.76 -17.17
C THR I 149 -22.74 11.43 -17.74
N GLN I 150 -21.72 11.49 -18.60
CA GLN I 150 -21.44 10.38 -19.51
C GLN I 150 -21.02 9.11 -18.79
N GLU I 151 -20.28 9.22 -17.69
CA GLU I 151 -19.55 8.10 -17.11
C GLU I 151 -18.47 7.58 -18.05
N SER I 152 -18.04 8.39 -19.01
CA SER I 152 -16.87 8.09 -19.83
C SER I 152 -16.18 9.39 -20.15
N GLU I 153 -15.04 9.30 -20.84
CA GLU I 153 -14.24 10.48 -21.08
C GLU I 153 -15.04 11.49 -21.91
N CYS I 154 -14.92 12.76 -21.55
CA CYS I 154 -15.39 13.81 -22.44
C CYS I 154 -14.45 13.90 -23.63
N VAL I 155 -14.78 14.78 -24.58
CA VAL I 155 -13.95 15.02 -25.74
C VAL I 155 -13.57 16.49 -25.75
N CYS I 156 -12.28 16.75 -25.89
CA CYS I 156 -11.69 18.06 -25.66
C CYS I 156 -10.89 18.44 -26.91
N ILE I 157 -11.45 19.35 -27.72
CA ILE I 157 -10.85 19.76 -28.99
C ILE I 157 -10.47 21.24 -28.92
N ASN I 158 -9.22 21.54 -29.25
CA ASN I 158 -8.70 22.91 -29.29
C ASN I 158 -9.02 23.64 -27.99
N GLY I 159 -8.90 22.93 -26.88
CA GLY I 159 -9.17 23.51 -25.58
C GLY I 159 -10.63 23.65 -25.24
N THR I 160 -11.54 23.30 -26.15
CA THR I 160 -12.97 23.33 -25.89
C THR I 160 -13.42 21.91 -25.58
N CYS I 161 -13.82 21.68 -24.34
CA CYS I 161 -14.30 20.38 -23.91
C CYS I 161 -15.82 20.33 -23.95
N THR I 162 -16.35 19.24 -24.48
CA THR I 162 -17.79 19.01 -24.57
C THR I 162 -18.15 17.81 -23.71
N VAL I 163 -19.17 17.97 -22.88
CA VAL I 163 -19.67 16.89 -22.05
C VAL I 163 -21.18 16.88 -22.18
N VAL I 164 -21.75 15.70 -22.37
CA VAL I 164 -23.20 15.53 -22.44
C VAL I 164 -23.72 15.26 -21.04
N MET I 165 -24.68 16.06 -20.60
CA MET I 165 -25.25 15.94 -19.27
C MET I 165 -26.77 15.89 -19.38
N THR I 166 -27.37 15.01 -18.58
CA THR I 166 -28.80 14.75 -18.63
C THR I 166 -29.41 14.96 -17.27
N ASP I 167 -30.63 15.49 -17.25
CA ASP I 167 -31.37 15.71 -16.02
C ASP I 167 -32.84 15.50 -16.34
N GLY I 168 -33.51 14.68 -15.53
CA GLY I 168 -34.91 14.40 -15.73
C GLY I 168 -35.21 12.92 -15.62
N ASN I 169 -36.31 12.53 -16.25
CA ASN I 169 -36.84 11.17 -16.06
C ASN I 169 -35.82 10.12 -16.44
N ALA I 170 -35.67 9.12 -15.56
CA ALA I 170 -34.77 8.01 -15.85
C ALA I 170 -35.23 7.22 -17.06
N THR I 171 -36.54 7.02 -17.20
CA THR I 171 -37.11 6.23 -18.29
C THR I 171 -38.24 6.98 -18.97
N GLY I 172 -38.12 8.30 -19.07
CA GLY I 172 -39.08 9.13 -19.79
C GLY I 172 -38.36 10.29 -20.44
N LYS I 173 -39.10 11.29 -20.90
CA LYS I 173 -38.45 12.45 -21.48
C LYS I 173 -37.58 13.15 -20.43
N ALA I 174 -36.35 13.48 -20.83
CA ALA I 174 -35.39 14.14 -19.96
C ALA I 174 -34.80 15.35 -20.68
N ASP I 175 -34.09 16.17 -19.92
CA ASP I 175 -33.50 17.40 -20.43
C ASP I 175 -32.00 17.19 -20.54
N THR I 176 -31.53 16.94 -21.76
CA THR I 176 -30.12 16.72 -22.02
C THR I 176 -29.51 17.99 -22.59
N LYS I 177 -28.34 18.36 -22.08
CA LYS I 177 -27.61 19.52 -22.55
C LYS I 177 -26.18 19.12 -22.85
N ILE I 178 -25.58 19.83 -23.79
CA ILE I 178 -24.19 19.62 -24.18
C ILE I 178 -23.43 20.86 -23.73
N LEU I 179 -22.61 20.70 -22.69
CA LEU I 179 -21.84 21.82 -22.16
C LEU I 179 -20.51 21.91 -22.89
N PHE I 180 -20.09 23.14 -23.16
CA PHE I 180 -18.80 23.41 -23.79
C PHE I 180 -17.94 24.12 -22.75
N ILE I 181 -16.85 23.47 -22.36
CA ILE I 181 -16.03 23.92 -21.24
C ILE I 181 -14.64 24.26 -21.77
N GLU I 182 -14.13 25.42 -21.38
CA GLU I 182 -12.77 25.84 -21.72
C GLU I 182 -12.02 26.10 -20.42
N GLU I 183 -10.96 25.31 -20.19
CA GLU I 183 -10.17 25.41 -18.96
C GLU I 183 -11.08 25.38 -17.73
N GLY I 184 -12.10 24.52 -17.77
CA GLY I 184 -12.99 24.34 -16.65
C GLY I 184 -14.16 25.29 -16.59
N LYS I 185 -14.18 26.33 -17.43
CA LYS I 185 -15.24 27.32 -17.43
C LYS I 185 -16.29 26.94 -18.47
N ILE I 186 -17.56 26.91 -18.05
CA ILE I 186 -18.66 26.66 -18.98
C ILE I 186 -18.86 27.92 -19.82
N VAL I 187 -18.44 27.86 -21.08
CA VAL I 187 -18.58 29.01 -21.96
C VAL I 187 -19.86 28.95 -22.79
N HIS I 188 -20.46 27.77 -22.95
CA HIS I 188 -21.69 27.65 -23.71
C HIS I 188 -22.42 26.38 -23.29
N THR I 189 -23.74 26.43 -23.32
CA THR I 189 -24.60 25.28 -23.06
C THR I 189 -25.59 25.15 -24.20
N SER I 190 -25.62 23.97 -24.82
CA SER I 190 -26.54 23.67 -25.91
C SER I 190 -27.53 22.61 -25.47
N LYS I 191 -28.81 22.87 -25.71
CA LYS I 191 -29.82 21.85 -25.47
C LYS I 191 -29.72 20.75 -26.52
N LEU I 192 -30.04 19.53 -26.11
CA LEU I 192 -30.07 18.43 -27.07
C LEU I 192 -31.03 18.76 -28.20
N SER I 193 -30.58 18.57 -29.43
CA SER I 193 -31.38 18.84 -30.61
C SER I 193 -31.32 17.63 -31.54
N GLY I 194 -32.36 17.50 -32.37
CA GLY I 194 -32.45 16.39 -33.28
C GLY I 194 -33.55 15.42 -32.94
N SER I 195 -33.36 14.15 -33.28
CA SER I 195 -34.40 13.14 -33.14
C SER I 195 -34.15 12.16 -31.99
N ALA I 196 -32.99 12.20 -31.34
CA ALA I 196 -32.75 11.35 -30.19
C ALA I 196 -33.71 11.75 -29.07
N GLN I 197 -34.51 10.79 -28.61
CA GLN I 197 -35.57 11.08 -27.65
C GLN I 197 -35.15 10.85 -26.20
N HIS I 198 -34.16 10.02 -25.95
CA HIS I 198 -33.57 9.89 -24.61
C HIS I 198 -32.09 9.64 -24.75
N VAL I 199 -31.29 10.45 -24.06
CA VAL I 199 -29.84 10.42 -24.17
C VAL I 199 -29.25 10.37 -22.76
N GLU I 200 -28.51 9.30 -22.48
CA GLU I 200 -27.83 9.14 -21.20
C GLU I 200 -26.47 8.48 -21.45
N GLU I 201 -25.56 8.70 -20.51
CA GLU I 201 -24.29 7.97 -20.46
C GLU I 201 -23.65 7.88 -21.83
N CYS I 202 -23.48 9.04 -22.46
CA CYS I 202 -22.93 9.08 -23.81
C CYS I 202 -21.49 8.60 -23.83
N SER I 203 -21.16 7.82 -24.85
CA SER I 203 -19.78 7.43 -25.16
C SER I 203 -19.35 8.29 -26.35
N CYS I 204 -18.53 9.29 -26.08
CA CYS I 204 -18.15 10.29 -27.07
C CYS I 204 -16.71 10.08 -27.51
N TYR I 205 -16.45 10.40 -28.78
CA TYR I 205 -15.11 10.37 -29.32
C TYR I 205 -14.91 11.55 -30.26
N PRO I 206 -13.67 12.05 -30.37
CA PRO I 206 -13.39 13.13 -31.33
C PRO I 206 -13.53 12.65 -32.76
N ARG I 207 -14.32 13.37 -33.53
CA ARG I 207 -14.49 13.14 -34.97
C ARG I 207 -14.28 14.51 -35.61
N TYR I 208 -13.02 14.84 -35.88
CA TYR I 208 -12.68 16.22 -36.25
C TYR I 208 -13.44 16.61 -37.51
N PRO I 209 -14.03 17.81 -37.56
CA PRO I 209 -13.90 18.93 -36.62
C PRO I 209 -14.87 18.88 -35.44
N GLY I 210 -15.72 17.86 -35.33
CA GLY I 210 -16.73 17.80 -34.30
C GLY I 210 -16.47 16.71 -33.29
N VAL I 211 -17.51 16.39 -32.53
CA VAL I 211 -17.50 15.31 -31.56
C VAL I 211 -18.74 14.47 -31.78
N ARG I 212 -18.59 13.15 -31.74
CA ARG I 212 -19.69 12.22 -31.94
C ARG I 212 -19.88 11.39 -30.68
N CYS I 213 -21.12 11.30 -30.23
CA CYS I 213 -21.48 10.56 -29.04
C CYS I 213 -22.47 9.46 -29.40
N VAL I 214 -22.21 8.25 -28.92
CA VAL I 214 -23.15 7.15 -28.96
C VAL I 214 -23.59 6.89 -27.53
N CYS I 215 -24.89 6.95 -27.30
CA CYS I 215 -25.40 7.04 -25.94
C CYS I 215 -26.40 5.94 -25.61
N ARG I 216 -27.06 6.09 -24.48
CA ARG I 216 -28.01 5.10 -23.97
C ARG I 216 -29.40 5.71 -23.98
N ASP I 217 -30.32 5.05 -24.67
CA ASP I 217 -31.73 5.41 -24.63
C ASP I 217 -32.38 4.45 -23.63
N ASN I 218 -32.72 4.98 -22.45
CA ASN I 218 -33.27 4.20 -21.37
C ASN I 218 -34.78 4.11 -21.41
N TRP I 219 -35.40 4.69 -22.43
CA TRP I 219 -36.84 4.91 -22.43
C TRP I 219 -37.57 4.12 -23.52
N LYS I 220 -37.18 4.28 -24.79
CA LYS I 220 -37.91 3.66 -25.88
C LYS I 220 -37.05 2.95 -26.91
N GLY I 221 -35.73 3.11 -26.91
CA GLY I 221 -34.92 2.51 -27.94
C GLY I 221 -33.92 1.50 -27.42
N SER I 222 -33.87 0.33 -28.06
CA SER I 222 -32.73 -0.56 -27.93
C SER I 222 -31.65 -0.27 -28.96
N ASN I 223 -31.95 0.59 -29.93
CA ASN I 223 -30.92 1.20 -30.76
C ASN I 223 -30.33 2.41 -30.03
N ARG I 224 -29.06 2.64 -30.24
CA ARG I 224 -28.41 3.67 -29.45
C ARG I 224 -28.56 5.03 -30.12
N PRO I 225 -28.92 6.08 -29.37
CA PRO I 225 -28.95 7.42 -29.96
C PRO I 225 -27.55 7.89 -30.32
N ILE I 226 -27.48 8.71 -31.36
CA ILE I 226 -26.26 9.39 -31.77
C ILE I 226 -26.44 10.88 -31.50
N VAL I 227 -25.41 11.51 -30.96
CA VAL I 227 -25.38 12.97 -30.81
C VAL I 227 -24.10 13.47 -31.48
N ASP I 228 -24.25 14.28 -32.51
CA ASP I 228 -23.12 14.95 -33.16
C ASP I 228 -23.04 16.38 -32.64
N ILE I 229 -21.84 16.78 -32.23
CA ILE I 229 -21.64 18.07 -31.58
C ILE I 229 -20.67 18.87 -32.44
N ASN I 230 -21.12 20.03 -32.91
CA ASN I 230 -20.26 20.97 -33.63
C ASN I 230 -19.58 21.87 -32.59
N ILE I 231 -18.31 21.62 -32.32
CA ILE I 231 -17.61 22.37 -31.29
C ILE I 231 -17.40 23.82 -31.67
N LYS I 232 -17.55 24.16 -32.96
CA LYS I 232 -17.30 25.54 -33.39
C LYS I 232 -18.51 26.43 -33.12
N ASP I 233 -19.65 26.10 -33.72
CA ASP I 233 -20.87 26.87 -33.55
C ASP I 233 -21.79 26.30 -32.47
N HIS I 234 -21.38 25.25 -31.78
CA HIS I 234 -22.13 24.64 -30.68
C HIS I 234 -23.45 24.03 -31.12
N SER I 235 -23.65 23.83 -32.42
CA SER I 235 -24.88 23.21 -32.89
C SER I 235 -24.90 21.73 -32.51
N ILE I 236 -26.11 21.22 -32.31
CA ILE I 236 -26.32 19.83 -31.93
C ILE I 236 -27.29 19.19 -32.91
N VAL I 237 -26.97 17.98 -33.35
CA VAL I 237 -27.90 17.14 -34.09
C VAL I 237 -27.83 15.76 -33.47
N SER I 238 -28.96 15.05 -33.49
CA SER I 238 -29.03 13.75 -32.86
C SER I 238 -29.86 12.79 -33.72
N SER I 239 -29.58 11.51 -33.57
CA SER I 239 -30.19 10.45 -34.36
C SER I 239 -29.97 9.14 -33.60
N TYR I 240 -30.18 8.02 -34.27
CA TYR I 240 -29.91 6.71 -33.71
C TYR I 240 -28.98 5.94 -34.65
N VAL I 241 -28.23 5.00 -34.09
CA VAL I 241 -27.39 4.14 -34.91
C VAL I 241 -28.29 3.33 -35.84
N CYS I 242 -28.00 3.39 -37.14
CA CYS I 242 -28.86 2.72 -38.12
C CYS I 242 -28.87 1.21 -37.88
N SER I 243 -27.73 0.63 -37.54
CA SER I 243 -27.50 -0.81 -37.54
C SER I 243 -28.71 -1.59 -37.05
N GLY I 244 -29.17 -2.54 -37.87
CA GLY I 244 -30.19 -3.48 -37.44
C GLY I 244 -29.75 -4.34 -36.28
N LEU I 245 -28.44 -4.47 -36.07
CA LEU I 245 -27.89 -5.12 -34.89
C LEU I 245 -27.71 -4.05 -33.83
N VAL I 246 -28.73 -3.87 -33.00
CA VAL I 246 -28.73 -2.79 -32.01
C VAL I 246 -27.81 -3.16 -30.85
N GLY I 247 -27.30 -2.15 -30.17
CA GLY I 247 -26.25 -2.34 -29.19
C GLY I 247 -26.70 -2.28 -27.74
N ASP I 248 -27.95 -1.90 -27.49
CA ASP I 248 -28.41 -1.76 -26.12
C ASP I 248 -28.72 -3.12 -25.49
N THR I 249 -28.80 -3.12 -24.16
CA THR I 249 -29.28 -4.27 -23.40
C THR I 249 -30.23 -3.71 -22.35
N PRO I 250 -31.51 -4.13 -22.34
CA PRO I 250 -32.13 -5.20 -23.13
C PRO I 250 -32.36 -4.85 -24.59
N ARG I 251 -32.54 -5.88 -25.41
CA ARG I 251 -32.85 -5.73 -26.83
C ARG I 251 -33.48 -7.03 -27.29
N LYS I 252 -34.11 -6.98 -28.46
CA LYS I 252 -34.64 -8.19 -29.06
C LYS I 252 -33.52 -8.99 -29.72
N THR I 253 -33.79 -10.26 -29.97
CA THR I 253 -32.81 -11.11 -30.64
C THR I 253 -32.46 -10.54 -32.00
N ASP I 254 -31.30 -10.95 -32.51
CA ASP I 254 -30.83 -10.42 -33.80
C ASP I 254 -31.85 -10.65 -34.90
N SER I 255 -32.48 -11.83 -34.91
CA SER I 255 -33.44 -12.14 -35.96
C SER I 255 -34.63 -11.19 -35.92
N SER I 256 -35.15 -10.90 -34.72
CA SER I 256 -36.37 -10.12 -34.57
C SER I 256 -36.11 -8.64 -34.31
N SER I 257 -34.85 -8.22 -34.18
CA SER I 257 -34.56 -6.83 -33.85
C SER I 257 -34.61 -5.96 -35.09
N SER I 258 -35.06 -4.72 -34.90
CA SER I 258 -35.09 -3.73 -35.96
C SER I 258 -34.60 -2.41 -35.39
N SER I 259 -34.08 -1.56 -36.27
CA SER I 259 -33.53 -0.28 -35.86
C SER I 259 -34.07 0.82 -36.76
N HIS I 260 -33.87 2.05 -36.31
CA HIS I 260 -34.32 3.24 -37.02
C HIS I 260 -33.42 4.38 -36.62
N CYS I 261 -32.60 4.86 -37.55
CA CYS I 261 -31.63 5.90 -37.23
C CYS I 261 -32.19 7.31 -37.34
N LEU I 262 -33.50 7.48 -37.13
CA LEU I 262 -34.06 8.73 -36.65
C LEU I 262 -34.82 8.58 -35.34
N ASN I 263 -35.44 7.42 -35.09
CA ASN I 263 -36.32 7.22 -33.95
C ASN I 263 -35.91 6.00 -33.14
N PRO I 264 -36.25 5.96 -31.85
CA PRO I 264 -36.04 4.71 -31.10
C PRO I 264 -36.89 3.60 -31.69
N ASN I 265 -36.34 2.39 -31.67
CA ASN I 265 -37.00 1.26 -32.32
C ASN I 265 -38.19 0.71 -31.52
N ASN I 266 -38.39 1.15 -30.28
CA ASN I 266 -39.50 0.69 -29.46
C ASN I 266 -39.49 -0.83 -29.30
N GLU I 267 -38.28 -1.40 -29.21
CA GLU I 267 -38.08 -2.83 -29.04
C GLU I 267 -37.34 -3.04 -27.73
N LYS I 268 -38.06 -3.47 -26.70
CA LYS I 268 -37.48 -3.61 -25.36
C LYS I 268 -36.71 -2.34 -24.99
N GLY I 269 -37.31 -1.20 -25.34
CA GLY I 269 -36.59 0.07 -25.24
C GLY I 269 -36.27 0.47 -23.81
N GLY I 270 -37.16 0.15 -22.87
CA GLY I 270 -36.93 0.55 -21.49
C GLY I 270 -35.62 0.03 -20.97
N HIS I 271 -35.06 0.77 -20.00
CA HIS I 271 -33.76 0.41 -19.43
C HIS I 271 -32.71 0.40 -20.53
N GLY I 272 -31.47 0.06 -20.17
CA GLY I 272 -30.40 0.01 -21.14
C GLY I 272 -29.08 -0.24 -20.43
N VAL I 273 -28.00 -0.03 -21.18
CA VAL I 273 -26.66 -0.12 -20.62
C VAL I 273 -25.78 0.86 -21.38
N LYS I 274 -24.80 1.43 -20.68
CA LYS I 274 -23.85 2.31 -21.34
C LYS I 274 -23.02 1.49 -22.32
N GLY I 275 -23.12 1.84 -23.60
CA GLY I 275 -22.33 1.18 -24.62
C GLY I 275 -21.69 2.18 -25.55
N TRP I 276 -21.17 1.71 -26.67
CA TRP I 276 -20.45 2.57 -27.58
C TRP I 276 -20.57 2.04 -29.00
N ALA I 277 -20.44 2.95 -29.95
CA ALA I 277 -20.29 2.60 -31.36
C ALA I 277 -19.57 3.76 -32.03
N PHE I 278 -18.93 3.46 -33.16
CA PHE I 278 -18.33 4.52 -33.96
C PHE I 278 -18.34 4.11 -35.42
N ASP I 279 -18.45 5.12 -36.28
CA ASP I 279 -18.58 4.89 -37.70
C ASP I 279 -17.23 4.61 -38.33
N ASP I 280 -17.25 3.75 -39.35
CA ASP I 280 -16.09 3.48 -40.22
C ASP I 280 -16.67 3.56 -41.63
N GLY I 281 -16.66 4.76 -42.21
CA GLY I 281 -17.41 4.97 -43.43
C GLY I 281 -18.88 4.74 -43.17
N ASN I 282 -19.50 3.91 -43.99
CA ASN I 282 -20.90 3.54 -43.78
C ASN I 282 -21.06 2.38 -42.80
N ASP I 283 -19.96 1.72 -42.42
CA ASP I 283 -20.03 0.66 -41.43
C ASP I 283 -19.98 1.24 -40.02
N VAL I 284 -20.33 0.41 -39.05
CA VAL I 284 -20.29 0.79 -37.65
C VAL I 284 -19.56 -0.29 -36.87
N TRP I 285 -18.57 0.12 -36.09
CA TRP I 285 -17.99 -0.73 -35.05
C TRP I 285 -18.75 -0.48 -33.76
N MET I 286 -19.20 -1.55 -33.12
CA MET I 286 -19.96 -1.43 -31.89
C MET I 286 -19.67 -2.62 -31.00
N GLY I 287 -19.84 -2.41 -29.70
CA GLY I 287 -19.81 -3.50 -28.76
C GLY I 287 -21.14 -3.62 -28.06
N ARG I 288 -21.41 -4.76 -27.45
CA ARG I 288 -22.67 -4.97 -26.76
C ARG I 288 -22.59 -6.27 -25.97
N THR I 289 -23.43 -6.36 -24.94
CA THR I 289 -23.55 -7.61 -24.22
C THR I 289 -24.03 -8.70 -25.17
N ILE I 290 -23.54 -9.92 -24.95
CA ILE I 290 -23.93 -11.03 -25.82
C ILE I 290 -25.38 -11.42 -25.56
N ASN I 291 -25.85 -11.20 -24.33
CA ASN I 291 -27.04 -11.84 -23.81
C ASN I 291 -28.38 -11.25 -24.32
N GLU I 292 -28.39 -9.98 -24.66
CA GLU I 292 -29.57 -9.27 -25.18
C GLU I 292 -30.64 -8.95 -24.14
N THR I 293 -30.53 -9.48 -22.92
CA THR I 293 -31.46 -9.10 -21.85
C THR I 293 -30.79 -8.87 -20.51
N SER I 294 -29.63 -9.47 -20.27
CA SER I 294 -28.84 -9.24 -19.08
C SER I 294 -27.42 -8.87 -19.50
N ARG I 295 -26.66 -8.33 -18.55
CA ARG I 295 -25.31 -7.86 -18.84
C ARG I 295 -24.33 -9.03 -18.65
N LEU I 296 -24.47 -10.01 -19.54
CA LEU I 296 -23.64 -11.20 -19.54
C LEU I 296 -22.91 -11.28 -20.87
N GLY I 297 -21.61 -11.52 -20.80
CA GLY I 297 -20.79 -11.56 -21.99
C GLY I 297 -20.62 -10.20 -22.62
N TYR I 298 -19.67 -10.10 -23.55
CA TYR I 298 -19.49 -8.87 -24.29
C TYR I 298 -18.85 -9.20 -25.63
N GLU I 299 -19.39 -8.63 -26.69
CA GLU I 299 -18.91 -8.86 -28.05
C GLU I 299 -18.76 -7.53 -28.76
N THR I 300 -17.84 -7.50 -29.72
CA THR I 300 -17.70 -6.39 -30.64
C THR I 300 -17.69 -6.92 -32.06
N PHE I 301 -18.21 -6.12 -32.98
CA PHE I 301 -18.27 -6.53 -34.38
C PHE I 301 -18.47 -5.30 -35.22
N LYS I 302 -18.22 -5.46 -36.51
CA LYS I 302 -18.52 -4.44 -37.50
C LYS I 302 -19.80 -4.85 -38.23
N VAL I 303 -20.72 -3.91 -38.36
CA VAL I 303 -21.96 -4.12 -39.13
C VAL I 303 -21.78 -3.41 -40.46
N VAL I 304 -21.70 -4.18 -41.54
CA VAL I 304 -21.53 -3.60 -42.86
C VAL I 304 -22.73 -2.72 -43.17
N GLU I 305 -22.46 -1.46 -43.53
CA GLU I 305 -23.49 -0.44 -43.75
C GLU I 305 -24.29 -0.16 -42.49
N GLY I 306 -23.80 -0.59 -41.33
CA GLY I 306 -24.53 -0.44 -40.08
C GLY I 306 -24.72 1.00 -39.64
N TRP I 307 -23.98 1.94 -40.23
CA TRP I 307 -24.12 3.34 -39.86
C TRP I 307 -25.12 4.10 -40.72
N SER I 308 -25.52 3.55 -41.87
CA SER I 308 -26.39 4.26 -42.80
C SER I 308 -27.62 3.47 -43.24
N ASN I 309 -27.62 2.14 -43.14
CA ASN I 309 -28.73 1.33 -43.61
C ASN I 309 -29.40 0.66 -42.42
N PRO I 310 -30.61 1.09 -42.02
CA PRO I 310 -31.24 0.47 -40.84
C PRO I 310 -31.57 -1.00 -41.03
N LYS I 311 -31.64 -1.48 -42.27
CA LYS I 311 -31.96 -2.87 -42.52
C LYS I 311 -30.74 -3.78 -42.47
N SER I 312 -29.54 -3.22 -42.30
CA SER I 312 -28.32 -4.01 -42.37
C SER I 312 -28.16 -4.84 -41.10
N LYS I 313 -28.11 -6.16 -41.25
CA LYS I 313 -27.74 -7.07 -40.18
C LYS I 313 -26.49 -7.87 -40.55
N LEU I 314 -25.77 -7.43 -41.58
CA LEU I 314 -24.56 -8.10 -42.02
C LEU I 314 -23.45 -7.78 -41.01
N GLN I 315 -23.05 -8.79 -40.24
CA GLN I 315 -22.05 -8.65 -39.21
C GLN I 315 -20.74 -9.26 -39.69
N ILE I 316 -19.62 -8.70 -39.22
CA ILE I 316 -18.30 -9.23 -39.54
C ILE I 316 -17.32 -8.81 -38.45
N ASN I 317 -16.17 -9.47 -38.42
CA ASN I 317 -15.10 -9.15 -37.48
C ASN I 317 -15.56 -9.27 -36.04
N ARG I 318 -16.46 -10.21 -35.77
CA ARG I 318 -16.92 -10.41 -34.40
C ARG I 318 -15.75 -10.82 -33.53
N GLN I 319 -15.69 -10.24 -32.33
CA GLN I 319 -14.77 -10.69 -31.29
C GLN I 319 -15.54 -10.81 -29.99
N VAL I 320 -15.40 -11.95 -29.33
CA VAL I 320 -15.87 -12.10 -27.96
C VAL I 320 -14.84 -11.47 -27.04
N ILE I 321 -15.27 -10.49 -26.25
CA ILE I 321 -14.41 -9.90 -25.23
C ILE I 321 -14.63 -10.58 -23.88
N VAL I 322 -15.89 -10.81 -23.54
CA VAL I 322 -16.28 -11.50 -22.33
C VAL I 322 -17.25 -12.60 -22.72
N ASP I 323 -16.94 -13.83 -22.33
CA ASP I 323 -17.79 -14.95 -22.69
C ASP I 323 -19.20 -14.75 -22.12
N ARG I 324 -20.18 -15.29 -22.84
CA ARG I 324 -21.58 -15.04 -22.51
C ARG I 324 -21.98 -15.56 -21.13
N GLY I 325 -21.18 -16.44 -20.52
CA GLY I 325 -21.44 -16.84 -19.15
C GLY I 325 -20.91 -15.89 -18.10
N ASP I 326 -20.10 -14.91 -18.50
CA ASP I 326 -19.41 -14.01 -17.58
C ASP I 326 -20.06 -12.63 -17.62
N ARG I 327 -19.99 -11.94 -16.48
CA ARG I 327 -20.72 -10.69 -16.30
C ARG I 327 -20.00 -9.55 -17.01
N SER I 328 -20.72 -8.85 -17.88
CA SER I 328 -20.30 -7.59 -18.45
C SER I 328 -20.87 -6.44 -17.62
N GLY I 329 -20.83 -5.22 -18.16
CA GLY I 329 -21.46 -4.08 -17.54
C GLY I 329 -21.44 -2.89 -18.46
N TYR I 330 -21.21 -1.70 -17.90
CA TYR I 330 -20.99 -0.53 -18.74
C TYR I 330 -19.77 -0.74 -19.62
N SER I 331 -19.86 -0.22 -20.84
CA SER I 331 -18.72 -0.09 -21.72
C SER I 331 -18.74 1.30 -22.32
N GLY I 332 -17.57 1.76 -22.73
CA GLY I 332 -17.45 3.10 -23.27
C GLY I 332 -16.23 3.21 -24.14
N ILE I 333 -16.26 4.19 -25.00
CA ILE I 333 -15.19 4.45 -25.94
C ILE I 333 -14.19 5.41 -25.33
N PHE I 334 -12.95 5.31 -25.76
CA PHE I 334 -11.99 6.39 -25.57
C PHE I 334 -11.03 6.35 -26.76
N SER I 335 -10.45 7.50 -27.07
CA SER I 335 -9.65 7.66 -28.27
C SER I 335 -8.22 7.98 -27.90
N VAL I 336 -7.28 7.41 -28.66
CA VAL I 336 -5.86 7.53 -28.39
C VAL I 336 -5.16 7.98 -29.67
N GLU I 337 -4.43 9.08 -29.59
CA GLU I 337 -3.74 9.63 -30.76
C GLU I 337 -2.50 8.82 -31.04
N GLY I 338 -2.44 8.21 -32.22
CA GLY I 338 -1.25 7.52 -32.68
C GLY I 338 -0.34 8.43 -33.47
N LYS I 339 0.68 7.81 -34.08
CA LYS I 339 1.65 8.58 -34.87
C LYS I 339 0.96 9.33 -36.00
N SER I 340 0.09 8.64 -36.75
CA SER I 340 -0.65 9.22 -37.84
C SER I 340 -2.15 8.94 -37.75
N CYS I 341 -2.63 8.57 -36.56
CA CYS I 341 -3.95 7.98 -36.41
C CYS I 341 -4.63 8.56 -35.17
N ILE I 342 -5.95 8.50 -35.18
CA ILE I 342 -6.76 8.51 -33.98
C ILE I 342 -7.31 7.10 -33.83
N ASN I 343 -6.84 6.38 -32.82
CA ASN I 343 -7.31 5.03 -32.58
C ASN I 343 -8.55 5.07 -31.71
N ARG I 344 -9.46 4.13 -31.95
CA ARG I 344 -10.62 3.93 -31.09
C ARG I 344 -10.33 2.77 -30.15
N CYS I 345 -10.56 2.98 -28.87
CA CYS I 345 -10.41 1.96 -27.85
C CYS I 345 -11.71 1.90 -27.06
N PHE I 346 -11.90 0.80 -26.35
CA PHE I 346 -13.07 0.69 -25.50
C PHE I 346 -12.70 -0.13 -24.27
N TYR I 347 -13.39 0.17 -23.19
CA TYR I 347 -13.30 -0.58 -21.95
C TYR I 347 -14.63 -1.29 -21.73
N VAL I 348 -14.60 -2.32 -20.89
CA VAL I 348 -15.81 -3.00 -20.45
C VAL I 348 -15.77 -3.09 -18.93
N GLU I 349 -16.83 -2.63 -18.29
CA GLU I 349 -17.00 -2.81 -16.87
C GLU I 349 -17.43 -4.25 -16.61
N LEU I 350 -16.73 -4.93 -15.72
CA LEU I 350 -16.99 -6.33 -15.40
C LEU I 350 -17.62 -6.35 -14.00
N ILE I 351 -18.94 -6.22 -13.97
CA ILE I 351 -19.65 -6.05 -12.71
C ILE I 351 -19.75 -7.39 -12.00
N ARG I 352 -19.40 -7.41 -10.72
CA ARG I 352 -19.56 -8.59 -9.88
C ARG I 352 -20.25 -8.20 -8.59
N GLY I 353 -20.93 -9.16 -7.99
CA GLY I 353 -21.59 -8.96 -6.70
C GLY I 353 -23.06 -8.63 -6.83
N ARG I 354 -23.58 -8.01 -5.78
CA ARG I 354 -25.00 -7.73 -5.69
C ARG I 354 -25.45 -6.81 -6.82
N LYS I 355 -26.72 -6.93 -7.22
CA LYS I 355 -27.72 -7.84 -6.68
C LYS I 355 -27.60 -9.26 -7.26
N GLU I 356 -27.12 -9.35 -8.50
CA GLU I 356 -27.17 -10.62 -9.23
C GLU I 356 -26.45 -11.73 -8.49
N GLU I 357 -25.30 -11.43 -7.89
CA GLU I 357 -24.48 -12.43 -7.22
C GLU I 357 -24.58 -12.20 -5.72
N THR I 358 -25.27 -13.11 -5.03
CA THR I 358 -25.52 -12.98 -3.60
C THR I 358 -24.41 -13.58 -2.74
N GLU I 359 -23.41 -14.24 -3.35
CA GLU I 359 -22.33 -14.81 -2.56
C GLU I 359 -21.61 -13.75 -1.74
N VAL I 360 -21.66 -12.50 -2.18
CA VAL I 360 -21.04 -11.38 -1.47
C VAL I 360 -22.10 -10.33 -1.20
N LEU I 361 -21.77 -9.43 -0.27
CA LEU I 361 -22.66 -8.32 0.07
C LEU I 361 -22.41 -7.09 -0.79
N TRP I 362 -21.24 -6.97 -1.39
CA TRP I 362 -20.82 -5.75 -2.06
C TRP I 362 -21.12 -5.81 -3.57
N THR I 363 -21.04 -4.65 -4.21
CA THR I 363 -21.17 -4.53 -5.65
C THR I 363 -19.98 -3.74 -6.17
N SER I 364 -19.17 -4.36 -7.01
CA SER I 364 -17.99 -3.70 -7.55
C SER I 364 -17.77 -4.17 -8.96
N ASN I 365 -16.61 -3.82 -9.53
CA ASN I 365 -16.30 -4.18 -10.90
C ASN I 365 -14.79 -4.29 -11.07
N SER I 366 -14.40 -5.08 -12.06
CA SER I 366 -13.10 -4.98 -12.69
C SER I 366 -13.28 -4.38 -14.07
N ILE I 367 -12.18 -4.17 -14.79
CA ILE I 367 -12.26 -3.62 -16.12
CA ILE I 367 -12.23 -3.59 -16.12
C ILE I 367 -11.33 -4.39 -17.05
N VAL I 368 -11.72 -4.45 -18.32
CA VAL I 368 -10.88 -4.96 -19.38
C VAL I 368 -10.92 -3.93 -20.50
N VAL I 369 -9.77 -3.66 -21.10
CA VAL I 369 -9.63 -2.55 -22.03
C VAL I 369 -9.03 -3.10 -23.33
N PHE I 370 -9.69 -2.81 -24.44
CA PHE I 370 -9.25 -3.20 -25.76
C PHE I 370 -9.08 -1.97 -26.61
N CYS I 371 -8.14 -2.04 -27.56
CA CYS I 371 -7.83 -0.92 -28.43
C CYS I 371 -7.90 -1.35 -29.88
N GLY I 372 -8.40 -0.45 -30.73
CA GLY I 372 -8.46 -0.74 -32.15
C GLY I 372 -7.07 -1.08 -32.70
N THR I 373 -7.04 -2.01 -33.64
CA THR I 373 -5.81 -2.42 -34.30
C THR I 373 -6.04 -2.50 -35.79
N SER I 374 -5.03 -2.12 -36.57
CA SER I 374 -5.00 -2.40 -38.00
C SER I 374 -4.29 -3.70 -38.31
N GLY I 375 -3.69 -4.36 -37.32
CA GLY I 375 -3.01 -5.61 -37.53
C GLY I 375 -3.97 -6.78 -37.47
N THR I 376 -3.51 -7.91 -36.91
CA THR I 376 -4.33 -9.10 -36.80
C THR I 376 -4.42 -9.54 -35.33
N TYR I 377 -5.41 -10.38 -35.06
CA TYR I 377 -5.71 -10.79 -33.69
C TYR I 377 -6.41 -12.14 -33.75
N GLY I 378 -6.37 -12.85 -32.62
CA GLY I 378 -7.01 -14.14 -32.54
C GLY I 378 -8.32 -14.08 -31.78
N THR I 379 -8.47 -14.96 -30.78
CA THR I 379 -9.68 -15.01 -29.98
C THR I 379 -9.31 -15.25 -28.52
N GLY I 380 -10.22 -14.86 -27.64
CA GLY I 380 -10.04 -15.13 -26.23
C GLY I 380 -11.26 -14.66 -25.47
N SER I 381 -11.13 -14.68 -24.15
CA SER I 381 -12.16 -14.17 -23.26
C SER I 381 -11.47 -13.70 -22.00
N TRP I 382 -11.79 -12.49 -21.57
CA TRP I 382 -11.12 -11.84 -20.44
C TRP I 382 -12.17 -11.34 -19.46
N PRO I 383 -12.84 -12.26 -18.77
CA PRO I 383 -13.81 -11.88 -17.75
C PRO I 383 -13.10 -11.44 -16.47
N ASP I 384 -13.90 -11.07 -15.47
CA ASP I 384 -13.32 -10.63 -14.21
C ASP I 384 -12.53 -11.76 -13.55
N GLY I 385 -13.12 -12.95 -13.47
CA GLY I 385 -12.43 -14.11 -12.96
C GLY I 385 -12.37 -14.22 -11.45
N ALA I 386 -13.15 -13.44 -10.72
CA ALA I 386 -13.20 -13.58 -9.27
C ALA I 386 -14.11 -14.74 -8.91
N ASP I 387 -13.63 -15.63 -8.04
CA ASP I 387 -14.42 -16.73 -7.52
C ASP I 387 -15.13 -16.23 -6.27
N LEU I 388 -16.31 -15.64 -6.46
CA LEU I 388 -17.02 -15.02 -5.35
C LEU I 388 -17.41 -16.03 -4.28
N ASN I 389 -17.53 -17.31 -4.63
CA ASN I 389 -17.84 -18.32 -3.61
C ASN I 389 -16.75 -18.36 -2.55
N LEU I 390 -15.48 -18.26 -2.96
CA LEU I 390 -14.36 -18.26 -2.03
C LEU I 390 -14.15 -16.91 -1.37
N MET I 391 -14.90 -15.89 -1.77
CA MET I 391 -14.74 -14.55 -1.21
C MET I 391 -15.80 -14.28 -0.14
N GLY J 2 9.23 33.70 40.42
CA GLY J 2 8.07 33.59 41.34
C GLY J 2 8.44 33.06 42.70
N ARG J 3 7.90 33.66 43.75
CA ARG J 3 8.21 33.28 45.11
C ARG J 3 7.02 33.58 46.01
N LEU J 4 6.72 32.65 46.92
CA LEU J 4 5.65 32.79 47.89
C LEU J 4 6.23 32.80 49.29
N GLN J 5 5.61 33.59 50.18
CA GLN J 5 6.08 33.77 51.55
C GLN J 5 4.88 33.77 52.48
N GLU J 6 4.63 32.63 53.12
CA GLU J 6 3.56 32.53 54.09
C GLU J 6 3.92 33.30 55.37
N SER J 7 2.89 33.67 56.11
CA SER J 7 3.08 34.37 57.38
C SER J 7 1.80 34.24 58.20
N GLY J 8 1.89 34.66 59.46
CA GLY J 8 0.78 34.58 60.38
C GLY J 8 0.71 33.29 61.19
N GLY J 9 1.57 32.32 60.90
CA GLY J 9 1.58 31.10 61.68
C GLY J 9 2.13 31.32 63.07
N GLY J 10 1.67 30.51 64.00
CA GLY J 10 2.11 30.64 65.38
C GLY J 10 1.34 29.70 66.28
N VAL J 11 1.54 29.90 67.58
CA VAL J 11 0.86 29.08 68.58
C VAL J 11 -0.54 29.65 68.80
N VAL J 12 -1.55 28.80 68.66
CA VAL J 12 -2.94 29.19 68.82
C VAL J 12 -3.62 28.21 69.76
N GLN J 13 -4.46 28.74 70.65
CA GLN J 13 -5.11 27.87 71.60
C GLN J 13 -6.27 27.12 70.93
N PRO J 14 -6.59 25.90 71.39
CA PRO J 14 -7.69 25.15 70.78
C PRO J 14 -9.04 25.88 70.90
N ARG J 16 -10.08 28.97 69.00
CA ARG J 16 -9.59 30.28 68.61
C ARG J 16 -9.32 30.33 67.10
N SER J 17 -8.94 31.50 66.61
CA SER J 17 -8.74 31.72 65.18
C SER J 17 -7.33 32.21 64.92
N LEU J 18 -6.92 32.06 63.65
CA LEU J 18 -5.60 32.51 63.22
C LEU J 18 -5.65 32.74 61.72
N THR J 19 -5.20 33.91 61.27
CA THR J 19 -5.21 34.25 59.85
C THR J 19 -3.83 34.02 59.26
N LEU J 20 -3.75 33.09 58.30
CA LEU J 20 -2.52 32.85 57.56
C LEU J 20 -2.52 33.72 56.31
N SER J 21 -1.37 34.34 56.03
CA SER J 21 -1.20 35.18 54.86
C SER J 21 -0.10 34.62 53.97
N CYS J 22 -0.28 34.76 52.67
CA CYS J 22 0.70 34.30 51.68
C CYS J 22 0.94 35.44 50.69
N ALA J 23 2.14 36.01 50.73
CA ALA J 23 2.51 37.11 49.85
C ALA J 23 3.28 36.57 48.66
N ALA J 24 2.86 36.95 47.46
CA ALA J 24 3.52 36.55 46.22
C ALA J 24 4.44 37.66 45.74
N SER J 25 5.65 37.28 45.34
CA SER J 25 6.62 38.21 44.79
C SER J 25 7.21 37.61 43.52
N GLY J 26 7.46 38.46 42.53
CA GLY J 26 7.96 38.01 41.25
C GLY J 26 6.89 37.61 40.26
N PHE J 27 5.63 37.58 40.67
CA PHE J 27 4.53 37.25 39.77
C PHE J 27 3.24 37.81 40.35
N THR J 28 2.22 37.89 39.49
CA THR J 28 0.93 38.42 39.91
C THR J 28 0.02 37.29 40.38
N LEU J 29 -0.49 37.41 41.60
CA LEU J 29 -1.34 36.36 42.16
C LEU J 29 -2.58 36.13 41.30
N GLU J 30 -3.08 37.17 40.64
CA GLU J 30 -4.26 37.02 39.80
C GLU J 30 -4.05 36.02 38.67
N THR J 31 -2.81 35.73 38.32
CA THR J 31 -2.51 34.83 37.21
C THR J 31 -2.69 33.36 37.57
N TYR J 32 -2.78 33.02 38.85
CA TYR J 32 -2.66 31.64 39.28
C TYR J 32 -3.75 31.24 40.25
N THR J 33 -4.30 30.04 40.05
CA THR J 33 -5.01 29.37 41.13
C THR J 33 -4.08 29.19 42.31
N MET J 34 -4.59 29.45 43.51
CA MET J 34 -3.78 29.41 44.73
C MET J 34 -4.34 28.34 45.66
N HIS J 35 -3.45 27.51 46.19
CA HIS J 35 -3.81 26.44 47.11
C HIS J 35 -3.15 26.66 48.46
N TRP J 36 -3.78 26.11 49.49
CA TRP J 36 -3.16 25.94 50.80
C TRP J 36 -2.97 24.46 51.03
N VAL J 37 -1.73 24.04 51.28
CA VAL J 37 -1.40 22.64 51.54
C VAL J 37 -0.65 22.57 52.86
N ARG J 38 -1.13 21.75 53.78
CA ARG J 38 -0.52 21.61 55.09
C ARG J 38 0.14 20.25 55.22
N GLN J 39 1.18 20.20 56.03
CA GLN J 39 1.95 18.98 56.28
C GLN J 39 2.04 18.78 57.79
N THR J 40 1.47 17.68 58.27
CA THR J 40 1.49 17.37 59.69
C THR J 40 2.76 16.63 60.07
N GLY J 44 2.41 13.59 55.98
CA GLY J 44 2.55 13.88 54.57
C GLY J 44 1.83 15.15 54.18
N LEU J 45 1.64 15.36 52.88
CA LEU J 45 0.98 16.54 52.36
C LEU J 45 -0.53 16.34 52.35
N GLU J 46 -1.26 17.40 52.70
CA GLU J 46 -2.71 17.37 52.81
C GLU J 46 -3.26 18.67 52.25
N TRP J 47 -3.93 18.59 51.10
CA TRP J 47 -4.55 19.78 50.53
C TRP J 47 -5.62 20.31 51.47
N VAL J 48 -5.63 21.63 51.66
CA VAL J 48 -6.55 22.29 52.58
C VAL J 48 -7.63 23.05 51.82
N ALA J 49 -7.25 24.04 51.00
CA ALA J 49 -8.21 24.87 50.32
C ALA J 49 -7.55 25.49 49.10
N VAL J 50 -8.39 25.97 48.19
CA VAL J 50 -7.94 26.58 46.94
C VAL J 50 -8.74 27.86 46.71
N SER J 51 -8.10 28.83 46.07
CA SER J 51 -8.73 30.09 45.71
C SER J 51 -8.58 30.31 44.21
N SER J 52 -9.69 30.63 43.55
CA SER J 52 -9.66 30.85 42.11
C SER J 52 -8.86 32.11 41.78
N LYS J 53 -8.48 32.23 40.51
CA LYS J 53 -7.65 33.35 40.07
C LYS J 53 -8.34 34.68 40.36
N ASP J 54 -9.64 34.78 40.05
CA ASP J 54 -10.37 36.02 40.29
C ASP J 54 -10.73 36.23 41.74
N GLY J 55 -10.52 35.24 42.60
CA GLY J 55 -10.85 35.37 44.01
C GLY J 55 -12.32 35.25 44.32
N ASN J 56 -13.12 34.73 43.39
CA ASN J 56 -14.56 34.61 43.59
C ASN J 56 -15.03 33.19 43.85
N ASN J 57 -14.16 32.19 43.70
CA ASN J 57 -14.53 30.80 43.90
C ASN J 57 -13.49 30.12 44.78
N VAL J 58 -13.95 29.17 45.59
CA VAL J 58 -13.10 28.45 46.51
C VAL J 58 -13.57 27.01 46.62
N TYR J 59 -12.64 26.12 46.94
CA TYR J 59 -12.96 24.78 47.40
C TYR J 59 -12.23 24.55 48.71
N TYR J 60 -12.80 23.71 49.56
CA TYR J 60 -12.23 23.41 50.86
C TYR J 60 -12.12 21.91 51.07
N ARG J 61 -11.12 21.50 51.83
CA ARG J 61 -11.07 20.15 52.33
C ARG J 61 -12.30 19.91 53.22
N ASP J 62 -12.83 18.69 53.19
CA ASP J 62 -14.05 18.41 53.93
C ASP J 62 -13.88 18.70 55.41
N SER J 63 -12.75 18.30 56.00
CA SER J 63 -12.53 18.45 57.43
C SER J 63 -12.41 19.91 57.86
N VAL J 64 -12.20 20.84 56.94
CA VAL J 64 -12.09 22.26 57.27
C VAL J 64 -13.28 23.07 56.78
N LYS J 65 -14.20 22.47 56.04
CA LYS J 65 -15.36 23.21 55.56
C LYS J 65 -16.15 23.77 56.73
N GLY J 66 -16.55 25.04 56.61
CA GLY J 66 -17.25 25.73 57.66
C GLY J 66 -16.36 26.29 58.76
N ARG J 67 -15.07 25.98 58.74
CA ARG J 67 -14.11 26.50 59.70
C ARG J 67 -13.06 27.39 59.07
N PHE J 68 -12.49 26.98 57.94
CA PHE J 68 -11.49 27.75 57.23
C PHE J 68 -12.14 28.54 56.10
N THR J 69 -11.73 29.78 55.95
CA THR J 69 -12.14 30.62 54.84
C THR J 69 -10.91 31.09 54.10
N VAL J 70 -10.82 30.74 52.81
CA VAL J 70 -9.69 31.12 51.97
C VAL J 70 -10.11 32.29 51.10
N SER J 71 -9.29 33.34 51.08
CA SER J 71 -9.56 34.52 50.28
C SER J 71 -8.24 35.06 49.76
N ARG J 72 -8.34 36.04 48.87
CA ARG J 72 -7.16 36.66 48.29
C ARG J 72 -7.44 38.13 48.01
N ASP J 73 -6.37 38.90 47.86
CA ASP J 73 -6.45 40.27 47.37
C ASP J 73 -5.40 40.37 46.25
N ASN J 74 -5.88 40.22 45.02
CA ASN J 74 -4.97 40.21 43.88
C ASN J 74 -4.20 41.52 43.76
N SER J 75 -4.80 42.62 44.21
CA SER J 75 -4.08 43.89 44.21
C SER J 75 -2.86 43.84 45.12
N LYS J 76 -3.00 43.25 46.30
CA LYS J 76 -1.89 43.10 47.24
C LYS J 76 -1.04 41.88 46.97
N ASN J 77 -1.40 41.04 45.99
CA ASN J 77 -0.65 39.82 45.70
C ASN J 77 -0.56 38.93 46.94
N THR J 78 -1.64 38.89 47.72
CA THR J 78 -1.66 38.19 48.99
C THR J 78 -2.82 37.20 49.02
N LEU J 79 -2.52 35.97 49.41
CA LEU J 79 -3.53 34.94 49.64
C LEU J 79 -3.72 34.75 51.15
N PHE J 80 -4.97 34.57 51.55
CA PHE J 80 -5.33 34.46 52.97
C PHE J 80 -6.01 33.14 53.24
N LEU J 81 -5.84 32.64 54.47
CA LEU J 81 -6.59 31.50 54.98
C LEU J 81 -7.06 31.88 56.38
N GLN J 82 -8.33 32.25 56.50
CA GLN J 82 -8.92 32.56 57.80
C GLN J 82 -9.31 31.25 58.48
N MET J 83 -8.56 30.87 59.50
CA MET J 83 -8.78 29.61 60.22
C MET J 83 -9.55 29.91 61.50
N ASN J 84 -10.71 29.25 61.65
CA ASN J 84 -11.57 29.44 62.81
C ASN J 84 -11.86 28.08 63.44
N HIS J 85 -12.12 28.10 64.75
CA HIS J 85 -12.42 26.90 65.51
C HIS J 85 -11.31 25.86 65.32
N LEU J 86 -10.09 26.27 65.66
CA LEU J 86 -8.90 25.46 65.43
C LEU J 86 -8.85 24.32 66.44
N ARG J 87 -8.72 23.10 65.95
CA ARG J 87 -8.68 21.91 66.81
C ARG J 87 -7.24 21.39 66.91
N ASP J 90 -5.45 20.52 63.29
CA ASP J 90 -5.05 21.59 62.39
C ASP J 90 -3.57 21.91 62.52
N THR J 91 -2.94 21.41 63.58
CA THR J 91 -1.51 21.60 63.78
C THR J 91 -0.74 21.01 62.60
N ALA J 92 0.01 21.85 61.91
CA ALA J 92 0.75 21.42 60.72
C ALA J 92 1.57 22.59 60.21
N LEU J 93 2.48 22.28 59.28
CA LEU J 93 3.17 23.29 58.49
C LEU J 93 2.34 23.58 57.26
N TYR J 94 1.87 24.83 57.14
CA TYR J 94 0.94 25.21 56.08
C TYR J 94 1.70 25.83 54.92
N TYR J 95 1.61 25.20 53.76
CA TYR J 95 2.25 25.68 52.55
C TYR J 95 1.26 26.39 51.65
N CYS J 96 1.75 27.41 50.96
CA CYS J 96 1.01 28.16 49.97
C CYS J 96 1.61 27.85 48.60
N ALA J 97 0.80 27.30 47.70
CA ALA J 97 1.27 26.82 46.41
C ALA J 97 0.35 27.31 45.31
N ARG J 98 0.94 27.61 44.15
CA ARG J 98 0.20 28.10 42.99
C ARG J 98 0.11 27.00 41.93
N GLY J 99 -1.01 26.99 41.22
CA GLY J 99 -1.19 26.13 40.07
C GLY J 99 -2.25 25.08 40.30
N SER J 100 -2.25 24.08 39.43
CA SER J 100 -3.16 22.93 39.51
C SER J 100 -4.61 23.39 39.54
N ASP J 101 -5.04 24.00 38.44
CA ASP J 101 -6.41 24.49 38.34
C ASP J 101 -7.38 23.31 38.39
N PRO J 102 -8.56 23.50 38.99
CA PRO J 102 -9.60 22.47 38.88
C PRO J 102 -10.21 22.43 37.49
N ASP J 103 -11.21 21.58 37.28
CA ASP J 103 -11.85 21.45 35.98
C ASP J 103 -12.91 22.54 35.84
N TYR J 104 -12.82 23.32 34.77
CA TYR J 104 -13.81 24.37 34.54
C TYR J 104 -15.22 23.80 34.44
N ASP J 105 -15.36 22.55 34.00
CA ASP J 105 -16.68 21.97 33.84
C ASP J 105 -17.42 21.85 35.17
N LYS J 106 -16.71 21.97 36.29
CA LYS J 106 -17.32 21.92 37.61
C LYS J 106 -17.57 23.30 38.20
N GLY J 107 -17.33 24.37 37.44
CA GLY J 107 -17.69 25.71 37.87
C GLY J 107 -16.63 26.75 37.61
N TRP J 108 -15.36 26.36 37.68
CA TRP J 108 -14.28 27.29 37.40
C TRP J 108 -12.98 26.50 37.24
N GLY J 109 -12.01 27.13 36.58
CA GLY J 109 -10.71 26.53 36.37
C GLY J 109 -10.38 26.40 34.90
N ALA J 110 -9.67 25.33 34.57
CA ALA J 110 -9.16 25.10 33.23
C ALA J 110 -10.20 24.38 32.37
N TYR J 111 -10.20 24.70 31.08
CA TYR J 111 -11.05 24.02 30.10
C TYR J 111 -10.33 22.76 29.66
N ARG J 112 -10.55 21.66 30.39
CA ARG J 112 -9.87 20.41 30.08
C ARG J 112 -10.34 19.81 28.76
N ASN J 113 -11.54 20.17 28.30
CA ASN J 113 -12.12 19.59 27.10
C ASN J 113 -11.74 20.34 25.83
N THR J 114 -10.98 21.42 25.94
CA THR J 114 -10.55 22.15 24.76
C THR J 114 -9.54 21.32 23.96
N ASP J 115 -9.34 21.70 22.70
CA ASP J 115 -8.47 20.92 21.83
C ASP J 115 -7.03 20.92 22.33
N ARG J 116 -6.59 22.03 22.89
CA ARG J 116 -5.23 22.17 23.41
C ARG J 116 -5.28 22.33 24.93
N PRO J 117 -5.65 21.30 25.68
CA PRO J 117 -5.68 21.43 27.13
C PRO J 117 -4.29 21.64 27.69
N SER J 118 -4.22 22.38 28.78
CA SER J 118 -2.97 22.66 29.46
C SER J 118 -3.13 22.35 30.95
N TYR J 119 -2.01 22.02 31.58
CA TYR J 119 -2.01 21.80 33.03
C TYR J 119 -0.65 22.23 33.57
N ASP J 120 -0.68 22.89 34.73
CA ASP J 120 0.51 23.18 35.50
C ASP J 120 0.30 22.66 36.91
N GLY J 121 1.27 21.90 37.42
CA GLY J 121 1.20 21.43 38.78
C GLY J 121 1.45 22.58 39.75
N LEU J 122 1.71 22.19 41.00
CA LEU J 122 2.05 23.15 42.04
C LEU J 122 3.53 23.48 41.91
N ASP J 123 3.85 24.32 40.92
CA ASP J 123 5.23 24.55 40.54
C ASP J 123 5.95 25.52 41.45
N VAL J 124 5.24 26.28 42.27
CA VAL J 124 5.85 27.22 43.21
C VAL J 124 5.19 27.03 44.57
N TRP J 125 6.01 26.83 45.60
CA TRP J 125 5.55 26.71 46.97
C TRP J 125 6.26 27.73 47.83
N GLY J 126 5.60 28.16 48.89
CA GLY J 126 6.27 28.93 49.92
C GLY J 126 7.05 28.03 50.85
N GLN J 127 7.84 28.66 51.73
CA GLN J 127 8.60 27.88 52.70
C GLN J 127 7.70 27.28 53.77
N GLY J 128 6.47 27.79 53.92
CA GLY J 128 5.54 27.25 54.88
C GLY J 128 5.62 27.94 56.22
N THR J 129 4.46 28.18 56.84
CA THR J 129 4.37 28.79 58.16
C THR J 129 3.77 27.77 59.12
N THR J 130 4.42 27.58 60.27
CA THR J 130 3.99 26.57 61.22
C THR J 130 2.82 27.08 62.04
N VAL J 131 1.81 26.23 62.20
CA VAL J 131 0.65 26.49 63.04
C VAL J 131 0.59 25.41 64.10
N THR J 132 0.65 25.81 65.37
CA THR J 132 0.65 24.90 66.50
C THR J 132 -0.62 25.14 67.30
N VAL J 133 -1.49 24.14 67.35
CA VAL J 133 -2.75 24.26 68.08
C VAL J 133 -2.65 23.53 69.41
N ILE K 2 -10.60 10.45 45.41
CA ILE K 2 -9.65 9.40 44.94
C ILE K 2 -8.59 9.14 46.01
N VAL K 3 -8.34 7.88 46.29
CA VAL K 3 -7.30 7.47 47.23
C VAL K 3 -6.02 7.24 46.45
N MET K 4 -4.91 7.76 46.97
CA MET K 4 -3.62 7.68 46.29
C MET K 4 -2.72 6.79 47.15
N THR K 5 -2.35 5.62 46.62
CA THR K 5 -1.53 4.66 47.35
C THR K 5 -0.14 4.63 46.74
N GLN K 6 0.87 4.92 47.54
CA GLN K 6 2.26 4.90 47.12
C GLN K 6 2.95 3.66 47.66
N SER K 7 3.89 3.15 46.87
CA SER K 7 4.66 1.98 47.28
C SER K 7 6.01 1.96 46.55
N PRO K 8 7.11 1.69 47.26
CA PRO K 8 7.24 1.46 48.71
C PRO K 8 7.14 2.75 49.52
N LEU K 9 6.82 2.68 50.80
CA LEU K 9 6.83 3.88 51.64
C LEU K 9 8.25 4.29 52.04
N PHE K 10 9.20 3.36 51.96
CA PHE K 10 10.60 3.65 52.24
C PHE K 10 11.45 2.96 51.18
N LEU K 11 12.42 3.70 50.64
CA LEU K 11 13.29 3.18 49.60
C LEU K 11 14.73 3.57 49.90
N SER K 12 15.63 2.60 49.83
CA SER K 12 17.05 2.81 50.01
C SER K 12 17.73 2.62 48.66
N VAL K 13 18.49 3.63 48.23
CA VAL K 13 19.02 3.69 46.88
C VAL K 13 20.54 3.81 46.95
N THR K 14 21.23 2.93 46.25
CA THR K 14 22.69 3.07 46.12
C THR K 14 23.00 4.18 45.12
N PRO K 15 23.95 5.07 45.44
CA PRO K 15 24.26 6.15 44.51
C PRO K 15 24.63 5.61 43.13
N GLY K 16 24.07 6.24 42.10
CA GLY K 16 24.34 5.87 40.73
C GLY K 16 23.38 4.84 40.15
N GLU K 17 22.63 4.13 40.98
CA GLU K 17 21.66 3.16 40.50
C GLU K 17 20.30 3.84 40.30
N SER K 18 19.34 3.05 39.82
CA SER K 18 18.00 3.55 39.55
C SER K 18 17.07 3.24 40.71
N ALA K 19 16.08 4.12 40.89
CA ALA K 19 15.06 3.94 41.91
C ALA K 19 13.70 4.18 41.30
N SER K 20 12.75 3.30 41.58
CA SER K 20 11.39 3.40 41.06
C SER K 20 10.41 3.50 42.22
N ILE K 21 9.49 4.45 42.13
CA ILE K 21 8.42 4.62 43.10
C ILE K 21 7.10 4.45 42.36
N SER K 22 6.26 3.55 42.87
CA SER K 22 4.96 3.28 42.27
C SER K 22 3.89 4.06 43.01
N CYS K 23 2.84 4.44 42.28
CA CYS K 23 1.72 5.17 42.85
C CYS K 23 0.45 4.68 42.16
N ARG K 24 -0.54 4.29 42.97
CA ARG K 24 -1.78 3.72 42.45
C ARG K 24 -2.96 4.53 42.97
N SER K 25 -3.87 4.90 42.07
CA SER K 25 -5.08 5.63 42.41
C SER K 25 -6.26 4.67 42.48
N SER K 26 -7.21 5.00 43.36
CA SER K 26 -8.42 4.20 43.45
C SER K 26 -9.25 4.29 42.17
N GLN K 27 -9.12 5.40 41.44
CA GLN K 27 -9.82 5.61 40.18
C GLN K 27 -8.83 6.05 39.12
N SER K 28 -9.19 5.81 37.87
CA SER K 28 -8.33 6.20 36.75
C SER K 28 -8.14 7.71 36.75
N LEU K 29 -6.90 8.15 36.60
CA LEU K 29 -6.57 9.56 36.48
C LEU K 29 -6.52 10.02 35.02
N LEU K 30 -6.88 9.14 34.08
CA LEU K 30 -6.84 9.48 32.66
C LEU K 30 -8.10 10.25 32.29
N HIS K 31 -7.93 11.51 31.94
CA HIS K 31 -9.04 12.35 31.50
C HIS K 31 -9.42 11.99 30.07
N SER K 32 -10.64 12.37 29.68
CA SER K 32 -11.11 12.11 28.32
C SER K 32 -10.25 12.82 27.28
N ASN K 33 -9.54 13.88 27.68
CA ASN K 33 -8.62 14.57 26.78
C ASN K 33 -7.30 13.83 26.59
N GLY K 34 -7.18 12.63 27.16
CA GLY K 34 -6.03 11.78 26.94
C GLY K 34 -4.88 11.95 27.90
N TYR K 35 -4.98 12.87 28.86
CA TYR K 35 -3.89 13.17 29.78
C TYR K 35 -4.22 12.63 31.17
N ASN K 36 -3.21 12.05 31.81
CA ASN K 36 -3.34 11.55 33.17
C ASN K 36 -3.01 12.68 34.14
N TYR K 37 -4.01 13.13 34.89
CA TYR K 37 -3.83 14.26 35.81
C TYR K 37 -3.18 13.74 37.09
N LEU K 38 -1.89 13.43 36.97
CA LEU K 38 -1.09 12.89 38.05
C LEU K 38 0.21 13.67 38.12
N ASP K 39 0.52 14.21 39.29
CA ASP K 39 1.74 14.96 39.52
C ASP K 39 2.64 14.20 40.48
N TRP K 40 3.94 14.47 40.38
CA TRP K 40 4.93 13.99 41.32
C TRP K 40 5.64 15.17 41.95
N TYR K 41 5.79 15.12 43.28
CA TYR K 41 6.44 16.18 44.03
C TYR K 41 7.55 15.58 44.88
N LEU K 42 8.65 16.31 45.01
CA LEU K 42 9.77 15.92 45.86
C LEU K 42 9.91 16.96 46.96
N GLN K 43 9.89 16.51 48.21
CA GLN K 43 10.17 17.35 49.36
C GLN K 43 11.51 16.93 49.93
N LYS K 44 12.57 17.65 49.53
CA LYS K 44 13.89 17.37 50.07
C LYS K 44 13.91 17.74 51.54
N PRO K 45 14.81 17.13 52.33
CA PRO K 45 14.81 17.37 53.77
C PRO K 45 14.90 18.85 54.12
N GLY K 46 13.89 19.36 54.83
CA GLY K 46 13.86 20.73 55.27
C GLY K 46 13.36 21.73 54.26
N GLN K 47 13.18 21.33 53.00
CA GLN K 47 12.73 22.22 51.95
C GLN K 47 11.23 22.06 51.71
N SER K 48 10.66 23.01 50.98
CA SER K 48 9.28 22.92 50.55
C SER K 48 9.17 21.96 49.38
N PRO K 49 7.99 21.39 49.15
CA PRO K 49 7.83 20.48 47.99
C PRO K 49 8.11 21.20 46.69
N GLN K 50 8.68 20.47 45.74
CA GLN K 50 8.93 20.97 44.40
C GLN K 50 8.28 20.03 43.40
N LEU K 51 7.71 20.61 42.34
CA LEU K 51 7.09 19.82 41.29
C LEU K 51 8.18 19.15 40.45
N LEU K 52 8.10 17.83 40.35
CA LEU K 52 8.97 17.05 39.46
C LEU K 52 8.30 16.73 38.14
N ILE K 53 7.12 16.14 38.20
CA ILE K 53 6.39 15.67 37.02
C ILE K 53 4.96 16.13 37.13
N TYR K 54 4.39 16.54 36.00
CA TYR K 54 2.97 16.82 35.90
C TYR K 54 2.41 16.04 34.73
N TRP K 55 1.10 15.79 34.78
CA TRP K 55 0.43 15.01 33.74
C TRP K 55 1.14 13.69 33.50
N GLY K 56 1.51 13.03 34.59
CA GLY K 56 2.09 11.69 34.51
C GLY K 56 3.52 11.56 34.05
N SER K 57 3.89 12.25 32.96
CA SER K 57 5.20 12.05 32.35
C SER K 57 5.90 13.34 31.93
N ASN K 58 5.32 14.51 32.23
CA ASN K 58 5.89 15.78 31.79
C ASN K 58 6.76 16.34 32.92
N ARG K 59 8.06 16.42 32.67
CA ARG K 59 8.98 17.00 33.64
C ARG K 59 8.75 18.50 33.77
N ALA K 60 8.79 19.00 34.99
CA ALA K 60 8.71 20.44 35.21
C ALA K 60 9.98 21.12 34.73
N SER K 61 9.89 22.43 34.53
CA SER K 61 11.02 23.19 34.04
C SER K 61 12.23 23.02 34.96
N GLY K 62 13.40 22.79 34.37
CA GLY K 62 14.63 22.67 35.11
C GLY K 62 14.80 21.36 35.87
N VAL K 63 13.83 20.47 35.81
CA VAL K 63 13.93 19.18 36.48
C VAL K 63 14.83 18.27 35.66
N SER K 64 15.78 17.61 36.32
CA SER K 64 16.69 16.72 35.63
C SER K 64 15.91 15.62 34.91
N ASP K 65 16.38 15.28 33.71
CA ASP K 65 15.80 14.16 32.97
C ASP K 65 16.12 12.82 33.61
N ARG K 66 16.80 12.81 34.75
CA ARG K 66 16.93 11.59 35.54
C ARG K 66 15.59 11.17 36.12
N PHE K 67 14.69 12.11 36.36
CA PHE K 67 13.35 11.81 36.84
C PHE K 67 12.44 11.49 35.66
N SER K 68 11.82 10.32 35.68
CA SER K 68 10.97 9.86 34.58
C SER K 68 9.64 9.39 35.13
N GLY K 69 8.57 10.07 34.77
CA GLY K 69 7.23 9.66 35.14
C GLY K 69 6.62 8.81 34.04
N ARG K 70 6.04 7.69 34.42
CA ARG K 70 5.42 6.76 33.48
C ARG K 70 4.10 6.28 34.06
N GLY K 71 3.32 5.62 33.21
CA GLY K 71 2.06 5.01 33.61
C GLY K 71 0.87 5.75 33.01
N SER K 72 -0.31 5.26 33.38
CA SER K 72 -1.57 5.81 32.90
C SER K 72 -2.71 5.13 33.63
N GLY K 73 -3.82 5.84 33.74
CA GLY K 73 -4.99 5.27 34.38
C GLY K 73 -4.87 5.27 35.89
N THR K 74 -4.62 4.09 36.47
CA THR K 74 -4.52 3.95 37.91
C THR K 74 -3.14 3.58 38.41
N ASP K 75 -2.19 3.27 37.51
CA ASP K 75 -0.86 2.82 37.91
C ASP K 75 0.18 3.76 37.31
N PHE K 76 1.01 4.34 38.16
CA PHE K 76 2.04 5.28 37.72
C PHE K 76 3.34 4.97 38.46
N THR K 77 4.45 5.24 37.79
CA THR K 77 5.78 4.98 38.33
C THR K 77 6.64 6.21 38.14
N LEU K 78 7.37 6.58 39.19
CA LEU K 78 8.42 7.58 39.11
C LEU K 78 9.76 6.88 39.18
N THR K 79 10.55 6.98 38.12
CA THR K 79 11.87 6.37 38.05
C THR K 79 12.92 7.47 38.20
N ILE K 80 13.80 7.30 39.18
CA ILE K 80 14.94 8.19 39.38
C ILE K 80 16.18 7.47 38.90
N TYR K 81 16.70 7.90 37.75
CA TYR K 81 17.90 7.30 37.18
C TYR K 81 19.13 7.94 37.80
N ASN K 82 20.19 7.13 37.92
CA ASN K 82 21.48 7.60 38.40
C ASN K 82 21.30 8.43 39.69
N VAL K 83 20.71 7.78 40.68
CA VAL K 83 20.35 8.48 41.92
C VAL K 83 21.60 9.07 42.56
N GLU K 84 21.46 10.27 43.10
CA GLU K 84 22.52 10.95 43.84
C GLU K 84 21.98 11.37 45.21
N ALA K 85 22.91 11.72 46.09
CA ALA K 85 22.53 12.08 47.45
C ALA K 85 21.54 13.25 47.48
N GLU K 86 21.59 14.12 46.47
CA GLU K 86 20.65 15.24 46.41
C GLU K 86 19.22 14.79 46.15
N ASP K 87 19.00 13.55 45.73
CA ASP K 87 17.66 13.05 45.44
C ASP K 87 16.94 12.54 46.67
N VAL K 88 17.60 12.50 47.83
CA VAL K 88 16.94 12.00 49.04
C VAL K 88 15.81 12.94 49.44
N GLY K 89 14.83 12.39 50.14
CA GLY K 89 13.67 13.12 50.55
C GLY K 89 12.43 12.26 50.42
N VAL K 90 11.27 12.91 50.40
CA VAL K 90 9.99 12.23 50.28
C VAL K 90 9.37 12.61 48.94
N TYR K 91 8.97 11.60 48.17
CA TYR K 91 8.32 11.79 46.88
C TYR K 91 6.82 11.55 47.05
N TYR K 92 6.01 12.55 46.72
CA TYR K 92 4.56 12.46 46.81
C TYR K 92 3.96 12.51 45.41
N CYS K 93 3.10 11.55 45.09
CA CYS K 93 2.27 11.66 43.92
C CYS K 93 0.96 12.36 44.29
N MET K 94 0.45 13.15 43.37
CA MET K 94 -0.78 13.90 43.59
C MET K 94 -1.68 13.76 42.37
N GLN K 95 -2.92 13.36 42.60
CA GLN K 95 -3.91 13.34 41.55
C GLN K 95 -4.60 14.70 41.47
N ALA K 96 -4.81 15.18 40.24
CA ALA K 96 -5.52 16.44 40.02
C ALA K 96 -6.70 16.25 39.08
N LEU K 97 -7.12 15.00 38.85
CA LEU K 97 -8.27 14.76 37.99
C LEU K 97 -9.57 15.17 38.67
N GLN K 98 -9.88 14.51 39.78
CA GLN K 98 -11.14 14.69 40.48
C GLN K 98 -10.88 15.61 41.68
N THR K 99 -11.15 16.90 41.51
CA THR K 99 -10.91 17.88 42.55
C THR K 99 -12.14 18.77 42.70
N PRO K 100 -12.43 19.22 43.93
CA PRO K 100 -11.74 18.93 45.19
C PRO K 100 -12.08 17.53 45.71
N PRO K 101 -11.27 16.98 46.62
CA PRO K 101 -9.99 17.50 47.12
C PRO K 101 -8.82 17.12 46.23
N TRP K 102 -7.74 17.90 46.25
CA TRP K 102 -6.47 17.43 45.71
C TRP K 102 -5.87 16.46 46.71
N THR K 103 -5.58 15.23 46.27
CA THR K 103 -5.17 14.17 47.18
C THR K 103 -3.76 13.73 46.84
N PHE K 104 -2.91 13.66 47.85
CA PHE K 104 -1.54 13.19 47.73
C PHE K 104 -1.43 11.74 48.17
N GLY K 105 -0.39 11.07 47.68
CA GLY K 105 0.00 9.80 48.25
C GLY K 105 0.67 9.99 49.60
N GLN K 106 0.86 8.89 50.32
CA GLN K 106 1.46 8.97 51.64
C GLN K 106 2.89 9.50 51.58
N GLY K 107 3.56 9.35 50.44
CA GLY K 107 4.92 9.81 50.31
C GLY K 107 5.92 8.69 50.49
N THR K 108 6.81 8.51 49.51
CA THR K 108 7.85 7.49 49.57
C THR K 108 9.15 8.16 50.02
N LYS K 109 9.72 7.65 51.11
CA LYS K 109 10.94 8.22 51.67
C LYS K 109 12.14 7.54 51.03
N VAL K 110 12.98 8.34 50.37
CA VAL K 110 14.18 7.84 49.70
C VAL K 110 15.39 8.28 50.50
N ASP K 111 16.28 7.33 50.80
CA ASP K 111 17.49 7.63 51.55
C ASP K 111 18.68 6.87 50.96
N ALA L 6 10.14 29.10 -11.78
CA ALA L 6 9.04 29.35 -10.80
C ALA L 6 9.27 30.66 -10.07
N GLU L 7 8.22 31.46 -9.95
CA GLU L 7 8.28 32.78 -9.35
C GLU L 7 7.41 32.77 -8.09
N TYR L 8 7.79 33.60 -7.12
CA TYR L 8 7.01 33.68 -5.89
C TYR L 8 5.56 34.04 -6.19
N ARG L 9 4.65 33.43 -5.44
CA ARG L 9 3.26 33.85 -5.49
C ARG L 9 3.13 35.27 -4.93
N ASN L 10 2.31 36.09 -5.59
CA ASN L 10 1.93 37.38 -5.06
C ASN L 10 0.44 37.50 -4.81
N TRP L 11 -0.37 36.55 -5.30
CA TRP L 11 -1.82 36.60 -5.10
C TRP L 11 -2.38 37.94 -5.52
N SER L 12 -1.79 38.55 -6.55
CA SER L 12 -2.19 39.88 -6.98
C SER L 12 -3.29 39.79 -8.03
N LYS L 13 -4.35 39.05 -7.71
CA LYS L 13 -5.55 38.98 -8.54
C LYS L 13 -6.76 39.24 -7.66
N PRO L 14 -7.85 39.73 -8.24
CA PRO L 14 -9.03 40.01 -7.43
C PRO L 14 -9.70 38.73 -6.94
N GLN L 15 -10.44 38.86 -5.85
CA GLN L 15 -11.34 37.80 -5.40
C GLN L 15 -12.61 37.85 -6.25
N CYS L 16 -12.73 36.93 -7.21
CA CYS L 16 -13.91 36.99 -8.07
C CYS L 16 -15.14 36.54 -7.29
N GLY L 17 -16.29 36.74 -7.92
CA GLY L 17 -17.56 36.53 -7.25
C GLY L 17 -17.72 35.14 -6.67
N ILE L 18 -18.15 35.08 -5.41
CA ILE L 18 -18.56 33.85 -4.76
C ILE L 18 -20.08 33.87 -4.68
N THR L 19 -20.73 32.92 -5.37
CA THR L 19 -22.14 32.67 -5.17
C THR L 19 -22.41 31.63 -4.10
N GLY L 20 -21.36 30.95 -3.65
CA GLY L 20 -21.46 29.83 -2.72
C GLY L 20 -20.24 28.95 -2.88
N PHE L 21 -20.42 27.66 -2.63
CA PHE L 21 -19.31 26.73 -2.66
C PHE L 21 -19.77 25.41 -3.26
N ALA L 22 -18.92 24.82 -4.09
CA ALA L 22 -19.19 23.57 -4.74
C ALA L 22 -18.31 22.46 -4.17
N PRO L 23 -18.78 21.22 -4.18
CA PRO L 23 -17.95 20.12 -3.66
C PRO L 23 -16.65 20.00 -4.44
N PHE L 24 -15.56 19.78 -3.71
CA PHE L 24 -14.23 19.68 -4.32
C PHE L 24 -13.55 18.35 -4.05
N SER L 25 -13.50 17.90 -2.79
CA SER L 25 -12.81 16.66 -2.47
C SER L 25 -13.35 16.08 -1.17
N LYS L 26 -13.10 14.79 -0.99
CA LYS L 26 -13.53 14.06 0.20
C LYS L 26 -12.61 12.85 0.34
N ASP L 27 -11.94 12.72 1.48
CA ASP L 27 -10.95 11.66 1.61
C ASP L 27 -11.57 10.32 1.99
N ASN L 28 -12.71 10.32 2.67
CA ASN L 28 -13.36 9.07 3.11
C ASN L 28 -12.42 8.22 3.97
N SER L 29 -11.57 8.88 4.76
CA SER L 29 -10.49 8.17 5.44
C SER L 29 -11.03 7.13 6.42
N ILE L 30 -12.01 7.52 7.25
CA ILE L 30 -12.48 6.61 8.29
C ILE L 30 -13.13 5.37 7.66
N ARG L 31 -13.98 5.58 6.66
CA ARG L 31 -14.62 4.45 6.00
C ARG L 31 -13.58 3.50 5.42
N LEU L 32 -12.56 4.05 4.77
CA LEU L 32 -11.50 3.21 4.21
C LEU L 32 -10.70 2.51 5.29
N SER L 33 -10.58 3.12 6.47
CA SER L 33 -9.74 2.55 7.53
C SER L 33 -10.29 1.23 8.05
N ALA L 34 -11.60 1.02 7.93
CA ALA L 34 -12.16 -0.28 8.31
C ALA L 34 -11.65 -1.40 7.42
N GLY L 35 -11.13 -1.06 6.24
CA GLY L 35 -10.64 -2.05 5.29
C GLY L 35 -9.32 -1.67 4.68
N GLY L 36 -8.44 -1.06 5.47
CA GLY L 36 -7.13 -0.66 4.98
C GLY L 36 -6.35 0.02 6.08
N ASP L 37 -5.07 0.26 5.79
CA ASP L 37 -4.16 0.87 6.76
C ASP L 37 -4.18 2.38 6.55
N ILE L 38 -4.92 3.08 7.40
CA ILE L 38 -5.14 4.52 7.28
C ILE L 38 -4.66 5.21 8.55
N TRP L 39 -3.97 6.33 8.38
CA TRP L 39 -3.42 7.06 9.52
C TRP L 39 -4.52 7.59 10.42
N VAL L 40 -4.27 7.56 11.72
CA VAL L 40 -5.06 8.32 12.67
C VAL L 40 -4.61 9.78 12.59
N THR L 41 -5.57 10.69 12.42
CA THR L 41 -5.24 12.08 12.15
C THR L 41 -6.20 13.00 12.92
N ARG L 42 -5.77 14.25 13.03
CA ARG L 42 -6.65 15.35 13.43
C ARG L 42 -6.00 16.65 12.98
N GLU L 43 -6.76 17.73 13.07
CA GLU L 43 -6.30 19.05 12.67
C GLU L 43 -5.86 19.03 11.20
N PRO L 44 -6.69 18.52 10.31
CA PRO L 44 -6.34 18.53 8.89
C PRO L 44 -6.43 19.94 8.32
N TYR L 45 -5.73 20.14 7.21
CA TYR L 45 -5.94 21.35 6.43
C TYR L 45 -5.50 21.08 4.99
N VAL L 46 -5.79 22.04 4.13
CA VAL L 46 -5.54 21.93 2.70
C VAL L 46 -4.70 23.13 2.27
N SER L 47 -3.66 22.85 1.49
CA SER L 47 -2.86 23.91 0.90
C SER L 47 -2.42 23.44 -0.48
N CYS L 48 -2.29 24.40 -1.40
CA CYS L 48 -2.05 24.09 -2.79
C CYS L 48 -0.79 24.79 -3.27
N ASP L 49 0.07 24.04 -3.94
CA ASP L 49 1.14 24.63 -4.73
C ASP L 49 0.50 25.15 -6.01
N PRO L 50 1.24 25.80 -6.90
CA PRO L 50 0.61 26.40 -8.09
C PRO L 50 -0.15 25.41 -8.95
N ASP L 51 0.21 24.12 -8.92
CA ASP L 51 -0.37 23.13 -9.83
C ASP L 51 -1.50 22.32 -9.22
N LYS L 52 -1.41 21.97 -7.94
CA LYS L 52 -2.37 21.03 -7.36
C LYS L 52 -2.41 21.21 -5.86
N CYS L 53 -3.51 20.73 -5.26
CA CYS L 53 -3.77 20.92 -3.84
C CYS L 53 -3.30 19.72 -3.03
N TYR L 54 -2.86 19.99 -1.81
CA TYR L 54 -2.39 18.96 -0.88
C TYR L 54 -3.24 19.00 0.38
N GLN L 55 -3.54 17.82 0.90
CA GLN L 55 -4.20 17.68 2.20
C GLN L 55 -3.13 17.40 3.25
N PHE L 56 -3.15 18.17 4.33
CA PHE L 56 -2.27 17.97 5.45
C PHE L 56 -3.09 17.49 6.65
N ALA L 57 -2.39 16.90 7.62
CA ALA L 57 -3.03 16.47 8.85
C ALA L 57 -1.93 16.11 9.85
N LEU L 58 -2.29 16.21 11.13
CA LEU L 58 -1.38 15.86 12.22
C LEU L 58 -1.65 14.41 12.60
N GLY L 59 -0.80 13.51 12.12
CA GLY L 59 -0.93 12.11 12.50
C GLY L 59 -0.73 11.91 13.99
N GLN L 60 -1.18 10.76 14.46
CA GLN L 60 -0.93 10.33 15.83
C GLN L 60 0.10 9.21 15.90
N GLY L 61 0.89 9.04 14.84
CA GLY L 61 1.93 8.01 14.79
C GLY L 61 1.39 6.60 14.79
N THR L 62 0.25 6.38 14.15
CA THR L 62 -0.38 5.06 14.14
C THR L 62 -1.47 5.05 13.09
N THR L 63 -1.84 3.86 12.64
CA THR L 63 -3.02 3.69 11.81
C THR L 63 -4.23 3.40 12.69
N ILE L 64 -5.42 3.46 12.09
CA ILE L 64 -6.63 3.29 12.87
C ILE L 64 -6.78 1.84 13.34
N ASN L 65 -6.52 0.89 12.45
CA ASN L 65 -6.55 -0.54 12.81
C ASN L 65 -5.17 -0.91 13.34
N ASN L 66 -4.94 -0.54 14.59
CA ASN L 66 -3.61 -0.59 15.20
C ASN L 66 -3.75 -0.44 16.70
N VAL L 67 -3.10 -1.30 17.47
CA VAL L 67 -3.22 -1.22 18.92
C VAL L 67 -2.81 0.15 19.43
N HIS L 68 -1.99 0.88 18.68
CA HIS L 68 -1.56 2.20 19.08
C HIS L 68 -2.61 3.29 18.83
N SER L 69 -3.65 3.01 18.04
CA SER L 69 -4.72 3.98 17.86
C SER L 69 -5.51 4.19 19.14
N ASN L 70 -5.41 3.26 20.08
CA ASN L 70 -6.01 3.42 21.39
C ASN L 70 -5.48 4.69 22.05
N ASN L 71 -6.37 5.47 22.66
CA ASN L 71 -6.01 6.69 23.37
C ASN L 71 -5.25 7.66 22.44
N THR L 72 -5.91 7.98 21.33
CA THR L 72 -5.41 8.98 20.40
C THR L 72 -6.12 10.33 20.57
N ALA L 73 -6.88 10.51 21.65
CA ALA L 73 -7.47 11.81 21.92
C ALA L 73 -6.39 12.82 22.32
N ARG L 74 -5.34 12.36 22.99
CA ARG L 74 -4.26 13.23 23.41
C ARG L 74 -3.69 13.98 22.21
N ASP L 75 -3.73 15.31 22.28
CA ASP L 75 -3.43 16.15 21.12
C ASP L 75 -1.95 16.46 20.97
N ARG L 76 -1.11 16.16 21.95
CA ARG L 76 0.32 16.43 21.87
C ARG L 76 1.09 15.20 22.35
N THR L 77 1.71 14.51 21.40
CA THR L 77 2.65 13.43 21.65
C THR L 77 3.86 13.65 20.75
N PRO L 78 5.02 13.10 21.12
CA PRO L 78 6.19 13.23 20.24
C PRO L 78 6.09 12.41 18.97
N HIS L 79 5.08 11.56 18.84
CA HIS L 79 4.89 10.76 17.63
C HIS L 79 3.97 11.42 16.63
N ARG L 80 3.39 12.57 16.95
CA ARG L 80 2.57 13.29 15.99
C ARG L 80 3.46 13.89 14.91
N THR L 81 3.08 13.71 13.66
CA THR L 81 3.84 14.22 12.53
C THR L 81 2.89 14.87 11.54
N LEU L 82 3.40 15.82 10.78
CA LEU L 82 2.62 16.46 9.74
C LEU L 82 2.54 15.54 8.54
N LEU L 83 1.35 14.99 8.30
CA LEU L 83 1.15 14.18 7.11
C LEU L 83 0.88 15.09 5.92
N MET L 84 1.34 14.68 4.75
CA MET L 84 1.15 15.45 3.52
C MET L 84 0.89 14.49 2.38
N ASN L 85 -0.26 14.64 1.75
CA ASN L 85 -0.63 13.88 0.56
C ASN L 85 -1.20 14.85 -0.47
N GLU L 86 -1.24 14.40 -1.71
CA GLU L 86 -2.06 15.09 -2.70
C GLU L 86 -3.50 15.05 -2.23
N LEU L 87 -4.21 16.15 -2.43
CA LEU L 87 -5.61 16.20 -2.00
C LEU L 87 -6.40 15.11 -2.71
N GLY L 88 -7.12 14.32 -1.92
CA GLY L 88 -7.88 13.20 -2.42
C GLY L 88 -7.19 11.86 -2.27
N VAL L 89 -5.90 11.84 -1.93
CA VAL L 89 -5.19 10.60 -1.63
C VAL L 89 -5.33 10.36 -0.13
N PRO L 90 -5.98 9.28 0.30
CA PRO L 90 -6.16 9.06 1.75
C PRO L 90 -4.81 8.83 2.41
N PHE L 91 -4.75 9.15 3.70
CA PHE L 91 -3.49 9.04 4.44
C PHE L 91 -3.20 7.56 4.65
N HIS L 92 -2.71 6.92 3.58
CA HIS L 92 -2.35 5.51 3.62
C HIS L 92 -0.93 5.38 4.18
N LEU L 93 -0.38 4.17 4.16
CA LEU L 93 0.89 3.92 4.82
C LEU L 93 2.06 4.57 4.08
N GLY L 94 1.92 4.81 2.78
CA GLY L 94 2.93 5.52 2.03
C GLY L 94 2.91 7.01 2.19
N THR L 95 2.05 7.54 3.05
CA THR L 95 1.97 8.97 3.25
C THR L 95 3.29 9.49 3.80
N LYS L 96 3.77 10.59 3.23
CA LYS L 96 5.00 11.21 3.69
C LYS L 96 4.74 12.01 4.95
N GLN L 97 5.47 11.71 6.02
CA GLN L 97 5.50 12.54 7.22
C GLN L 97 6.54 13.61 6.98
N VAL L 98 6.10 14.87 6.83
N VAL L 98 6.10 14.87 6.85
CA VAL L 98 7.02 15.92 6.41
CA VAL L 98 6.99 15.93 6.42
C VAL L 98 7.77 16.56 7.58
C VAL L 98 7.78 16.54 7.58
N CYS L 99 7.34 16.33 8.82
CA CYS L 99 8.04 16.86 9.98
C CYS L 99 7.38 16.32 11.23
N ILE L 100 8.08 16.48 12.36
CA ILE L 100 7.52 16.15 13.66
C ILE L 100 6.72 17.35 14.14
N ALA L 101 5.44 17.14 14.43
CA ALA L 101 4.59 18.26 14.82
C ALA L 101 3.31 17.74 15.48
N TRP L 102 2.92 18.41 16.57
CA TRP L 102 1.55 18.34 17.06
C TRP L 102 0.81 19.65 16.83
N SER L 103 1.42 20.60 16.12
CA SER L 103 0.76 21.79 15.61
C SER L 103 1.57 22.29 14.43
N SER L 104 0.89 22.71 13.36
CA SER L 104 1.62 23.01 12.14
C SER L 104 0.83 23.94 11.23
N SER L 105 1.56 24.53 10.28
CA SER L 105 0.98 25.25 9.15
C SER L 105 1.93 25.10 7.97
N SER L 106 1.38 25.27 6.76
CA SER L 106 2.19 25.18 5.55
C SER L 106 1.60 26.07 4.47
N CYS L 107 2.46 26.81 3.75
CA CYS L 107 2.10 27.35 2.44
C CYS L 107 3.22 27.05 1.46
N HIS L 108 2.87 27.16 0.20
CA HIS L 108 3.81 27.16 -0.91
C HIS L 108 3.95 28.60 -1.38
N ASP L 109 5.18 29.11 -1.42
CA ASP L 109 5.40 30.48 -1.81
C ASP L 109 5.49 30.65 -3.32
N GLY L 110 5.18 29.61 -4.09
CA GLY L 110 5.36 29.59 -5.52
C GLY L 110 6.60 28.85 -5.97
N LYS L 111 7.60 28.71 -5.10
CA LYS L 111 8.81 27.95 -5.40
C LYS L 111 8.92 26.67 -4.60
N ALA L 112 8.59 26.68 -3.30
CA ALA L 112 8.80 25.53 -2.45
C ALA L 112 7.82 25.56 -1.30
N TRP L 113 7.76 24.44 -0.58
CA TRP L 113 6.86 24.29 0.56
C TRP L 113 7.53 24.77 1.83
N LEU L 114 6.86 25.67 2.53
CA LEU L 114 7.21 26.02 3.91
C LEU L 114 6.33 25.19 4.83
N HIS L 115 6.96 24.50 5.77
CA HIS L 115 6.26 23.79 6.83
C HIS L 115 6.74 24.35 8.16
N VAL L 116 5.80 24.85 8.95
CA VAL L 116 6.05 25.29 10.31
C VAL L 116 5.55 24.19 11.23
N CYS L 117 6.46 23.58 11.99
CA CYS L 117 6.18 22.35 12.72
C CYS L 117 6.56 22.55 14.18
N ILE L 118 5.58 22.42 15.07
CA ILE L 118 5.77 22.60 16.50
C ILE L 118 5.69 21.23 17.16
N THR L 119 6.72 20.89 17.93
CA THR L 119 6.72 19.67 18.72
C THR L 119 7.50 19.93 20.00
N GLY L 120 7.71 18.87 20.79
CA GLY L 120 8.46 18.99 22.02
C GLY L 120 7.56 19.14 23.23
N ASP L 121 8.20 19.49 24.35
CA ASP L 121 7.49 19.58 25.62
C ASP L 121 6.43 20.68 25.57
N ASP L 122 5.36 20.46 26.32
CA ASP L 122 4.23 21.39 26.35
C ASP L 122 4.69 22.80 26.67
N LYS L 123 5.44 22.96 27.76
CA LYS L 123 5.84 24.27 28.24
C LYS L 123 7.17 24.71 27.62
N ASN L 124 7.76 23.90 26.77
CA ASN L 124 9.01 24.26 26.13
C ASN L 124 9.07 23.82 24.67
N ALA L 125 8.00 24.07 23.92
CA ALA L 125 7.91 23.54 22.56
C ALA L 125 8.94 24.21 21.66
N THR L 126 9.14 23.60 20.49
CA THR L 126 10.02 24.12 19.45
C THR L 126 9.25 24.18 18.15
N ALA L 127 9.32 25.31 17.46
CA ALA L 127 8.75 25.47 16.13
C ALA L 127 9.88 25.37 15.12
N SER L 128 9.86 24.32 14.31
CA SER L 128 10.84 24.13 13.24
C SER L 128 10.25 24.63 11.93
N PHE L 129 11.07 25.33 11.16
CA PHE L 129 10.65 25.92 9.90
C PHE L 129 11.41 25.21 8.79
N ILE L 130 10.71 24.32 8.08
CA ILE L 130 11.29 23.51 7.02
C ILE L 130 10.84 24.10 5.70
N TYR L 131 11.81 24.57 4.92
CA TYR L 131 11.55 25.19 3.62
C TYR L 131 12.31 24.45 2.54
N ASN L 132 11.60 24.06 1.48
CA ASN L 132 12.20 23.33 0.37
C ASN L 132 12.94 22.09 0.86
N GLY L 133 12.32 21.39 1.82
CA GLY L 133 12.82 20.10 2.25
C GLY L 133 13.97 20.13 3.23
N ARG L 134 14.26 21.26 3.85
CA ARG L 134 15.34 21.34 4.83
C ARG L 134 14.96 22.30 5.95
N LEU L 135 15.44 21.98 7.15
CA LEU L 135 15.21 22.85 8.30
C LEU L 135 16.05 24.12 8.16
N VAL L 136 15.39 25.26 8.04
CA VAL L 136 16.06 26.53 7.85
C VAL L 136 16.11 27.35 9.14
N ASP L 137 15.14 27.20 10.02
CA ASP L 137 15.06 28.05 11.21
C ASP L 137 14.26 27.32 12.28
N SER L 138 14.38 27.81 13.51
CA SER L 138 13.56 27.31 14.61
C SER L 138 13.45 28.40 15.66
N VAL L 139 12.34 28.38 16.39
CA VAL L 139 12.12 29.30 17.49
C VAL L 139 11.53 28.54 18.65
N VAL L 140 11.96 28.88 19.85
CA VAL L 140 11.49 28.23 21.07
C VAL L 140 10.23 28.93 21.54
N SER L 141 9.38 28.17 22.23
CA SER L 141 8.22 28.75 22.91
C SER L 141 8.63 29.99 23.70
N TRP L 142 7.93 31.10 23.46
CA TRP L 142 8.25 32.34 24.17
C TRP L 142 7.47 32.50 25.47
N SER L 143 6.27 31.92 25.56
CA SER L 143 5.47 31.98 26.78
C SER L 143 5.48 30.69 27.56
N LYS L 144 6.13 29.64 27.06
CA LYS L 144 6.28 28.39 27.78
C LYS L 144 4.92 27.79 28.16
N ASP L 145 3.93 27.95 27.28
CA ASP L 145 2.63 27.30 27.50
C ASP L 145 2.03 26.96 26.13
N ILE L 146 2.36 25.77 25.65
CA ILE L 146 1.80 25.24 24.41
CA ILE L 146 1.82 25.22 24.40
C ILE L 146 1.95 26.23 23.26
N LEU L 147 3.17 26.43 22.78
CA LEU L 147 3.34 27.14 21.52
C LEU L 147 2.52 26.43 20.45
N ARG L 148 1.72 27.19 19.71
CA ARG L 148 0.82 26.59 18.74
C ARG L 148 0.57 27.54 17.59
N THR L 149 0.22 26.97 16.44
CA THR L 149 0.06 27.72 15.20
C THR L 149 -1.28 27.42 14.55
N GLN L 150 -1.44 27.82 13.28
CA GLN L 150 -2.76 27.96 12.68
C GLN L 150 -3.51 26.65 12.57
N GLU L 151 -2.81 25.55 12.29
CA GLU L 151 -3.43 24.31 11.83
C GLU L 151 -4.12 24.48 10.48
N SER L 152 -3.74 25.51 9.72
CA SER L 152 -4.17 25.66 8.34
C SER L 152 -3.03 26.30 7.57
N GLU L 153 -3.22 26.45 6.26
CA GLU L 153 -2.14 26.93 5.42
C GLU L 153 -1.74 28.34 5.85
N CYS L 154 -0.44 28.59 5.87
CA CYS L 154 0.04 29.96 5.97
C CYS L 154 -0.24 30.67 4.66
N VAL L 155 0.08 31.97 4.61
CA VAL L 155 -0.07 32.76 3.40
C VAL L 155 1.29 33.32 3.04
N CYS L 156 1.68 33.12 1.78
CA CYS L 156 3.04 33.35 1.31
C CYS L 156 2.97 34.29 0.11
N ILE L 157 3.32 35.56 0.32
CA ILE L 157 3.25 36.59 -0.73
C ILE L 157 4.65 37.08 -1.04
N ASN L 158 4.99 37.09 -2.34
CA ASN L 158 6.29 37.59 -2.82
C ASN L 158 7.44 36.96 -2.05
N GLY L 159 7.31 35.67 -1.74
CA GLY L 159 8.32 34.96 -1.02
C GLY L 159 8.37 35.23 0.47
N THR L 160 7.50 36.11 0.97
CA THR L 160 7.40 36.40 2.40
C THR L 160 6.20 35.64 2.94
N CYS L 161 6.46 34.64 3.79
CA CYS L 161 5.41 33.85 4.40
C CYS L 161 5.09 34.36 5.79
N THR L 162 3.81 34.46 6.09
CA THR L 162 3.33 34.89 7.39
C THR L 162 2.58 33.74 8.05
N VAL L 163 2.90 33.47 9.30
CA VAL L 163 2.21 32.46 10.09
C VAL L 163 1.89 33.06 11.45
N VAL L 164 0.66 32.86 11.91
CA VAL L 164 0.24 33.33 13.22
C VAL L 164 0.53 32.22 14.23
N MET L 165 1.27 32.55 15.28
CA MET L 165 1.64 31.60 16.30
C MET L 165 1.29 32.15 17.67
N THR L 166 0.75 31.30 18.53
CA THR L 166 0.26 31.69 19.83
C THR L 166 0.93 30.87 20.91
N ASP L 167 1.20 31.50 22.04
CA ASP L 167 1.80 30.84 23.19
C ASP L 167 1.23 31.48 24.44
N GLY L 168 0.74 30.66 25.36
CA GLY L 168 0.18 31.17 26.60
C GLY L 168 -1.14 30.48 26.91
N ASN L 169 -1.95 31.18 27.70
CA ASN L 169 -3.16 30.59 28.26
C ASN L 169 -4.08 30.06 27.18
N ALA L 170 -4.57 28.84 27.38
CA ALA L 170 -5.52 28.26 26.44
C ALA L 170 -6.82 29.04 26.42
N THR L 171 -7.28 29.50 27.59
CA THR L 171 -8.54 30.22 27.71
C THR L 171 -8.36 31.50 28.50
N GLY L 172 -7.21 32.15 28.36
CA GLY L 172 -6.95 33.44 28.97
C GLY L 172 -6.08 34.27 28.06
N LYS L 173 -5.51 35.36 28.57
CA LYS L 173 -4.63 36.17 27.75
C LYS L 173 -3.41 35.33 27.32
N ALA L 174 -3.08 35.40 26.03
CA ALA L 174 -1.96 34.67 25.46
C ALA L 174 -1.10 35.63 24.65
N ASP L 175 0.07 35.15 24.26
CA ASP L 175 1.05 35.95 23.52
C ASP L 175 1.07 35.44 22.08
N THR L 176 0.39 36.17 21.20
CA THR L 176 0.33 35.83 19.79
C THR L 176 1.31 36.68 19.01
N LYS L 177 2.05 36.04 18.11
CA LYS L 177 3.00 36.73 17.26
C LYS L 177 2.76 36.31 15.81
N ILE L 178 3.09 37.23 14.90
CA ILE L 178 2.96 36.99 13.47
C ILE L 178 4.38 36.94 12.92
N LEU L 179 4.83 35.74 12.56
CA LEU L 179 6.17 35.56 12.04
C LEU L 179 6.17 35.77 10.53
N PHE L 180 7.21 36.41 10.03
CA PHE L 180 7.40 36.63 8.60
C PHE L 180 8.62 35.82 8.18
N ILE L 181 8.40 34.83 7.34
CA ILE L 181 9.42 33.84 6.97
C ILE L 181 9.72 33.99 5.48
N GLU L 182 11.01 34.04 5.16
CA GLU L 182 11.47 34.09 3.78
C GLU L 182 12.36 32.88 3.55
N GLU L 183 11.93 31.99 2.66
CA GLU L 183 12.64 30.75 2.38
C GLU L 183 13.02 30.01 3.66
N GLY L 184 12.08 29.97 4.62
CA GLY L 184 12.28 29.25 5.86
C GLY L 184 12.94 30.05 6.96
N LYS L 185 13.51 31.21 6.65
CA LYS L 185 14.20 32.03 7.64
C LYS L 185 13.24 33.06 8.22
N ILE L 186 13.18 33.11 9.55
CA ILE L 186 12.37 34.12 10.24
C ILE L 186 13.09 35.46 10.10
N VAL L 187 12.57 36.33 9.24
CA VAL L 187 13.18 37.64 9.05
C VAL L 187 12.56 38.72 9.93
N HIS L 188 11.35 38.50 10.43
CA HIS L 188 10.70 39.48 11.30
C HIS L 188 9.63 38.79 12.13
N THR L 189 9.45 39.27 13.35
CA THR L 189 8.40 38.81 14.25
C THR L 189 7.62 40.02 14.74
N SER L 190 6.31 39.99 14.55
CA SER L 190 5.42 41.06 15.00
C SER L 190 4.50 40.53 16.09
N LYS L 191 4.41 41.27 17.19
CA LYS L 191 3.44 40.94 18.22
C LYS L 191 2.03 41.26 17.74
N LEU L 192 1.07 40.47 18.20
CA LEU L 192 -0.32 40.75 17.87
C LEU L 192 -0.68 42.15 18.35
N SER L 193 -1.30 42.93 17.47
CA SER L 193 -1.69 44.29 17.77
C SER L 193 -3.16 44.48 17.38
N GLY L 194 -3.81 45.44 18.04
CA GLY L 194 -5.20 45.71 17.78
C GLY L 194 -6.10 45.35 18.94
N SER L 195 -7.34 44.98 18.64
CA SER L 195 -8.35 44.74 19.67
C SER L 195 -8.68 43.26 19.86
N ALA L 196 -8.17 42.36 19.02
CA ALA L 196 -8.39 40.94 19.24
C ALA L 196 -7.72 40.51 20.54
N GLN L 197 -8.51 39.96 21.46
CA GLN L 197 -8.02 39.65 22.79
C GLN L 197 -7.52 38.21 22.95
N HIS L 198 -7.99 37.29 22.11
CA HIS L 198 -7.42 35.94 22.07
C HIS L 198 -7.46 35.45 20.64
N VAL L 199 -6.31 35.00 20.15
CA VAL L 199 -6.14 34.59 18.76
C VAL L 199 -5.48 33.22 18.74
N GLU L 200 -6.18 32.25 18.16
CA GLU L 200 -5.66 30.89 18.00
C GLU L 200 -6.13 30.34 16.66
N GLU L 201 -5.37 29.38 16.15
CA GLU L 201 -5.78 28.57 14.99
C GLU L 201 -6.35 29.45 13.89
N CYS L 202 -5.56 30.45 13.50
CA CYS L 202 -6.01 31.39 12.48
C CYS L 202 -6.21 30.72 11.14
N SER L 203 -7.28 31.09 10.45
CA SER L 203 -7.53 30.70 9.07
C SER L 203 -7.21 31.93 8.22
N CYS L 204 -6.06 31.91 7.55
CA CYS L 204 -5.54 33.06 6.84
C CYS L 204 -5.67 32.85 5.33
N TYR L 205 -5.88 33.95 4.62
CA TYR L 205 -5.94 33.94 3.18
C TYR L 205 -5.25 35.19 2.63
N PRO L 206 -4.66 35.11 1.44
CA PRO L 206 -4.06 36.30 0.83
C PRO L 206 -5.13 37.31 0.42
N ARG L 207 -4.95 38.54 0.88
CA ARG L 207 -5.79 39.67 0.50
C ARG L 207 -4.82 40.76 0.06
N TYR L 208 -4.44 40.72 -1.21
CA TYR L 208 -3.32 41.55 -1.68
C TYR L 208 -3.63 43.02 -1.43
N PRO L 209 -2.69 43.80 -0.91
CA PRO L 209 -1.26 43.50 -0.68
C PRO L 209 -0.96 42.83 0.66
N GLY L 210 -1.96 42.54 1.48
CA GLY L 210 -1.75 42.00 2.80
C GLY L 210 -2.25 40.58 2.95
N VAL L 211 -2.37 40.16 4.20
CA VAL L 211 -2.92 38.85 4.56
C VAL L 211 -3.97 39.06 5.63
N ARG L 212 -5.10 38.37 5.50
CA ARG L 212 -6.20 38.47 6.45
C ARG L 212 -6.42 37.11 7.10
N CYS L 213 -6.50 37.11 8.42
CA CYS L 213 -6.71 35.90 9.19
C CYS L 213 -8.01 36.02 9.98
N VAL L 214 -8.82 34.98 9.93
CA VAL L 214 -9.99 34.82 10.79
C VAL L 214 -9.67 33.67 11.73
N CYS L 215 -9.73 33.93 13.03
CA CYS L 215 -9.16 33.02 13.99
C CYS L 215 -10.16 32.57 15.06
N ARG L 216 -9.65 31.93 16.09
CA ARG L 216 -10.45 31.36 17.16
C ARG L 216 -10.16 32.11 18.45
N ASP L 217 -11.20 32.69 19.05
CA ASP L 217 -11.10 33.28 20.37
C ASP L 217 -11.63 32.23 21.35
N ASN L 218 -10.71 31.62 22.09
CA ASN L 218 -11.02 30.54 23.01
C ASN L 218 -11.38 31.04 24.40
N TRP L 219 -11.42 32.36 24.60
CA TRP L 219 -11.46 32.94 25.93
C TRP L 219 -12.75 33.70 26.21
N LYS L 220 -13.08 34.69 25.38
CA LYS L 220 -14.22 35.55 25.65
C LYS L 220 -15.15 35.78 24.47
N GLY L 221 -14.79 35.42 23.25
CA GLY L 221 -15.63 35.72 22.12
C GLY L 221 -16.13 34.50 21.38
N SER L 222 -17.44 34.46 21.11
CA SER L 222 -17.98 33.57 20.10
C SER L 222 -17.98 34.20 18.72
N ASN L 223 -17.70 35.49 18.63
CA ASN L 223 -17.33 36.11 17.37
C ASN L 223 -15.85 35.88 17.09
N ARG L 224 -15.53 35.73 15.83
CA ARG L 224 -14.16 35.35 15.51
C ARG L 224 -13.26 36.58 15.40
N PRO L 225 -12.08 36.57 16.00
CA PRO L 225 -11.14 37.68 15.81
C PRO L 225 -10.64 37.73 14.38
N ILE L 226 -10.36 38.94 13.92
CA ILE L 226 -9.72 39.18 12.63
C ILE L 226 -8.32 39.71 12.90
N VAL L 227 -7.35 39.23 12.13
CA VAL L 227 -5.99 39.76 12.15
C VAL L 227 -5.62 40.12 10.71
N ASP L 228 -5.36 41.39 10.47
CA ASP L 228 -4.87 41.87 9.18
C ASP L 228 -3.37 42.08 9.29
N ILE L 229 -2.63 41.52 8.33
CA ILE L 229 -1.16 41.52 8.37
C ILE L 229 -0.67 42.27 7.15
N ASN L 230 0.07 43.35 7.39
CA ASN L 230 0.75 44.09 6.33
C ASN L 230 2.11 43.44 6.10
N ILE L 231 2.23 42.68 5.01
CA ILE L 231 3.46 41.94 4.76
C ILE L 231 4.62 42.86 4.41
N LYS L 232 4.35 44.10 4.00
CA LYS L 232 5.42 45.01 3.61
C LYS L 232 6.11 45.60 4.83
N ASP L 233 5.37 46.32 5.67
CA ASP L 233 5.92 46.94 6.87
C ASP L 233 5.71 46.11 8.13
N HIS L 234 5.16 44.91 8.01
CA HIS L 234 4.96 43.97 9.13
C HIS L 234 4.00 44.49 10.19
N SER L 235 3.24 45.54 9.90
CA SER L 235 2.28 46.04 10.87
C SER L 235 1.14 45.05 11.04
N ILE L 236 0.56 45.05 12.24
CA ILE L 236 -0.55 44.17 12.58
C ILE L 236 -1.69 45.00 13.12
N VAL L 237 -2.90 44.69 12.67
CA VAL L 237 -4.13 45.22 13.26
C VAL L 237 -5.08 44.04 13.43
N SER L 238 -5.90 44.11 14.47
CA SER L 238 -6.79 43.01 14.78
C SER L 238 -8.15 43.56 15.23
N SER L 239 -9.17 42.75 15.03
CA SER L 239 -10.55 43.11 15.32
C SER L 239 -11.35 41.81 15.39
N TYR L 240 -12.68 41.92 15.34
CA TYR L 240 -13.56 40.76 15.30
C TYR L 240 -14.48 40.87 14.10
N VAL L 241 -14.95 39.72 13.63
CA VAL L 241 -15.93 39.72 12.55
C VAL L 241 -17.19 40.41 13.03
N CYS L 242 -17.65 41.42 12.29
CA CYS L 242 -18.81 42.20 12.72
C CYS L 242 -20.06 41.31 12.82
N SER L 243 -20.22 40.38 11.89
CA SER L 243 -21.45 39.63 11.69
C SER L 243 -22.15 39.28 13.00
N GLY L 244 -23.42 39.67 13.12
CA GLY L 244 -24.24 39.21 14.23
C GLY L 244 -24.43 37.71 14.25
N LEU L 245 -24.23 37.05 13.11
CA LEU L 245 -24.22 35.59 13.06
C LEU L 245 -22.77 35.16 13.27
N VAL L 246 -22.43 34.90 14.52
CA VAL L 246 -21.05 34.58 14.88
C VAL L 246 -20.73 33.16 14.46
N GLY L 247 -19.44 32.89 14.24
CA GLY L 247 -19.02 31.64 13.63
C GLY L 247 -18.41 30.63 14.58
N ASP L 248 -18.19 31.00 15.83
CA ASP L 248 -17.55 30.09 16.76
C ASP L 248 -18.53 29.06 17.31
N THR L 249 -17.97 27.99 17.87
CA THR L 249 -18.74 26.99 18.60
C THR L 249 -17.95 26.70 19.87
N PRO L 250 -18.51 26.92 21.07
CA PRO L 250 -19.91 27.28 21.36
C PRO L 250 -20.28 28.72 21.02
N ARG L 251 -21.57 28.98 20.89
CA ARG L 251 -22.11 30.31 20.64
C ARG L 251 -23.56 30.31 21.07
N LYS L 252 -24.13 31.50 21.22
CA LYS L 252 -25.55 31.60 21.49
C LYS L 252 -26.35 31.40 20.21
N THR L 253 -27.63 31.11 20.37
CA THR L 253 -28.50 30.95 19.22
C THR L 253 -28.53 32.22 18.39
N ASP L 254 -28.92 32.07 17.12
CA ASP L 254 -28.92 33.21 16.20
C ASP L 254 -29.79 34.35 16.75
N SER L 255 -30.94 34.03 17.34
CA SER L 255 -31.83 35.06 17.84
C SER L 255 -31.18 35.87 18.95
N SER L 256 -30.49 35.19 19.86
CA SER L 256 -29.93 35.84 21.05
C SER L 256 -28.46 36.20 20.91
N SER L 257 -27.82 35.89 19.79
CA SER L 257 -26.41 36.15 19.64
C SER L 257 -26.17 37.60 19.23
N SER L 258 -25.05 38.15 19.69
CA SER L 258 -24.63 39.50 19.34
C SER L 258 -23.13 39.48 19.08
N SER L 259 -22.68 40.42 18.27
CA SER L 259 -21.28 40.50 17.90
C SER L 259 -20.78 41.93 18.06
N HIS L 260 -19.45 42.05 18.07
CA HIS L 260 -18.79 43.34 18.20
C HIS L 260 -17.44 43.24 17.51
N CYS L 261 -17.30 43.94 16.40
CA CYS L 261 -16.06 43.84 15.61
C CYS L 261 -14.96 44.76 16.09
N LEU L 262 -14.95 45.11 17.38
CA LEU L 262 -13.72 45.48 18.07
C LEU L 262 -13.42 44.58 19.26
N ASN L 263 -14.44 44.05 19.93
CA ASN L 263 -14.26 43.31 21.18
C ASN L 263 -14.93 41.94 21.11
N PRO L 264 -14.48 40.97 21.89
CA PRO L 264 -15.22 39.71 21.98
C PRO L 264 -16.61 39.96 22.56
N ASN L 265 -17.58 39.20 22.06
CA ASN L 265 -18.97 39.43 22.44
C ASN L 265 -19.32 38.92 23.83
N ASN L 266 -18.42 38.16 24.47
CA ASN L 266 -18.66 37.64 25.82
C ASN L 266 -19.94 36.81 25.87
N GLU L 267 -20.21 36.07 24.79
CA GLU L 267 -21.37 35.20 24.67
C GLU L 267 -20.87 33.78 24.46
N LYS L 268 -20.93 32.97 25.52
CA LYS L 268 -20.38 31.62 25.48
C LYS L 268 -18.96 31.64 24.90
N GLY L 269 -18.20 32.66 25.32
CA GLY L 269 -16.91 32.92 24.69
C GLY L 269 -15.88 31.83 24.92
N GLY L 270 -15.92 31.20 26.09
CA GLY L 270 -14.93 30.18 26.39
C GLY L 270 -14.95 29.06 25.36
N HIS L 271 -13.78 28.43 25.19
CA HIS L 271 -13.64 27.37 24.21
C HIS L 271 -13.94 27.92 22.82
N GLY L 272 -13.88 27.06 21.80
CA GLY L 272 -14.16 27.47 20.45
C GLY L 272 -13.86 26.34 19.49
N VAL L 273 -13.81 26.70 18.21
CA VAL L 273 -13.43 25.75 17.17
C VAL L 273 -12.74 26.54 16.07
N LYS L 274 -11.77 25.90 15.41
CA LYS L 274 -11.11 26.54 14.28
C LYS L 274 -12.12 26.70 13.16
N GLY L 275 -12.38 27.94 12.77
CA GLY L 275 -13.27 28.22 11.66
C GLY L 275 -12.67 29.23 10.72
N TRP L 276 -13.49 29.76 9.82
CA TRP L 276 -12.99 30.68 8.81
C TRP L 276 -14.09 31.64 8.40
N ALA L 277 -13.68 32.80 7.93
CA ALA L 277 -14.57 33.74 7.26
C ALA L 277 -13.71 34.59 6.34
N PHE L 278 -14.35 35.18 5.33
CA PHE L 278 -13.66 36.12 4.47
C PHE L 278 -14.65 37.14 3.94
N ASP L 279 -14.14 38.35 3.72
CA ASP L 279 -14.98 39.46 3.32
C ASP L 279 -15.27 39.40 1.83
N ASP L 280 -16.48 39.84 1.47
CA ASP L 280 -16.90 40.06 0.08
C ASP L 280 -17.53 41.44 0.09
N GLY L 281 -16.71 42.47 -0.14
CA GLY L 281 -17.18 43.82 0.11
C GLY L 281 -17.51 43.98 1.57
N ASN L 282 -18.72 44.48 1.85
CA ASN L 282 -19.19 44.61 3.22
C ASN L 282 -19.82 43.31 3.74
N ASP L 283 -20.06 42.33 2.87
CA ASP L 283 -20.58 41.06 3.30
C ASP L 283 -19.45 40.15 3.77
N VAL L 284 -19.82 39.08 4.47
CA VAL L 284 -18.88 38.09 4.95
C VAL L 284 -19.39 36.71 4.56
N TRP L 285 -18.52 35.93 3.93
CA TRP L 285 -18.73 34.50 3.77
C TRP L 285 -18.08 33.80 4.95
N MET L 286 -18.83 32.92 5.61
CA MET L 286 -18.32 32.22 6.77
C MET L 286 -18.94 30.83 6.84
N GLY L 287 -18.22 29.93 7.48
CA GLY L 287 -18.76 28.63 7.80
C GLY L 287 -18.80 28.45 9.30
N ARG L 288 -19.60 27.50 9.78
CA ARG L 288 -19.71 27.25 11.21
C ARG L 288 -20.49 25.97 11.41
N THR L 289 -20.26 25.34 12.56
CA THR L 289 -21.07 24.18 12.91
C THR L 289 -22.53 24.60 12.99
N ILE L 290 -23.42 23.74 12.48
CA ILE L 290 -24.84 24.02 12.60
C ILE L 290 -25.25 24.03 14.06
N ASN L 291 -24.73 23.08 14.83
CA ASN L 291 -25.01 23.02 16.26
C ASN L 291 -24.28 24.14 16.99
N GLU L 292 -25.00 24.86 17.85
CA GLU L 292 -24.43 26.04 18.49
C GLU L 292 -23.47 25.72 19.63
N THR L 293 -23.57 24.53 20.23
CA THR L 293 -22.76 24.18 21.39
C THR L 293 -21.82 23.00 21.16
N SER L 294 -22.09 22.16 20.16
CA SER L 294 -21.24 21.03 19.84
C SER L 294 -20.85 21.10 18.37
N ARG L 295 -19.86 20.29 18.00
CA ARG L 295 -19.34 20.30 16.63
C ARG L 295 -20.11 19.28 15.80
N LEU L 296 -21.39 19.59 15.60
CA LEU L 296 -22.30 18.76 14.83
C LEU L 296 -22.82 19.57 13.65
N GLY L 297 -22.77 18.97 12.47
CA GLY L 297 -23.18 19.64 11.26
C GLY L 297 -22.22 20.74 10.87
N TYR L 298 -22.37 21.24 9.65
CA TYR L 298 -21.57 22.36 9.19
C TYR L 298 -22.33 23.10 8.10
N GLU L 299 -22.37 24.42 8.20
CA GLU L 299 -23.08 25.27 7.26
C GLU L 299 -22.18 26.42 6.85
N THR L 300 -22.41 26.92 5.64
CA THR L 300 -21.80 28.15 5.17
C THR L 300 -22.89 29.05 4.63
N PHE L 301 -22.65 30.36 4.77
CA PHE L 301 -23.62 31.33 4.31
C PHE L 301 -22.93 32.68 4.18
N LYS L 302 -23.59 33.58 3.47
CA LYS L 302 -23.16 34.96 3.37
C LYS L 302 -24.05 35.80 4.29
N VAL L 303 -23.43 36.64 5.10
CA VAL L 303 -24.15 37.58 5.95
C VAL L 303 -24.06 38.96 5.29
N VAL L 304 -25.20 39.46 4.81
CA VAL L 304 -25.22 40.76 4.16
C VAL L 304 -24.77 41.82 5.15
N GLU L 305 -23.76 42.60 4.77
CA GLU L 305 -23.13 43.60 5.64
C GLU L 305 -22.49 42.96 6.87
N GLY L 306 -22.30 41.64 6.86
CA GLY L 306 -21.76 40.96 8.02
C GLY L 306 -20.32 41.30 8.34
N TRP L 307 -19.61 41.95 7.42
CA TRP L 307 -18.23 42.33 7.68
C TRP L 307 -18.09 43.73 8.28
N SER L 308 -19.13 44.55 8.23
CA SER L 308 -19.05 45.93 8.70
C SER L 308 -20.12 46.34 9.69
N ASN L 309 -21.27 45.67 9.70
CA ASN L 309 -22.39 46.04 10.57
C ASN L 309 -22.57 44.99 11.65
N PRO L 310 -22.21 45.27 12.91
CA PRO L 310 -22.34 44.22 13.94
C PRO L 310 -23.76 43.78 14.20
N LYS L 311 -24.75 44.58 13.82
CA LYS L 311 -26.15 44.23 14.03
C LYS L 311 -26.72 43.38 12.91
N SER L 312 -25.91 43.03 11.91
CA SER L 312 -26.40 42.33 10.74
C SER L 312 -26.61 40.86 11.06
N LYS L 313 -27.86 40.39 10.90
CA LYS L 313 -28.18 38.98 10.96
C LYS L 313 -28.86 38.52 9.67
N LEU L 314 -28.78 39.32 8.62
CA LEU L 314 -29.36 38.97 7.33
C LEU L 314 -28.46 37.94 6.66
N GLN L 315 -28.96 36.71 6.58
CA GLN L 315 -28.22 35.58 6.04
C GLN L 315 -28.75 35.27 4.63
N ILE L 316 -27.86 34.77 3.77
CA ILE L 316 -28.25 34.36 2.43
C ILE L 316 -27.24 33.33 1.93
N ASN L 317 -27.63 32.62 0.87
CA ASN L 317 -26.75 31.64 0.22
C ASN L 317 -26.32 30.55 1.19
N ARG L 318 -27.19 30.19 2.13
CA ARG L 318 -26.85 29.13 3.06
C ARG L 318 -26.64 27.83 2.30
N GLN L 319 -25.61 27.09 2.68
CA GLN L 319 -25.40 25.73 2.22
C GLN L 319 -25.07 24.85 3.42
N VAL L 320 -25.78 23.74 3.53
CA VAL L 320 -25.40 22.70 4.48
C VAL L 320 -24.27 21.88 3.86
N ILE L 321 -23.13 21.83 4.55
CA ILE L 321 -22.03 20.98 4.13
C ILE L 321 -22.09 19.63 4.83
N VAL L 322 -22.36 19.66 6.13
CA VAL L 322 -22.51 18.47 6.95
C VAL L 322 -23.82 18.61 7.70
N ASP L 323 -24.70 17.61 7.57
CA ASP L 323 -25.99 17.68 8.23
C ASP L 323 -25.80 17.77 9.74
N ARG L 324 -26.75 18.43 10.40
CA ARG L 324 -26.62 18.74 11.82
C ARG L 324 -26.56 17.49 12.70
N GLY L 325 -26.94 16.32 12.19
CA GLY L 325 -26.75 15.10 12.93
C GLY L 325 -25.36 14.50 12.82
N ASP L 326 -24.53 15.00 11.92
CA ASP L 326 -23.22 14.44 11.62
C ASP L 326 -22.12 15.32 12.20
N ARG L 327 -21.01 14.68 12.56
CA ARG L 327 -19.95 15.36 13.30
C ARG L 327 -19.12 16.23 12.36
N SER L 328 -18.99 17.50 12.70
CA SER L 328 -18.05 18.42 12.09
C SER L 328 -16.77 18.45 12.94
N GLY L 329 -15.91 19.44 12.69
CA GLY L 329 -14.75 19.67 13.50
C GLY L 329 -14.07 20.96 13.13
N TYR L 330 -12.74 20.98 13.12
CA TYR L 330 -12.03 22.14 12.61
C TYR L 330 -12.39 22.37 11.16
N SER L 331 -12.47 23.64 10.78
CA SER L 331 -12.55 24.04 9.39
C SER L 331 -11.58 25.19 9.18
N GLY L 332 -11.15 25.35 7.94
CA GLY L 332 -10.17 26.38 7.62
C GLY L 332 -10.25 26.75 6.16
N ILE L 333 -9.73 27.90 5.87
CA ILE L 333 -9.75 28.45 4.53
C ILE L 333 -8.45 28.06 3.82
N PHE L 334 -8.52 27.96 2.51
CA PHE L 334 -7.33 27.99 1.68
C PHE L 334 -7.71 28.63 0.36
N SER L 335 -6.73 29.23 -0.31
CA SER L 335 -6.97 30.01 -1.50
C SER L 335 -6.28 29.38 -2.69
N VAL L 336 -6.95 29.45 -3.84
CA VAL L 336 -6.50 28.80 -5.06
C VAL L 336 -6.52 29.84 -6.17
N GLU L 337 -5.39 30.04 -6.83
CA GLU L 337 -5.29 31.03 -7.90
C GLU L 337 -5.92 30.48 -9.16
N GLY L 338 -6.98 31.13 -9.64
CA GLY L 338 -7.60 30.80 -10.89
C GLY L 338 -6.97 31.57 -12.04
N LYS L 339 -7.62 31.48 -13.20
CA LYS L 339 -7.10 32.15 -14.40
C LYS L 339 -7.03 33.66 -14.18
N SER L 340 -8.08 34.23 -13.60
CA SER L 340 -8.18 35.68 -13.47
C SER L 340 -8.52 36.16 -12.06
N CYS L 341 -8.64 35.25 -11.09
CA CYS L 341 -9.02 35.68 -9.75
C CYS L 341 -8.49 34.68 -8.73
N ILE L 342 -8.58 35.07 -7.47
CA ILE L 342 -8.23 34.21 -6.34
C ILE L 342 -9.53 33.62 -5.79
N ASN L 343 -9.64 32.30 -5.83
CA ASN L 343 -10.80 31.62 -5.27
C ASN L 343 -10.57 31.33 -3.80
N ARG L 344 -11.66 31.37 -3.03
CA ARG L 344 -11.65 30.94 -1.64
C ARG L 344 -12.23 29.54 -1.56
N CYS L 345 -11.52 28.66 -0.86
CA CYS L 345 -11.97 27.31 -0.60
C CYS L 345 -11.89 27.05 0.88
N PHE L 346 -12.61 26.02 1.34
CA PHE L 346 -12.54 25.65 2.74
C PHE L 346 -12.67 24.14 2.85
N TYR L 347 -12.04 23.61 3.89
CA TYR L 347 -12.17 22.22 4.27
C TYR L 347 -12.93 22.14 5.58
N VAL L 348 -13.47 20.97 5.87
CA VAL L 348 -14.09 20.69 7.16
C VAL L 348 -13.51 19.39 7.69
N GLU L 349 -13.01 19.44 8.91
CA GLU L 349 -12.59 18.23 9.60
C GLU L 349 -13.82 17.50 10.10
N LEU L 350 -13.92 16.21 9.79
CA LEU L 350 -15.06 15.39 10.15
C LEU L 350 -14.59 14.44 11.25
N ILE L 351 -14.68 14.91 12.49
CA ILE L 351 -14.11 14.18 13.62
C ILE L 351 -15.01 13.02 13.98
N ARG L 352 -14.42 11.84 14.13
CA ARG L 352 -15.13 10.65 14.59
C ARG L 352 -14.33 10.00 15.71
N GLY L 353 -15.05 9.29 16.57
CA GLY L 353 -14.43 8.53 17.64
C GLY L 353 -14.44 9.27 18.97
N ARG L 354 -13.53 8.86 19.85
CA ARG L 354 -13.48 9.39 21.20
C ARG L 354 -13.21 10.89 21.19
N LYS L 355 -13.72 11.59 22.21
CA LYS L 355 -14.48 11.07 23.35
C LYS L 355 -15.96 10.86 23.02
N GLU L 356 -16.47 11.66 22.08
CA GLU L 356 -17.92 11.70 21.87
C GLU L 356 -18.48 10.33 21.51
N GLU L 357 -17.80 9.60 20.62
CA GLU L 357 -18.26 8.31 20.15
C GLU L 357 -17.41 7.23 20.80
N THR L 358 -18.02 6.46 21.69
CA THR L 358 -17.31 5.43 22.45
C THR L 358 -17.30 4.07 21.77
N GLU L 359 -17.98 3.92 20.63
CA GLU L 359 -17.96 2.65 19.92
C GLU L 359 -16.54 2.23 19.54
N VAL L 360 -15.62 3.19 19.40
CA VAL L 360 -14.24 2.92 19.07
C VAL L 360 -13.35 3.53 20.15
N LEU L 361 -12.11 3.08 20.20
CA LEU L 361 -11.12 3.59 21.14
C LEU L 361 -10.36 4.79 20.60
N TRP L 362 -10.32 4.97 19.29
CA TRP L 362 -9.45 5.95 18.65
C TRP L 362 -10.21 7.25 18.37
N THR L 363 -9.44 8.29 18.06
CA THR L 363 -9.97 9.58 17.64
C THR L 363 -9.29 9.98 16.33
N SER L 364 -10.08 10.12 15.28
CA SER L 364 -9.52 10.47 13.97
C SER L 364 -10.52 11.35 13.24
N ASN L 365 -10.25 11.60 11.96
CA ASN L 365 -11.12 12.45 11.17
C ASN L 365 -11.03 12.04 9.70
N SER L 366 -12.09 12.37 8.97
CA SER L 366 -12.05 12.50 7.53
C SER L 366 -12.15 13.97 7.19
N ILE L 367 -12.09 14.30 5.90
CA ILE L 367 -12.19 15.68 5.47
CA ILE L 367 -12.16 15.68 5.44
C ILE L 367 -13.11 15.77 4.28
N VAL L 368 -13.78 16.91 4.15
CA VAL L 368 -14.54 17.27 2.98
C VAL L 368 -14.12 18.69 2.60
N VAL L 369 -13.93 18.93 1.31
CA VAL L 369 -13.34 20.16 0.83
C VAL L 369 -14.27 20.79 -0.20
N PHE L 370 -14.61 22.05 0.01
CA PHE L 370 -15.46 22.80 -0.90
C PHE L 370 -14.70 24.03 -1.39
N CYS L 371 -15.01 24.45 -2.60
CA CYS L 371 -14.34 25.59 -3.21
C CYS L 371 -15.36 26.61 -3.68
N GLY L 372 -15.01 27.88 -3.55
CA GLY L 372 -15.89 28.94 -4.00
C GLY L 372 -16.19 28.78 -5.49
N THR L 373 -17.42 29.11 -5.87
CA THR L 373 -17.85 29.06 -7.25
C THR L 373 -18.61 30.33 -7.60
N SER L 374 -18.43 30.82 -8.82
CA SER L 374 -19.29 31.85 -9.38
C SER L 374 -20.47 31.27 -10.13
N GLY L 375 -20.51 29.95 -10.33
CA GLY L 375 -21.61 29.31 -11.03
C GLY L 375 -22.79 29.05 -10.12
N THR L 376 -23.46 27.92 -10.33
CA THR L 376 -24.61 27.54 -9.52
C THR L 376 -24.37 26.18 -8.90
N TYR L 377 -25.17 25.88 -7.88
CA TYR L 377 -25.00 24.67 -7.09
C TYR L 377 -26.34 24.32 -6.45
N GLY L 378 -26.47 23.05 -6.07
CA GLY L 378 -27.69 22.59 -5.44
C GLY L 378 -27.55 22.41 -3.95
N THR L 379 -27.91 21.23 -3.45
CA THR L 379 -27.85 20.94 -2.03
C THR L 379 -27.36 19.52 -1.82
N GLY L 380 -26.80 19.29 -0.64
CA GLY L 380 -26.38 17.95 -0.28
C GLY L 380 -25.84 17.94 1.13
N SER L 381 -25.26 16.81 1.49
CA SER L 381 -24.59 16.65 2.78
C SER L 381 -23.52 15.60 2.60
N TRP L 382 -22.31 15.91 3.06
CA TRP L 382 -21.14 15.08 2.85
C TRP L 382 -20.45 14.83 4.19
N PRO L 383 -21.08 14.05 5.07
CA PRO L 383 -20.47 13.71 6.34
C PRO L 383 -19.41 12.62 6.16
N ASP L 384 -18.78 12.24 7.27
CA ASP L 384 -17.76 11.21 7.20
C ASP L 384 -18.33 9.89 6.72
N GLY L 385 -19.46 9.47 7.30
CA GLY L 385 -20.15 8.28 6.85
C GLY L 385 -19.59 6.97 7.35
N ALA L 386 -18.72 6.99 8.35
CA ALA L 386 -18.23 5.74 8.93
C ALA L 386 -19.25 5.21 9.92
N ASP L 387 -19.58 3.93 9.79
CA ASP L 387 -20.48 3.26 10.72
C ASP L 387 -19.61 2.68 11.85
N LEU L 388 -19.36 3.51 12.86
CA LEU L 388 -18.46 3.11 13.94
C LEU L 388 -18.95 1.90 14.70
N ASN L 389 -20.26 1.63 14.69
CA ASN L 389 -20.77 0.43 15.36
C ASN L 389 -20.17 -0.82 14.73
N LEU L 390 -20.04 -0.86 13.41
CA LEU L 390 -19.46 -1.99 12.71
C LEU L 390 -17.94 -1.98 12.75
N MET L 391 -17.33 -0.93 13.29
CA MET L 391 -15.87 -0.83 13.35
C MET L 391 -15.35 -1.23 14.73
#